data_1FYC
# 
_entry.id   1FYC 
# 
_audit_conform.dict_name       mmcif_pdbx.dic 
_audit_conform.dict_version    5.391 
_audit_conform.dict_location   http://mmcif.pdb.org/dictionaries/ascii/mmcif_pdbx.dic 
# 
loop_
_database_2.database_id 
_database_2.database_code 
_database_2.pdbx_database_accession 
_database_2.pdbx_DOI 
PDB   1FYC         pdb_00001fyc 10.2210/pdb1fyc/pdb 
WWPDB D_1000173462 ?            ?                   
# 
loop_
_pdbx_audit_revision_history.ordinal 
_pdbx_audit_revision_history.data_content_type 
_pdbx_audit_revision_history.major_revision 
_pdbx_audit_revision_history.minor_revision 
_pdbx_audit_revision_history.revision_date 
1 'Structure model' 1 0 1997-09-04 
2 'Structure model' 1 1 2008-03-24 
3 'Structure model' 1 2 2011-07-13 
4 'Structure model' 1 3 2017-11-29 
5 'Structure model' 1 4 2024-05-01 
# 
_pdbx_audit_revision_details.ordinal             1 
_pdbx_audit_revision_details.revision_ordinal    1 
_pdbx_audit_revision_details.data_content_type   'Structure model' 
_pdbx_audit_revision_details.provider            repository 
_pdbx_audit_revision_details.type                'Initial release' 
_pdbx_audit_revision_details.description         ? 
_pdbx_audit_revision_details.details             ? 
# 
loop_
_pdbx_audit_revision_group.ordinal 
_pdbx_audit_revision_group.revision_ordinal 
_pdbx_audit_revision_group.data_content_type 
_pdbx_audit_revision_group.group 
1 2 'Structure model' 'Version format compliance' 
2 3 'Structure model' 'Version format compliance' 
3 4 'Structure model' 'Derived calculations'      
4 4 'Structure model' Other                       
5 5 'Structure model' 'Data collection'           
6 5 'Structure model' 'Database references'       
# 
loop_
_pdbx_audit_revision_category.ordinal 
_pdbx_audit_revision_category.revision_ordinal 
_pdbx_audit_revision_category.data_content_type 
_pdbx_audit_revision_category.category 
1 4 'Structure model' pdbx_database_status  
2 4 'Structure model' pdbx_struct_assembly  
3 4 'Structure model' pdbx_struct_oper_list 
4 4 'Structure model' struct_conf           
5 5 'Structure model' chem_comp_atom        
6 5 'Structure model' chem_comp_bond        
7 5 'Structure model' database_2            
8 5 'Structure model' struct_ref_seq_dif    
# 
loop_
_pdbx_audit_revision_item.ordinal 
_pdbx_audit_revision_item.revision_ordinal 
_pdbx_audit_revision_item.data_content_type 
_pdbx_audit_revision_item.item 
1 4 'Structure model' '_pdbx_database_status.process_site'  
2 5 'Structure model' '_database_2.pdbx_DOI'                
3 5 'Structure model' '_database_2.pdbx_database_accession' 
4 5 'Structure model' '_struct_ref_seq_dif.details'         
# 
_pdbx_database_status.status_code                     REL 
_pdbx_database_status.entry_id                        1FYC 
_pdbx_database_status.recvd_initial_deposition_date   1997-02-21 
_pdbx_database_status.deposit_site                    ? 
_pdbx_database_status.process_site                    BNL 
_pdbx_database_status.status_code_sf                  ? 
_pdbx_database_status.status_code_mr                  REL 
_pdbx_database_status.SG_entry                        ? 
_pdbx_database_status.pdb_format_compatible           Y 
_pdbx_database_status.status_code_cs                  ? 
_pdbx_database_status.methods_development_category    ? 
_pdbx_database_status.status_code_nmr_data            ? 
# 
loop_
_audit_author.name 
_audit_author.pdbx_ordinal 
'Howard, M.J.'     1 
'Fuller, C.'       2 
'Broadhurst, R.W.' 3 
'Quinn, J.'        4 
'Yeaman, S.J.'     5 
'Perham, R.N.'     6 
# 
_citation.id                        primary 
_citation.title                     'Three-dimensional structure of the major autoantigen in primary biliary cirrhosis.' 
_citation.journal_abbrev            Gastroenterology 
_citation.journal_volume            115 
_citation.page_first                139 
_citation.page_last                 146 
_citation.year                      1998 
_citation.journal_id_ASTM           GASTAB 
_citation.country                   US 
_citation.journal_id_ISSN           0016-5085 
_citation.journal_id_CSD            2083 
_citation.book_publisher            ? 
_citation.pdbx_database_id_PubMed   9649469 
_citation.pdbx_database_id_DOI      ? 
# 
loop_
_citation_author.citation_id 
_citation_author.name 
_citation_author.ordinal 
_citation_author.identifier_ORCID 
primary 'Howard, M.J.'     1 ? 
primary 'Fuller, C.'       2 ? 
primary 'Broadhurst, R.W.' 3 ? 
primary 'Perham, R.N.'     4 ? 
primary 'Tang, J.G.'       5 ? 
primary 'Quinn, J.'        6 ? 
primary 'Diamond, A.G.'    7 ? 
primary 'Yeaman, S.J.'     8 ? 
# 
_entity.id                         1 
_entity.type                       polymer 
_entity.src_method                 man 
_entity.pdbx_description           'DIHYDROLIPOAMIDE ACETYLTRANSFERASE (E2P)' 
_entity.formula_weight             11661.315 
_entity.pdbx_number_of_molecules   1 
_entity.pdbx_ec                    2.3.1.12 
_entity.pdbx_mutation              ? 
_entity.pdbx_fragment              'LIPOYL DOMAIN' 
_entity.details                    
'DIHYDROLIPOAMIDE ACETYLTRANSFERASE SUBUNIT OF THE PYRUVATE DEHYDROGENASE (PDH) MULTIENZYME COMPLEX (UNLIPOYLATED DOMAIN)' 
# 
_entity_poly.entity_id                      1 
_entity_poly.type                           'polypeptide(L)' 
_entity_poly.nstd_linkage                   no 
_entity_poly.nstd_monomer                   no 
_entity_poly.pdbx_seq_one_letter_code       
;GSNMSYPPHMQVLLPALSPTMTMGTVQRWEKKVGEKLSEGDLLAEIETDKATIGFEVQEEGYLAKILVPEGTRDVPLGTP
LCIIVEKEADISAFADYRPTEVTDLK
;
_entity_poly.pdbx_seq_one_letter_code_can   
;GSNMSYPPHMQVLLPALSPTMTMGTVQRWEKKVGEKLSEGDLLAEIETDKATIGFEVQEEGYLAKILVPEGTRDVPLGTP
LCIIVEKEADISAFADYRPTEVTDLK
;
_entity_poly.pdbx_strand_id                 A 
_entity_poly.pdbx_target_identifier         ? 
# 
loop_
_entity_poly_seq.entity_id 
_entity_poly_seq.num 
_entity_poly_seq.mon_id 
_entity_poly_seq.hetero 
1 1   GLY n 
1 2   SER n 
1 3   ASN n 
1 4   MET n 
1 5   SER n 
1 6   TYR n 
1 7   PRO n 
1 8   PRO n 
1 9   HIS n 
1 10  MET n 
1 11  GLN n 
1 12  VAL n 
1 13  LEU n 
1 14  LEU n 
1 15  PRO n 
1 16  ALA n 
1 17  LEU n 
1 18  SER n 
1 19  PRO n 
1 20  THR n 
1 21  MET n 
1 22  THR n 
1 23  MET n 
1 24  GLY n 
1 25  THR n 
1 26  VAL n 
1 27  GLN n 
1 28  ARG n 
1 29  TRP n 
1 30  GLU n 
1 31  LYS n 
1 32  LYS n 
1 33  VAL n 
1 34  GLY n 
1 35  GLU n 
1 36  LYS n 
1 37  LEU n 
1 38  SER n 
1 39  GLU n 
1 40  GLY n 
1 41  ASP n 
1 42  LEU n 
1 43  LEU n 
1 44  ALA n 
1 45  GLU n 
1 46  ILE n 
1 47  GLU n 
1 48  THR n 
1 49  ASP n 
1 50  LYS n 
1 51  ALA n 
1 52  THR n 
1 53  ILE n 
1 54  GLY n 
1 55  PHE n 
1 56  GLU n 
1 57  VAL n 
1 58  GLN n 
1 59  GLU n 
1 60  GLU n 
1 61  GLY n 
1 62  TYR n 
1 63  LEU n 
1 64  ALA n 
1 65  LYS n 
1 66  ILE n 
1 67  LEU n 
1 68  VAL n 
1 69  PRO n 
1 70  GLU n 
1 71  GLY n 
1 72  THR n 
1 73  ARG n 
1 74  ASP n 
1 75  VAL n 
1 76  PRO n 
1 77  LEU n 
1 78  GLY n 
1 79  THR n 
1 80  PRO n 
1 81  LEU n 
1 82  CYS n 
1 83  ILE n 
1 84  ILE n 
1 85  VAL n 
1 86  GLU n 
1 87  LYS n 
1 88  GLU n 
1 89  ALA n 
1 90  ASP n 
1 91  ILE n 
1 92  SER n 
1 93  ALA n 
1 94  PHE n 
1 95  ALA n 
1 96  ASP n 
1 97  TYR n 
1 98  ARG n 
1 99  PRO n 
1 100 THR n 
1 101 GLU n 
1 102 VAL n 
1 103 THR n 
1 104 ASP n 
1 105 LEU n 
1 106 LYS n 
# 
_entity_src_gen.entity_id                          1 
_entity_src_gen.pdbx_src_id                        1 
_entity_src_gen.pdbx_alt_source_flag               sample 
_entity_src_gen.pdbx_seq_type                      ? 
_entity_src_gen.pdbx_beg_seq_num                   ? 
_entity_src_gen.pdbx_end_seq_num                   ? 
_entity_src_gen.gene_src_common_name               human 
_entity_src_gen.gene_src_genus                     Homo 
_entity_src_gen.pdbx_gene_src_gene                 ? 
_entity_src_gen.gene_src_species                   ? 
_entity_src_gen.gene_src_strain                    ? 
_entity_src_gen.gene_src_tissue                    ? 
_entity_src_gen.gene_src_tissue_fraction           ? 
_entity_src_gen.gene_src_details                   ? 
_entity_src_gen.pdbx_gene_src_fragment             ? 
_entity_src_gen.pdbx_gene_src_scientific_name      'Homo sapiens' 
_entity_src_gen.pdbx_gene_src_ncbi_taxonomy_id     9606 
_entity_src_gen.pdbx_gene_src_variant              ? 
_entity_src_gen.pdbx_gene_src_cell_line            ? 
_entity_src_gen.pdbx_gene_src_atcc                 ? 
_entity_src_gen.pdbx_gene_src_organ                LIVER 
_entity_src_gen.pdbx_gene_src_organelle            ? 
_entity_src_gen.pdbx_gene_src_cell                 ? 
_entity_src_gen.pdbx_gene_src_cellular_location    ? 
_entity_src_gen.host_org_common_name               ? 
_entity_src_gen.pdbx_host_org_scientific_name      'Escherichia coli' 
_entity_src_gen.pdbx_host_org_ncbi_taxonomy_id     562 
_entity_src_gen.host_org_genus                     Escherichia 
_entity_src_gen.pdbx_host_org_gene                 ? 
_entity_src_gen.pdbx_host_org_organ                ? 
_entity_src_gen.host_org_species                   ? 
_entity_src_gen.pdbx_host_org_tissue               ? 
_entity_src_gen.pdbx_host_org_tissue_fraction      ? 
_entity_src_gen.pdbx_host_org_strain               ? 
_entity_src_gen.pdbx_host_org_variant              ? 
_entity_src_gen.pdbx_host_org_cell_line            ? 
_entity_src_gen.pdbx_host_org_atcc                 ? 
_entity_src_gen.pdbx_host_org_culture_collection   ? 
_entity_src_gen.pdbx_host_org_cell                 ? 
_entity_src_gen.pdbx_host_org_organelle            ? 
_entity_src_gen.pdbx_host_org_cellular_location    ? 
_entity_src_gen.pdbx_host_org_vector_type          PLASMID 
_entity_src_gen.pdbx_host_org_vector               ? 
_entity_src_gen.host_org_details                   ? 
_entity_src_gen.expression_system_id               ? 
_entity_src_gen.plasmid_name                       HLIP 
_entity_src_gen.plasmid_details                    ? 
_entity_src_gen.pdbx_description                   'EXPRESSED AS A GST FUSION PROTEIN' 
# 
loop_
_chem_comp.id 
_chem_comp.type 
_chem_comp.mon_nstd_flag 
_chem_comp.name 
_chem_comp.pdbx_synonyms 
_chem_comp.formula 
_chem_comp.formula_weight 
ALA 'L-peptide linking' y ALANINE         ? 'C3 H7 N O2'     89.093  
ARG 'L-peptide linking' y ARGININE        ? 'C6 H15 N4 O2 1' 175.209 
ASN 'L-peptide linking' y ASPARAGINE      ? 'C4 H8 N2 O3'    132.118 
ASP 'L-peptide linking' y 'ASPARTIC ACID' ? 'C4 H7 N O4'     133.103 
CYS 'L-peptide linking' y CYSTEINE        ? 'C3 H7 N O2 S'   121.158 
GLN 'L-peptide linking' y GLUTAMINE       ? 'C5 H10 N2 O3'   146.144 
GLU 'L-peptide linking' y 'GLUTAMIC ACID' ? 'C5 H9 N O4'     147.129 
GLY 'peptide linking'   y GLYCINE         ? 'C2 H5 N O2'     75.067  
HIS 'L-peptide linking' y HISTIDINE       ? 'C6 H10 N3 O2 1' 156.162 
ILE 'L-peptide linking' y ISOLEUCINE      ? 'C6 H13 N O2'    131.173 
LEU 'L-peptide linking' y LEUCINE         ? 'C6 H13 N O2'    131.173 
LYS 'L-peptide linking' y LYSINE          ? 'C6 H15 N2 O2 1' 147.195 
MET 'L-peptide linking' y METHIONINE      ? 'C5 H11 N O2 S'  149.211 
PHE 'L-peptide linking' y PHENYLALANINE   ? 'C9 H11 N O2'    165.189 
PRO 'L-peptide linking' y PROLINE         ? 'C5 H9 N O2'     115.130 
SER 'L-peptide linking' y SERINE          ? 'C3 H7 N O3'     105.093 
THR 'L-peptide linking' y THREONINE       ? 'C4 H9 N O3'     119.119 
TRP 'L-peptide linking' y TRYPTOPHAN      ? 'C11 H12 N2 O2'  204.225 
TYR 'L-peptide linking' y TYROSINE        ? 'C9 H11 N O3'    181.189 
VAL 'L-peptide linking' y VALINE          ? 'C5 H11 N O2'    117.146 
# 
loop_
_pdbx_poly_seq_scheme.asym_id 
_pdbx_poly_seq_scheme.entity_id 
_pdbx_poly_seq_scheme.seq_id 
_pdbx_poly_seq_scheme.mon_id 
_pdbx_poly_seq_scheme.ndb_seq_num 
_pdbx_poly_seq_scheme.pdb_seq_num 
_pdbx_poly_seq_scheme.auth_seq_num 
_pdbx_poly_seq_scheme.pdb_mon_id 
_pdbx_poly_seq_scheme.auth_mon_id 
_pdbx_poly_seq_scheme.pdb_strand_id 
_pdbx_poly_seq_scheme.pdb_ins_code 
_pdbx_poly_seq_scheme.hetero 
A 1 1   GLY 1   1   1   GLY GLY A . n 
A 1 2   SER 2   2   2   SER SER A . n 
A 1 3   ASN 3   3   3   ASN ASN A . n 
A 1 4   MET 4   4   4   MET MET A . n 
A 1 5   SER 5   5   5   SER SER A . n 
A 1 6   TYR 6   6   6   TYR TYR A . n 
A 1 7   PRO 7   7   7   PRO PRO A . n 
A 1 8   PRO 8   8   8   PRO PRO A . n 
A 1 9   HIS 9   9   9   HIS HIS A . n 
A 1 10  MET 10  10  10  MET MET A . n 
A 1 11  GLN 11  11  11  GLN GLN A . n 
A 1 12  VAL 12  12  12  VAL VAL A . n 
A 1 13  LEU 13  13  13  LEU LEU A . n 
A 1 14  LEU 14  14  14  LEU LEU A . n 
A 1 15  PRO 15  15  15  PRO PRO A . n 
A 1 16  ALA 16  16  16  ALA ALA A . n 
A 1 17  LEU 17  17  17  LEU LEU A . n 
A 1 18  SER 18  18  18  SER SER A . n 
A 1 19  PRO 19  19  19  PRO PRO A . n 
A 1 20  THR 20  20  20  THR THR A . n 
A 1 21  MET 21  21  21  MET MET A . n 
A 1 22  THR 22  22  22  THR THR A . n 
A 1 23  MET 23  23  23  MET MET A . n 
A 1 24  GLY 24  24  24  GLY GLY A . n 
A 1 25  THR 25  25  25  THR THR A . n 
A 1 26  VAL 26  26  26  VAL VAL A . n 
A 1 27  GLN 27  27  27  GLN GLN A . n 
A 1 28  ARG 28  28  28  ARG ARG A . n 
A 1 29  TRP 29  29  29  TRP TRP A . n 
A 1 30  GLU 30  30  30  GLU GLU A . n 
A 1 31  LYS 31  31  31  LYS LYS A . n 
A 1 32  LYS 32  32  32  LYS LYS A . n 
A 1 33  VAL 33  33  33  VAL VAL A . n 
A 1 34  GLY 34  34  34  GLY GLY A . n 
A 1 35  GLU 35  35  35  GLU GLU A . n 
A 1 36  LYS 36  36  36  LYS LYS A . n 
A 1 37  LEU 37  37  37  LEU LEU A . n 
A 1 38  SER 38  38  38  SER SER A . n 
A 1 39  GLU 39  39  39  GLU GLU A . n 
A 1 40  GLY 40  40  40  GLY GLY A . n 
A 1 41  ASP 41  41  41  ASP ASP A . n 
A 1 42  LEU 42  42  42  LEU LEU A . n 
A 1 43  LEU 43  43  43  LEU LEU A . n 
A 1 44  ALA 44  44  44  ALA ALA A . n 
A 1 45  GLU 45  45  45  GLU GLU A . n 
A 1 46  ILE 46  46  46  ILE ILE A . n 
A 1 47  GLU 47  47  47  GLU GLU A . n 
A 1 48  THR 48  48  48  THR THR A . n 
A 1 49  ASP 49  49  49  ASP ASP A . n 
A 1 50  LYS 50  50  50  LYS LYS A . n 
A 1 51  ALA 51  51  51  ALA ALA A . n 
A 1 52  THR 52  52  52  THR THR A . n 
A 1 53  ILE 53  53  53  ILE ILE A . n 
A 1 54  GLY 54  54  54  GLY GLY A . n 
A 1 55  PHE 55  55  55  PHE PHE A . n 
A 1 56  GLU 56  56  56  GLU GLU A . n 
A 1 57  VAL 57  57  57  VAL VAL A . n 
A 1 58  GLN 58  58  58  GLN GLN A . n 
A 1 59  GLU 59  59  59  GLU GLU A . n 
A 1 60  GLU 60  60  60  GLU GLU A . n 
A 1 61  GLY 61  61  61  GLY GLY A . n 
A 1 62  TYR 62  62  62  TYR TYR A . n 
A 1 63  LEU 63  63  63  LEU LEU A . n 
A 1 64  ALA 64  64  64  ALA ALA A . n 
A 1 65  LYS 65  65  65  LYS LYS A . n 
A 1 66  ILE 66  66  66  ILE ILE A . n 
A 1 67  LEU 67  67  67  LEU LEU A . n 
A 1 68  VAL 68  68  68  VAL VAL A . n 
A 1 69  PRO 69  69  69  PRO PRO A . n 
A 1 70  GLU 70  70  70  GLU GLU A . n 
A 1 71  GLY 71  71  71  GLY GLY A . n 
A 1 72  THR 72  72  72  THR THR A . n 
A 1 73  ARG 73  73  73  ARG ARG A . n 
A 1 74  ASP 74  74  74  ASP ASP A . n 
A 1 75  VAL 75  75  75  VAL VAL A . n 
A 1 76  PRO 76  76  76  PRO PRO A . n 
A 1 77  LEU 77  77  77  LEU LEU A . n 
A 1 78  GLY 78  78  78  GLY GLY A . n 
A 1 79  THR 79  79  79  THR THR A . n 
A 1 80  PRO 80  80  80  PRO PRO A . n 
A 1 81  LEU 81  81  81  LEU LEU A . n 
A 1 82  CYS 82  82  82  CYS CYS A . n 
A 1 83  ILE 83  83  83  ILE ILE A . n 
A 1 84  ILE 84  84  84  ILE ILE A . n 
A 1 85  VAL 85  85  85  VAL VAL A . n 
A 1 86  GLU 86  86  86  GLU GLU A . n 
A 1 87  LYS 87  87  87  LYS LYS A . n 
A 1 88  GLU 88  88  88  GLU GLU A . n 
A 1 89  ALA 89  89  89  ALA ALA A . n 
A 1 90  ASP 90  90  90  ASP ASP A . n 
A 1 91  ILE 91  91  91  ILE ILE A . n 
A 1 92  SER 92  92  92  SER SER A . n 
A 1 93  ALA 93  93  93  ALA ALA A . n 
A 1 94  PHE 94  94  94  PHE PHE A . n 
A 1 95  ALA 95  95  95  ALA ALA A . n 
A 1 96  ASP 96  96  96  ASP ASP A . n 
A 1 97  TYR 97  97  97  TYR TYR A . n 
A 1 98  ARG 98  98  98  ARG ARG A . n 
A 1 99  PRO 99  99  99  PRO PRO A . n 
A 1 100 THR 100 100 100 THR THR A . n 
A 1 101 GLU 101 101 101 GLU GLU A . n 
A 1 102 VAL 102 102 102 VAL VAL A . n 
A 1 103 THR 103 103 103 THR THR A . n 
A 1 104 ASP 104 104 104 ASP ASP A . n 
A 1 105 LEU 105 105 105 LEU LEU A . n 
A 1 106 LYS 106 106 106 LYS LYS A . n 
# 
loop_
_software.name 
_software.classification 
_software.version 
_software.citation_id 
_software.pdbx_ordinal 
X-PLOR 'model building' 3.1 ? 1 
X-PLOR refinement       3.1 ? 2 
X-PLOR phasing          3.1 ? 3 
# 
_cell.entry_id           1FYC 
_cell.length_a           1.000 
_cell.length_b           1.000 
_cell.length_c           1.000 
_cell.angle_alpha        90.00 
_cell.angle_beta         90.00 
_cell.angle_gamma        90.00 
_cell.Z_PDB              1 
_cell.pdbx_unique_axis   ? 
# 
_symmetry.entry_id                         1FYC 
_symmetry.space_group_name_H-M             'P 1' 
_symmetry.pdbx_full_space_group_name_H-M   ? 
_symmetry.cell_setting                     ? 
_symmetry.Int_Tables_number                1 
# 
_exptl.entry_id          1FYC 
_exptl.method            'SOLUTION NMR' 
_exptl.crystals_number   ? 
# 
_struct.entry_id                  1FYC 
_struct.title                     'INNER LIPOYL DOMAIN FROM HUMAN PYRUVATE DEHYDROGENASE (PDH) COMPLEX, NMR, 1 STRUCTURE' 
_struct.pdbx_model_details        ? 
_struct.pdbx_CASP_flag            ? 
_struct.pdbx_model_type_details   ? 
# 
_struct_keywords.entry_id        1FYC 
_struct_keywords.pdbx_keywords   TRANSFERASE 
_struct_keywords.text            'TRANSFERASE, ACYLTRANSFERASE DIHYDROLIPOAMIDE, SUBUNIT, UNLIPOYLATED' 
# 
_struct_asym.id                            A 
_struct_asym.pdbx_blank_PDB_chainid_flag   Y 
_struct_asym.pdbx_modified                 N 
_struct_asym.entity_id                     1 
_struct_asym.details                       ? 
# 
_struct_ref.id                         1 
_struct_ref.db_name                    UNP 
_struct_ref.db_code                    ODP2_HUMAN 
_struct_ref.entity_id                  1 
_struct_ref.pdbx_db_accession          P10515 
_struct_ref.pdbx_align_begin           1 
_struct_ref.pdbx_seq_one_letter_code   
;MSPHCSTTYLRTLGRTTMFWKTTEGRDGKMAVQEFSEFGLLLQLLGSPGRRYYSLPPHQKVPLPSLSPTMQAGTIARWEK
KEGDKINEGDLIAEVETDKATVGFESLEECYMAKILVAEGTRDVPIGAIICITVGKPEDIEAFKNYTLDSSAAPTPQAAP
APTPAATASPPTPSAQAPGSSYPPHMQVLLPALSPTMTMGTVQRWEKKVGEKLSEGDLLAEIETDKATIGFEVQEEGYLA
KILVPEGTRDVPLGTPLCIIVEKEADISAFADYRPTEVTDLKPQVPPPTPPPVAAVPPTPQPLAPTPSTPCPATPAGPKG
RVFVDPLAKKLAVEKGIDLTQVKGTGPDGRITKKDIDSFVPSKVAPAPAAVVPPTGPGMAPVPTGVFTDIPISNIRRVIA
QRLMQSKQTIPHYYLSIDVNMGEVLLVRKELNKILEGRSKISVNDFIIKASALACLKVPEANSSWMDTVIRQNHVVDVSV
AVSTPAGLITPIVFNAHIKGVETIANDVVSLATKAREGKLQPHEFQGGTFTISNLGMFGIKNFSAIINPPQACILAIGAS
EDKLVPADNEKGFDVASMMSVTLSCDHRVVDGAVGAQWLAEFRKYLEKPITMLL
;
_struct_ref.pdbx_db_isoform            ? 
# 
_struct_ref_seq.align_id                      1 
_struct_ref_seq.ref_id                        1 
_struct_ref_seq.pdbx_PDB_id_code              1FYC 
_struct_ref_seq.pdbx_strand_id                A 
_struct_ref_seq.seq_align_beg                 1 
_struct_ref_seq.pdbx_seq_align_beg_ins_code   ? 
_struct_ref_seq.seq_align_end                 106 
_struct_ref_seq.pdbx_seq_align_end_ins_code   ? 
_struct_ref_seq.pdbx_db_accession             P10515 
_struct_ref_seq.db_align_beg                  179 
_struct_ref_seq.pdbx_db_align_beg_ins_code    ? 
_struct_ref_seq.db_align_end                  282 
_struct_ref_seq.pdbx_db_align_end_ins_code    ? 
_struct_ref_seq.pdbx_auth_seq_align_beg       1 
_struct_ref_seq.pdbx_auth_seq_align_end       106 
# 
loop_
_struct_ref_seq_dif.align_id 
_struct_ref_seq_dif.pdbx_pdb_id_code 
_struct_ref_seq_dif.mon_id 
_struct_ref_seq_dif.pdbx_pdb_strand_id 
_struct_ref_seq_dif.seq_num 
_struct_ref_seq_dif.pdbx_pdb_ins_code 
_struct_ref_seq_dif.pdbx_seq_db_name 
_struct_ref_seq_dif.pdbx_seq_db_accession_code 
_struct_ref_seq_dif.db_mon_id 
_struct_ref_seq_dif.pdbx_seq_db_seq_num 
_struct_ref_seq_dif.details 
_struct_ref_seq_dif.pdbx_auth_seq_num 
_struct_ref_seq_dif.pdbx_ordinal 
1 1FYC ASN A 3 ? UNP P10515 ? ? insertion 3 1 
1 1FYC MET A 4 ? UNP P10515 ? ? insertion 4 2 
# 
_pdbx_struct_assembly.id                   1 
_pdbx_struct_assembly.details              author_defined_assembly 
_pdbx_struct_assembly.method_details       ? 
_pdbx_struct_assembly.oligomeric_details   monomeric 
_pdbx_struct_assembly.oligomeric_count     1 
# 
_pdbx_struct_assembly_gen.assembly_id       1 
_pdbx_struct_assembly_gen.oper_expression   1 
_pdbx_struct_assembly_gen.asym_id_list      A 
# 
_pdbx_struct_oper_list.id                   1 
_pdbx_struct_oper_list.type                 'identity operation' 
_pdbx_struct_oper_list.name                 1_555 
_pdbx_struct_oper_list.symmetry_operation   ? 
_pdbx_struct_oper_list.matrix[1][1]         1.0000000000 
_pdbx_struct_oper_list.matrix[1][2]         0.0000000000 
_pdbx_struct_oper_list.matrix[1][3]         0.0000000000 
_pdbx_struct_oper_list.vector[1]            0.0000000000 
_pdbx_struct_oper_list.matrix[2][1]         0.0000000000 
_pdbx_struct_oper_list.matrix[2][2]         1.0000000000 
_pdbx_struct_oper_list.matrix[2][3]         0.0000000000 
_pdbx_struct_oper_list.vector[2]            0.0000000000 
_pdbx_struct_oper_list.matrix[3][1]         0.0000000000 
_pdbx_struct_oper_list.matrix[3][2]         0.0000000000 
_pdbx_struct_oper_list.matrix[3][3]         1.0000000000 
_pdbx_struct_oper_list.vector[3]            0.0000000000 
# 
_struct_biol.id   1 
# 
loop_
_struct_sheet.id 
_struct_sheet.type 
_struct_sheet.number_strands 
_struct_sheet.details 
S1 ? 4 ? 
S2 ? 4 ? 
# 
loop_
_struct_sheet_order.sheet_id 
_struct_sheet_order.range_id_1 
_struct_sheet_order.range_id_2 
_struct_sheet_order.offset 
_struct_sheet_order.sense 
S1 1 2 ? anti-parallel 
S1 2 3 ? anti-parallel 
S1 3 4 ? anti-parallel 
S2 1 2 ? anti-parallel 
S2 2 3 ? anti-parallel 
S2 3 4 ? anti-parallel 
# 
loop_
_struct_sheet_range.sheet_id 
_struct_sheet_range.id 
_struct_sheet_range.beg_label_comp_id 
_struct_sheet_range.beg_label_asym_id 
_struct_sheet_range.beg_label_seq_id 
_struct_sheet_range.pdbx_beg_PDB_ins_code 
_struct_sheet_range.end_label_comp_id 
_struct_sheet_range.end_label_asym_id 
_struct_sheet_range.end_label_seq_id 
_struct_sheet_range.pdbx_end_PDB_ins_code 
_struct_sheet_range.beg_auth_comp_id 
_struct_sheet_range.beg_auth_asym_id 
_struct_sheet_range.beg_auth_seq_id 
_struct_sheet_range.end_auth_comp_id 
_struct_sheet_range.end_auth_asym_id 
_struct_sheet_range.end_auth_seq_id 
S1 1 MET A 10 ? LEU A 13 ? MET A 10 LEU A 13 
S1 2 PRO A 80 ? VAL A 85 ? PRO A 80 VAL A 85 
S1 3 GLU A 60 ? ILE A 66 ? GLU A 60 ILE A 66 
S1 4 GLY A 34 ? SER A 38 ? GLY A 34 SER A 38 
S2 1 THR A 52 ? VAL A 57 ? THR A 52 VAL A 57 
S2 2 ASP A 41 ? THR A 48 ? ASP A 41 THR A 48 
S2 3 THR A 25 ? TRP A 29 ? THR A 25 TRP A 29 
S2 4 THR A 72 ? VAL A 75 ? THR A 72 VAL A 75 
# 
loop_
_pdbx_validate_torsion.id 
_pdbx_validate_torsion.PDB_model_num 
_pdbx_validate_torsion.auth_comp_id 
_pdbx_validate_torsion.auth_asym_id 
_pdbx_validate_torsion.auth_seq_id 
_pdbx_validate_torsion.PDB_ins_code 
_pdbx_validate_torsion.label_alt_id 
_pdbx_validate_torsion.phi 
_pdbx_validate_torsion.psi 
1  1 SER A 2   ? ? -56.03  -165.61 
2  1 TYR A 6   ? ? 59.89   151.58  
3  1 HIS A 9   ? ? 177.82  82.83   
4  1 ALA A 16  ? ? -109.42 -75.62  
5  1 LEU A 17  ? ? 80.61   5.18    
6  1 SER A 18  ? ? -175.05 59.00   
7  1 THR A 22  ? ? -150.51 27.17   
8  1 MET A 23  ? ? -161.48 75.32   
9  1 TRP A 29  ? ? -172.46 44.92   
10 1 GLU A 30  ? ? -67.87  94.95   
11 1 VAL A 33  ? ? -22.76  137.81  
12 1 GLU A 35  ? ? -69.34  -139.20 
13 1 LYS A 36  ? ? 158.76  97.68   
14 1 GLU A 39  ? ? -149.65 20.97   
15 1 LEU A 42  ? ? -67.46  -169.75 
16 1 ALA A 44  ? ? -47.57  95.89   
17 1 THR A 48  ? ? -143.78 -41.57  
18 1 ASP A 49  ? ? 161.81  -24.56  
19 1 GLU A 56  ? ? -42.57  107.01  
20 1 GLU A 59  ? ? 42.19   78.97   
21 1 GLU A 60  ? ? 172.57  -164.63 
22 1 LEU A 63  ? ? 55.75   72.50   
23 1 VAL A 75  ? ? 168.55  168.65  
24 1 LEU A 77  ? ? -150.70 -91.49  
25 1 THR A 79  ? ? -29.14  88.75   
26 1 LEU A 81  ? ? -132.23 -43.47  
27 1 VAL A 85  ? ? -170.37 -33.35  
28 1 GLU A 86  ? ? 81.69   28.83   
29 1 LYS A 87  ? ? -43.16  153.38  
30 1 ALA A 89  ? ? 75.17   138.28  
31 1 ASP A 90  ? ? -178.09 103.35  
32 1 SER A 92  ? ? 165.33  103.35  
33 1 ALA A 93  ? ? -50.42  -72.06  
34 1 PHE A 94  ? ? 55.86   75.82   
35 1 PRO A 99  ? ? -78.44  -168.47 
36 1 THR A 100 ? ? -124.05 -77.86  
37 1 ASP A 104 ? ? -66.76  99.31   
# 
loop_
_pdbx_validate_planes.id 
_pdbx_validate_planes.PDB_model_num 
_pdbx_validate_planes.auth_comp_id 
_pdbx_validate_planes.auth_asym_id 
_pdbx_validate_planes.auth_seq_id 
_pdbx_validate_planes.PDB_ins_code 
_pdbx_validate_planes.label_alt_id 
_pdbx_validate_planes.rmsd 
_pdbx_validate_planes.type 
1 1 ARG A 28 ? ? 0.270 'SIDE CHAIN' 
2 1 ARG A 73 ? ? 0.136 'SIDE CHAIN' 
3 1 ARG A 98 ? ? 0.208 'SIDE CHAIN' 
# 
_pdbx_nmr_ensemble.entry_id                             1FYC 
_pdbx_nmr_ensemble.conformers_calculated_total_number   80 
_pdbx_nmr_ensemble.conformers_submitted_total_number    1 
_pdbx_nmr_ensemble.conformer_selection_criteria         'MEAN STRUCTURE FROM 26 CHOSEN HAVING LEAST RESTRAINT VIOLATION' 
# 
_pdbx_nmr_exptl_sample_conditions.conditions_id       1 
_pdbx_nmr_exptl_sample_conditions.temperature         308 
_pdbx_nmr_exptl_sample_conditions.pressure            ? 
_pdbx_nmr_exptl_sample_conditions.pH                  6.5 
_pdbx_nmr_exptl_sample_conditions.ionic_strength      ? 
_pdbx_nmr_exptl_sample_conditions.pressure_units      . 
_pdbx_nmr_exptl_sample_conditions.temperature_units   K 
# 
loop_
_pdbx_nmr_exptl.experiment_id 
_pdbx_nmr_exptl.conditions_id 
_pdbx_nmr_exptl.type 
_pdbx_nmr_exptl.solution_id 
1 1 NOESY      1 
2 1 COSY       1 
3 1 TCOSY      1 
4 1 HSQC-NOESY 1 
5 1 HSQC-TOCSY 1 
# 
_pdbx_nmr_refine.entry_id           1FYC 
_pdbx_nmr_refine.method             'simulated annealing' 
_pdbx_nmr_refine.details            
'REFINEMENT DETAILS CAM BE FOUND IN P.M. RICAUD ET AL., JOURNAL OF MOLECULAR BIOLOGY, 264, 179-190, 1996' 
_pdbx_nmr_refine.software_ordinal   1 
# 
loop_
_pdbx_nmr_software.classification 
_pdbx_nmr_software.name 
_pdbx_nmr_software.version 
_pdbx_nmr_software.authors 
_pdbx_nmr_software.ordinal 
refinement           X-PLOR 3.1 BRUNGER 1 
'structure solution' ANSIG  3.3 ?       2 
# 
loop_
_chem_comp_atom.comp_id 
_chem_comp_atom.atom_id 
_chem_comp_atom.type_symbol 
_chem_comp_atom.pdbx_aromatic_flag 
_chem_comp_atom.pdbx_stereo_config 
_chem_comp_atom.pdbx_ordinal 
ALA N    N N N 1   
ALA CA   C N S 2   
ALA C    C N N 3   
ALA O    O N N 4   
ALA CB   C N N 5   
ALA OXT  O N N 6   
ALA H    H N N 7   
ALA H2   H N N 8   
ALA HA   H N N 9   
ALA HB1  H N N 10  
ALA HB2  H N N 11  
ALA HB3  H N N 12  
ALA HXT  H N N 13  
ARG N    N N N 14  
ARG CA   C N S 15  
ARG C    C N N 16  
ARG O    O N N 17  
ARG CB   C N N 18  
ARG CG   C N N 19  
ARG CD   C N N 20  
ARG NE   N N N 21  
ARG CZ   C N N 22  
ARG NH1  N N N 23  
ARG NH2  N N N 24  
ARG OXT  O N N 25  
ARG H    H N N 26  
ARG H2   H N N 27  
ARG HA   H N N 28  
ARG HB2  H N N 29  
ARG HB3  H N N 30  
ARG HG2  H N N 31  
ARG HG3  H N N 32  
ARG HD2  H N N 33  
ARG HD3  H N N 34  
ARG HE   H N N 35  
ARG HH11 H N N 36  
ARG HH12 H N N 37  
ARG HH21 H N N 38  
ARG HH22 H N N 39  
ARG HXT  H N N 40  
ASN N    N N N 41  
ASN CA   C N S 42  
ASN C    C N N 43  
ASN O    O N N 44  
ASN CB   C N N 45  
ASN CG   C N N 46  
ASN OD1  O N N 47  
ASN ND2  N N N 48  
ASN OXT  O N N 49  
ASN H    H N N 50  
ASN H2   H N N 51  
ASN HA   H N N 52  
ASN HB2  H N N 53  
ASN HB3  H N N 54  
ASN HD21 H N N 55  
ASN HD22 H N N 56  
ASN HXT  H N N 57  
ASP N    N N N 58  
ASP CA   C N S 59  
ASP C    C N N 60  
ASP O    O N N 61  
ASP CB   C N N 62  
ASP CG   C N N 63  
ASP OD1  O N N 64  
ASP OD2  O N N 65  
ASP OXT  O N N 66  
ASP H    H N N 67  
ASP H2   H N N 68  
ASP HA   H N N 69  
ASP HB2  H N N 70  
ASP HB3  H N N 71  
ASP HD2  H N N 72  
ASP HXT  H N N 73  
CYS N    N N N 74  
CYS CA   C N R 75  
CYS C    C N N 76  
CYS O    O N N 77  
CYS CB   C N N 78  
CYS SG   S N N 79  
CYS OXT  O N N 80  
CYS H    H N N 81  
CYS H2   H N N 82  
CYS HA   H N N 83  
CYS HB2  H N N 84  
CYS HB3  H N N 85  
CYS HG   H N N 86  
CYS HXT  H N N 87  
GLN N    N N N 88  
GLN CA   C N S 89  
GLN C    C N N 90  
GLN O    O N N 91  
GLN CB   C N N 92  
GLN CG   C N N 93  
GLN CD   C N N 94  
GLN OE1  O N N 95  
GLN NE2  N N N 96  
GLN OXT  O N N 97  
GLN H    H N N 98  
GLN H2   H N N 99  
GLN HA   H N N 100 
GLN HB2  H N N 101 
GLN HB3  H N N 102 
GLN HG2  H N N 103 
GLN HG3  H N N 104 
GLN HE21 H N N 105 
GLN HE22 H N N 106 
GLN HXT  H N N 107 
GLU N    N N N 108 
GLU CA   C N S 109 
GLU C    C N N 110 
GLU O    O N N 111 
GLU CB   C N N 112 
GLU CG   C N N 113 
GLU CD   C N N 114 
GLU OE1  O N N 115 
GLU OE2  O N N 116 
GLU OXT  O N N 117 
GLU H    H N N 118 
GLU H2   H N N 119 
GLU HA   H N N 120 
GLU HB2  H N N 121 
GLU HB3  H N N 122 
GLU HG2  H N N 123 
GLU HG3  H N N 124 
GLU HE2  H N N 125 
GLU HXT  H N N 126 
GLY N    N N N 127 
GLY CA   C N N 128 
GLY C    C N N 129 
GLY O    O N N 130 
GLY OXT  O N N 131 
GLY H    H N N 132 
GLY H2   H N N 133 
GLY HA2  H N N 134 
GLY HA3  H N N 135 
GLY HXT  H N N 136 
HIS N    N N N 137 
HIS CA   C N S 138 
HIS C    C N N 139 
HIS O    O N N 140 
HIS CB   C N N 141 
HIS CG   C Y N 142 
HIS ND1  N Y N 143 
HIS CD2  C Y N 144 
HIS CE1  C Y N 145 
HIS NE2  N Y N 146 
HIS OXT  O N N 147 
HIS H    H N N 148 
HIS H2   H N N 149 
HIS HA   H N N 150 
HIS HB2  H N N 151 
HIS HB3  H N N 152 
HIS HD1  H N N 153 
HIS HD2  H N N 154 
HIS HE1  H N N 155 
HIS HE2  H N N 156 
HIS HXT  H N N 157 
ILE N    N N N 158 
ILE CA   C N S 159 
ILE C    C N N 160 
ILE O    O N N 161 
ILE CB   C N S 162 
ILE CG1  C N N 163 
ILE CG2  C N N 164 
ILE CD1  C N N 165 
ILE OXT  O N N 166 
ILE H    H N N 167 
ILE H2   H N N 168 
ILE HA   H N N 169 
ILE HB   H N N 170 
ILE HG12 H N N 171 
ILE HG13 H N N 172 
ILE HG21 H N N 173 
ILE HG22 H N N 174 
ILE HG23 H N N 175 
ILE HD11 H N N 176 
ILE HD12 H N N 177 
ILE HD13 H N N 178 
ILE HXT  H N N 179 
LEU N    N N N 180 
LEU CA   C N S 181 
LEU C    C N N 182 
LEU O    O N N 183 
LEU CB   C N N 184 
LEU CG   C N N 185 
LEU CD1  C N N 186 
LEU CD2  C N N 187 
LEU OXT  O N N 188 
LEU H    H N N 189 
LEU H2   H N N 190 
LEU HA   H N N 191 
LEU HB2  H N N 192 
LEU HB3  H N N 193 
LEU HG   H N N 194 
LEU HD11 H N N 195 
LEU HD12 H N N 196 
LEU HD13 H N N 197 
LEU HD21 H N N 198 
LEU HD22 H N N 199 
LEU HD23 H N N 200 
LEU HXT  H N N 201 
LYS N    N N N 202 
LYS CA   C N S 203 
LYS C    C N N 204 
LYS O    O N N 205 
LYS CB   C N N 206 
LYS CG   C N N 207 
LYS CD   C N N 208 
LYS CE   C N N 209 
LYS NZ   N N N 210 
LYS OXT  O N N 211 
LYS H    H N N 212 
LYS H2   H N N 213 
LYS HA   H N N 214 
LYS HB2  H N N 215 
LYS HB3  H N N 216 
LYS HG2  H N N 217 
LYS HG3  H N N 218 
LYS HD2  H N N 219 
LYS HD3  H N N 220 
LYS HE2  H N N 221 
LYS HE3  H N N 222 
LYS HZ1  H N N 223 
LYS HZ2  H N N 224 
LYS HZ3  H N N 225 
LYS HXT  H N N 226 
MET N    N N N 227 
MET CA   C N S 228 
MET C    C N N 229 
MET O    O N N 230 
MET CB   C N N 231 
MET CG   C N N 232 
MET SD   S N N 233 
MET CE   C N N 234 
MET OXT  O N N 235 
MET H    H N N 236 
MET H2   H N N 237 
MET HA   H N N 238 
MET HB2  H N N 239 
MET HB3  H N N 240 
MET HG2  H N N 241 
MET HG3  H N N 242 
MET HE1  H N N 243 
MET HE2  H N N 244 
MET HE3  H N N 245 
MET HXT  H N N 246 
PHE N    N N N 247 
PHE CA   C N S 248 
PHE C    C N N 249 
PHE O    O N N 250 
PHE CB   C N N 251 
PHE CG   C Y N 252 
PHE CD1  C Y N 253 
PHE CD2  C Y N 254 
PHE CE1  C Y N 255 
PHE CE2  C Y N 256 
PHE CZ   C Y N 257 
PHE OXT  O N N 258 
PHE H    H N N 259 
PHE H2   H N N 260 
PHE HA   H N N 261 
PHE HB2  H N N 262 
PHE HB3  H N N 263 
PHE HD1  H N N 264 
PHE HD2  H N N 265 
PHE HE1  H N N 266 
PHE HE2  H N N 267 
PHE HZ   H N N 268 
PHE HXT  H N N 269 
PRO N    N N N 270 
PRO CA   C N S 271 
PRO C    C N N 272 
PRO O    O N N 273 
PRO CB   C N N 274 
PRO CG   C N N 275 
PRO CD   C N N 276 
PRO OXT  O N N 277 
PRO H    H N N 278 
PRO HA   H N N 279 
PRO HB2  H N N 280 
PRO HB3  H N N 281 
PRO HG2  H N N 282 
PRO HG3  H N N 283 
PRO HD2  H N N 284 
PRO HD3  H N N 285 
PRO HXT  H N N 286 
SER N    N N N 287 
SER CA   C N S 288 
SER C    C N N 289 
SER O    O N N 290 
SER CB   C N N 291 
SER OG   O N N 292 
SER OXT  O N N 293 
SER H    H N N 294 
SER H2   H N N 295 
SER HA   H N N 296 
SER HB2  H N N 297 
SER HB3  H N N 298 
SER HG   H N N 299 
SER HXT  H N N 300 
THR N    N N N 301 
THR CA   C N S 302 
THR C    C N N 303 
THR O    O N N 304 
THR CB   C N R 305 
THR OG1  O N N 306 
THR CG2  C N N 307 
THR OXT  O N N 308 
THR H    H N N 309 
THR H2   H N N 310 
THR HA   H N N 311 
THR HB   H N N 312 
THR HG1  H N N 313 
THR HG21 H N N 314 
THR HG22 H N N 315 
THR HG23 H N N 316 
THR HXT  H N N 317 
TRP N    N N N 318 
TRP CA   C N S 319 
TRP C    C N N 320 
TRP O    O N N 321 
TRP CB   C N N 322 
TRP CG   C Y N 323 
TRP CD1  C Y N 324 
TRP CD2  C Y N 325 
TRP NE1  N Y N 326 
TRP CE2  C Y N 327 
TRP CE3  C Y N 328 
TRP CZ2  C Y N 329 
TRP CZ3  C Y N 330 
TRP CH2  C Y N 331 
TRP OXT  O N N 332 
TRP H    H N N 333 
TRP H2   H N N 334 
TRP HA   H N N 335 
TRP HB2  H N N 336 
TRP HB3  H N N 337 
TRP HD1  H N N 338 
TRP HE1  H N N 339 
TRP HE3  H N N 340 
TRP HZ2  H N N 341 
TRP HZ3  H N N 342 
TRP HH2  H N N 343 
TRP HXT  H N N 344 
TYR N    N N N 345 
TYR CA   C N S 346 
TYR C    C N N 347 
TYR O    O N N 348 
TYR CB   C N N 349 
TYR CG   C Y N 350 
TYR CD1  C Y N 351 
TYR CD2  C Y N 352 
TYR CE1  C Y N 353 
TYR CE2  C Y N 354 
TYR CZ   C Y N 355 
TYR OH   O N N 356 
TYR OXT  O N N 357 
TYR H    H N N 358 
TYR H2   H N N 359 
TYR HA   H N N 360 
TYR HB2  H N N 361 
TYR HB3  H N N 362 
TYR HD1  H N N 363 
TYR HD2  H N N 364 
TYR HE1  H N N 365 
TYR HE2  H N N 366 
TYR HH   H N N 367 
TYR HXT  H N N 368 
VAL N    N N N 369 
VAL CA   C N S 370 
VAL C    C N N 371 
VAL O    O N N 372 
VAL CB   C N N 373 
VAL CG1  C N N 374 
VAL CG2  C N N 375 
VAL OXT  O N N 376 
VAL H    H N N 377 
VAL H2   H N N 378 
VAL HA   H N N 379 
VAL HB   H N N 380 
VAL HG11 H N N 381 
VAL HG12 H N N 382 
VAL HG13 H N N 383 
VAL HG21 H N N 384 
VAL HG22 H N N 385 
VAL HG23 H N N 386 
VAL HXT  H N N 387 
# 
loop_
_chem_comp_bond.comp_id 
_chem_comp_bond.atom_id_1 
_chem_comp_bond.atom_id_2 
_chem_comp_bond.value_order 
_chem_comp_bond.pdbx_aromatic_flag 
_chem_comp_bond.pdbx_stereo_config 
_chem_comp_bond.pdbx_ordinal 
ALA N   CA   sing N N 1   
ALA N   H    sing N N 2   
ALA N   H2   sing N N 3   
ALA CA  C    sing N N 4   
ALA CA  CB   sing N N 5   
ALA CA  HA   sing N N 6   
ALA C   O    doub N N 7   
ALA C   OXT  sing N N 8   
ALA CB  HB1  sing N N 9   
ALA CB  HB2  sing N N 10  
ALA CB  HB3  sing N N 11  
ALA OXT HXT  sing N N 12  
ARG N   CA   sing N N 13  
ARG N   H    sing N N 14  
ARG N   H2   sing N N 15  
ARG CA  C    sing N N 16  
ARG CA  CB   sing N N 17  
ARG CA  HA   sing N N 18  
ARG C   O    doub N N 19  
ARG C   OXT  sing N N 20  
ARG CB  CG   sing N N 21  
ARG CB  HB2  sing N N 22  
ARG CB  HB3  sing N N 23  
ARG CG  CD   sing N N 24  
ARG CG  HG2  sing N N 25  
ARG CG  HG3  sing N N 26  
ARG CD  NE   sing N N 27  
ARG CD  HD2  sing N N 28  
ARG CD  HD3  sing N N 29  
ARG NE  CZ   sing N N 30  
ARG NE  HE   sing N N 31  
ARG CZ  NH1  sing N N 32  
ARG CZ  NH2  doub N N 33  
ARG NH1 HH11 sing N N 34  
ARG NH1 HH12 sing N N 35  
ARG NH2 HH21 sing N N 36  
ARG NH2 HH22 sing N N 37  
ARG OXT HXT  sing N N 38  
ASN N   CA   sing N N 39  
ASN N   H    sing N N 40  
ASN N   H2   sing N N 41  
ASN CA  C    sing N N 42  
ASN CA  CB   sing N N 43  
ASN CA  HA   sing N N 44  
ASN C   O    doub N N 45  
ASN C   OXT  sing N N 46  
ASN CB  CG   sing N N 47  
ASN CB  HB2  sing N N 48  
ASN CB  HB3  sing N N 49  
ASN CG  OD1  doub N N 50  
ASN CG  ND2  sing N N 51  
ASN ND2 HD21 sing N N 52  
ASN ND2 HD22 sing N N 53  
ASN OXT HXT  sing N N 54  
ASP N   CA   sing N N 55  
ASP N   H    sing N N 56  
ASP N   H2   sing N N 57  
ASP CA  C    sing N N 58  
ASP CA  CB   sing N N 59  
ASP CA  HA   sing N N 60  
ASP C   O    doub N N 61  
ASP C   OXT  sing N N 62  
ASP CB  CG   sing N N 63  
ASP CB  HB2  sing N N 64  
ASP CB  HB3  sing N N 65  
ASP CG  OD1  doub N N 66  
ASP CG  OD2  sing N N 67  
ASP OD2 HD2  sing N N 68  
ASP OXT HXT  sing N N 69  
CYS N   CA   sing N N 70  
CYS N   H    sing N N 71  
CYS N   H2   sing N N 72  
CYS CA  C    sing N N 73  
CYS CA  CB   sing N N 74  
CYS CA  HA   sing N N 75  
CYS C   O    doub N N 76  
CYS C   OXT  sing N N 77  
CYS CB  SG   sing N N 78  
CYS CB  HB2  sing N N 79  
CYS CB  HB3  sing N N 80  
CYS SG  HG   sing N N 81  
CYS OXT HXT  sing N N 82  
GLN N   CA   sing N N 83  
GLN N   H    sing N N 84  
GLN N   H2   sing N N 85  
GLN CA  C    sing N N 86  
GLN CA  CB   sing N N 87  
GLN CA  HA   sing N N 88  
GLN C   O    doub N N 89  
GLN C   OXT  sing N N 90  
GLN CB  CG   sing N N 91  
GLN CB  HB2  sing N N 92  
GLN CB  HB3  sing N N 93  
GLN CG  CD   sing N N 94  
GLN CG  HG2  sing N N 95  
GLN CG  HG3  sing N N 96  
GLN CD  OE1  doub N N 97  
GLN CD  NE2  sing N N 98  
GLN NE2 HE21 sing N N 99  
GLN NE2 HE22 sing N N 100 
GLN OXT HXT  sing N N 101 
GLU N   CA   sing N N 102 
GLU N   H    sing N N 103 
GLU N   H2   sing N N 104 
GLU CA  C    sing N N 105 
GLU CA  CB   sing N N 106 
GLU CA  HA   sing N N 107 
GLU C   O    doub N N 108 
GLU C   OXT  sing N N 109 
GLU CB  CG   sing N N 110 
GLU CB  HB2  sing N N 111 
GLU CB  HB3  sing N N 112 
GLU CG  CD   sing N N 113 
GLU CG  HG2  sing N N 114 
GLU CG  HG3  sing N N 115 
GLU CD  OE1  doub N N 116 
GLU CD  OE2  sing N N 117 
GLU OE2 HE2  sing N N 118 
GLU OXT HXT  sing N N 119 
GLY N   CA   sing N N 120 
GLY N   H    sing N N 121 
GLY N   H2   sing N N 122 
GLY CA  C    sing N N 123 
GLY CA  HA2  sing N N 124 
GLY CA  HA3  sing N N 125 
GLY C   O    doub N N 126 
GLY C   OXT  sing N N 127 
GLY OXT HXT  sing N N 128 
HIS N   CA   sing N N 129 
HIS N   H    sing N N 130 
HIS N   H2   sing N N 131 
HIS CA  C    sing N N 132 
HIS CA  CB   sing N N 133 
HIS CA  HA   sing N N 134 
HIS C   O    doub N N 135 
HIS C   OXT  sing N N 136 
HIS CB  CG   sing N N 137 
HIS CB  HB2  sing N N 138 
HIS CB  HB3  sing N N 139 
HIS CG  ND1  sing Y N 140 
HIS CG  CD2  doub Y N 141 
HIS ND1 CE1  doub Y N 142 
HIS ND1 HD1  sing N N 143 
HIS CD2 NE2  sing Y N 144 
HIS CD2 HD2  sing N N 145 
HIS CE1 NE2  sing Y N 146 
HIS CE1 HE1  sing N N 147 
HIS NE2 HE2  sing N N 148 
HIS OXT HXT  sing N N 149 
ILE N   CA   sing N N 150 
ILE N   H    sing N N 151 
ILE N   H2   sing N N 152 
ILE CA  C    sing N N 153 
ILE CA  CB   sing N N 154 
ILE CA  HA   sing N N 155 
ILE C   O    doub N N 156 
ILE C   OXT  sing N N 157 
ILE CB  CG1  sing N N 158 
ILE CB  CG2  sing N N 159 
ILE CB  HB   sing N N 160 
ILE CG1 CD1  sing N N 161 
ILE CG1 HG12 sing N N 162 
ILE CG1 HG13 sing N N 163 
ILE CG2 HG21 sing N N 164 
ILE CG2 HG22 sing N N 165 
ILE CG2 HG23 sing N N 166 
ILE CD1 HD11 sing N N 167 
ILE CD1 HD12 sing N N 168 
ILE CD1 HD13 sing N N 169 
ILE OXT HXT  sing N N 170 
LEU N   CA   sing N N 171 
LEU N   H    sing N N 172 
LEU N   H2   sing N N 173 
LEU CA  C    sing N N 174 
LEU CA  CB   sing N N 175 
LEU CA  HA   sing N N 176 
LEU C   O    doub N N 177 
LEU C   OXT  sing N N 178 
LEU CB  CG   sing N N 179 
LEU CB  HB2  sing N N 180 
LEU CB  HB3  sing N N 181 
LEU CG  CD1  sing N N 182 
LEU CG  CD2  sing N N 183 
LEU CG  HG   sing N N 184 
LEU CD1 HD11 sing N N 185 
LEU CD1 HD12 sing N N 186 
LEU CD1 HD13 sing N N 187 
LEU CD2 HD21 sing N N 188 
LEU CD2 HD22 sing N N 189 
LEU CD2 HD23 sing N N 190 
LEU OXT HXT  sing N N 191 
LYS N   CA   sing N N 192 
LYS N   H    sing N N 193 
LYS N   H2   sing N N 194 
LYS CA  C    sing N N 195 
LYS CA  CB   sing N N 196 
LYS CA  HA   sing N N 197 
LYS C   O    doub N N 198 
LYS C   OXT  sing N N 199 
LYS CB  CG   sing N N 200 
LYS CB  HB2  sing N N 201 
LYS CB  HB3  sing N N 202 
LYS CG  CD   sing N N 203 
LYS CG  HG2  sing N N 204 
LYS CG  HG3  sing N N 205 
LYS CD  CE   sing N N 206 
LYS CD  HD2  sing N N 207 
LYS CD  HD3  sing N N 208 
LYS CE  NZ   sing N N 209 
LYS CE  HE2  sing N N 210 
LYS CE  HE3  sing N N 211 
LYS NZ  HZ1  sing N N 212 
LYS NZ  HZ2  sing N N 213 
LYS NZ  HZ3  sing N N 214 
LYS OXT HXT  sing N N 215 
MET N   CA   sing N N 216 
MET N   H    sing N N 217 
MET N   H2   sing N N 218 
MET CA  C    sing N N 219 
MET CA  CB   sing N N 220 
MET CA  HA   sing N N 221 
MET C   O    doub N N 222 
MET C   OXT  sing N N 223 
MET CB  CG   sing N N 224 
MET CB  HB2  sing N N 225 
MET CB  HB3  sing N N 226 
MET CG  SD   sing N N 227 
MET CG  HG2  sing N N 228 
MET CG  HG3  sing N N 229 
MET SD  CE   sing N N 230 
MET CE  HE1  sing N N 231 
MET CE  HE2  sing N N 232 
MET CE  HE3  sing N N 233 
MET OXT HXT  sing N N 234 
PHE N   CA   sing N N 235 
PHE N   H    sing N N 236 
PHE N   H2   sing N N 237 
PHE CA  C    sing N N 238 
PHE CA  CB   sing N N 239 
PHE CA  HA   sing N N 240 
PHE C   O    doub N N 241 
PHE C   OXT  sing N N 242 
PHE CB  CG   sing N N 243 
PHE CB  HB2  sing N N 244 
PHE CB  HB3  sing N N 245 
PHE CG  CD1  doub Y N 246 
PHE CG  CD2  sing Y N 247 
PHE CD1 CE1  sing Y N 248 
PHE CD1 HD1  sing N N 249 
PHE CD2 CE2  doub Y N 250 
PHE CD2 HD2  sing N N 251 
PHE CE1 CZ   doub Y N 252 
PHE CE1 HE1  sing N N 253 
PHE CE2 CZ   sing Y N 254 
PHE CE2 HE2  sing N N 255 
PHE CZ  HZ   sing N N 256 
PHE OXT HXT  sing N N 257 
PRO N   CA   sing N N 258 
PRO N   CD   sing N N 259 
PRO N   H    sing N N 260 
PRO CA  C    sing N N 261 
PRO CA  CB   sing N N 262 
PRO CA  HA   sing N N 263 
PRO C   O    doub N N 264 
PRO C   OXT  sing N N 265 
PRO CB  CG   sing N N 266 
PRO CB  HB2  sing N N 267 
PRO CB  HB3  sing N N 268 
PRO CG  CD   sing N N 269 
PRO CG  HG2  sing N N 270 
PRO CG  HG3  sing N N 271 
PRO CD  HD2  sing N N 272 
PRO CD  HD3  sing N N 273 
PRO OXT HXT  sing N N 274 
SER N   CA   sing N N 275 
SER N   H    sing N N 276 
SER N   H2   sing N N 277 
SER CA  C    sing N N 278 
SER CA  CB   sing N N 279 
SER CA  HA   sing N N 280 
SER C   O    doub N N 281 
SER C   OXT  sing N N 282 
SER CB  OG   sing N N 283 
SER CB  HB2  sing N N 284 
SER CB  HB3  sing N N 285 
SER OG  HG   sing N N 286 
SER OXT HXT  sing N N 287 
THR N   CA   sing N N 288 
THR N   H    sing N N 289 
THR N   H2   sing N N 290 
THR CA  C    sing N N 291 
THR CA  CB   sing N N 292 
THR CA  HA   sing N N 293 
THR C   O    doub N N 294 
THR C   OXT  sing N N 295 
THR CB  OG1  sing N N 296 
THR CB  CG2  sing N N 297 
THR CB  HB   sing N N 298 
THR OG1 HG1  sing N N 299 
THR CG2 HG21 sing N N 300 
THR CG2 HG22 sing N N 301 
THR CG2 HG23 sing N N 302 
THR OXT HXT  sing N N 303 
TRP N   CA   sing N N 304 
TRP N   H    sing N N 305 
TRP N   H2   sing N N 306 
TRP CA  C    sing N N 307 
TRP CA  CB   sing N N 308 
TRP CA  HA   sing N N 309 
TRP C   O    doub N N 310 
TRP C   OXT  sing N N 311 
TRP CB  CG   sing N N 312 
TRP CB  HB2  sing N N 313 
TRP CB  HB3  sing N N 314 
TRP CG  CD1  doub Y N 315 
TRP CG  CD2  sing Y N 316 
TRP CD1 NE1  sing Y N 317 
TRP CD1 HD1  sing N N 318 
TRP CD2 CE2  doub Y N 319 
TRP CD2 CE3  sing Y N 320 
TRP NE1 CE2  sing Y N 321 
TRP NE1 HE1  sing N N 322 
TRP CE2 CZ2  sing Y N 323 
TRP CE3 CZ3  doub Y N 324 
TRP CE3 HE3  sing N N 325 
TRP CZ2 CH2  doub Y N 326 
TRP CZ2 HZ2  sing N N 327 
TRP CZ3 CH2  sing Y N 328 
TRP CZ3 HZ3  sing N N 329 
TRP CH2 HH2  sing N N 330 
TRP OXT HXT  sing N N 331 
TYR N   CA   sing N N 332 
TYR N   H    sing N N 333 
TYR N   H2   sing N N 334 
TYR CA  C    sing N N 335 
TYR CA  CB   sing N N 336 
TYR CA  HA   sing N N 337 
TYR C   O    doub N N 338 
TYR C   OXT  sing N N 339 
TYR CB  CG   sing N N 340 
TYR CB  HB2  sing N N 341 
TYR CB  HB3  sing N N 342 
TYR CG  CD1  doub Y N 343 
TYR CG  CD2  sing Y N 344 
TYR CD1 CE1  sing Y N 345 
TYR CD1 HD1  sing N N 346 
TYR CD2 CE2  doub Y N 347 
TYR CD2 HD2  sing N N 348 
TYR CE1 CZ   doub Y N 349 
TYR CE1 HE1  sing N N 350 
TYR CE2 CZ   sing Y N 351 
TYR CE2 HE2  sing N N 352 
TYR CZ  OH   sing N N 353 
TYR OH  HH   sing N N 354 
TYR OXT HXT  sing N N 355 
VAL N   CA   sing N N 356 
VAL N   H    sing N N 357 
VAL N   H2   sing N N 358 
VAL CA  C    sing N N 359 
VAL CA  CB   sing N N 360 
VAL CA  HA   sing N N 361 
VAL C   O    doub N N 362 
VAL C   OXT  sing N N 363 
VAL CB  CG1  sing N N 364 
VAL CB  CG2  sing N N 365 
VAL CB  HB   sing N N 366 
VAL CG1 HG11 sing N N 367 
VAL CG1 HG12 sing N N 368 
VAL CG1 HG13 sing N N 369 
VAL CG2 HG21 sing N N 370 
VAL CG2 HG22 sing N N 371 
VAL CG2 HG23 sing N N 372 
VAL OXT HXT  sing N N 373 
# 
_pdbx_nmr_spectrometer.spectrometer_id   1 
_pdbx_nmr_spectrometer.model             AM500 
_pdbx_nmr_spectrometer.manufacturer      Bruker 
_pdbx_nmr_spectrometer.field_strength    500 
# 
_atom_sites.entry_id                    1FYC 
_atom_sites.fract_transf_matrix[1][1]   1.000000 
_atom_sites.fract_transf_matrix[1][2]   0.000000 
_atom_sites.fract_transf_matrix[1][3]   0.000000 
_atom_sites.fract_transf_matrix[2][1]   0.000000 
_atom_sites.fract_transf_matrix[2][2]   1.000000 
_atom_sites.fract_transf_matrix[2][3]   0.000000 
_atom_sites.fract_transf_matrix[3][1]   0.000000 
_atom_sites.fract_transf_matrix[3][2]   0.000000 
_atom_sites.fract_transf_matrix[3][3]   1.000000 
_atom_sites.fract_transf_vector[1]      0.00000 
_atom_sites.fract_transf_vector[2]      0.00000 
_atom_sites.fract_transf_vector[3]      0.00000 
# 
loop_
_atom_type.symbol 
C 
H 
N 
O 
S 
# 
loop_
_atom_site.group_PDB 
_atom_site.id 
_atom_site.type_symbol 
_atom_site.label_atom_id 
_atom_site.label_alt_id 
_atom_site.label_comp_id 
_atom_site.label_asym_id 
_atom_site.label_entity_id 
_atom_site.label_seq_id 
_atom_site.pdbx_PDB_ins_code 
_atom_site.Cartn_x 
_atom_site.Cartn_y 
_atom_site.Cartn_z 
_atom_site.occupancy 
_atom_site.B_iso_or_equiv 
_atom_site.pdbx_formal_charge 
_atom_site.auth_seq_id 
_atom_site.auth_comp_id 
_atom_site.auth_asym_id 
_atom_site.auth_atom_id 
_atom_site.pdbx_PDB_model_num 
ATOM 1    N N    . GLY A 1 1   ? -15.992 -13.591 -15.517 1.00 0.00 ? 1   GLY A N    1 
ATOM 2    C CA   . GLY A 1 1   ? -14.513 -13.548 -15.897 1.00 0.00 ? 1   GLY A CA   1 
ATOM 3    C C    . GLY A 1 1   ? -13.620 -12.542 -15.254 1.00 0.00 ? 1   GLY A C    1 
ATOM 4    O O    . GLY A 1 1   ? -12.695 -12.041 -15.861 1.00 0.00 ? 1   GLY A O    1 
ATOM 5    H H1   . GLY A 1 1   ? -16.410 -12.647 -15.640 1.00 0.00 ? 1   GLY A H1   1 
ATOM 6    H H2   . GLY A 1 1   ? -16.489 -14.270 -16.128 1.00 0.00 ? 1   GLY A H2   1 
ATOM 7    H H3   . GLY A 1 1   ? -16.087 -13.885 -14.523 1.00 0.00 ? 1   GLY A H3   1 
ATOM 8    H HA2  . GLY A 1 1   ? -14.162 -14.655 -16.024 1.00 0.00 ? 1   GLY A HA2  1 
ATOM 9    H HA3  . GLY A 1 1   ? -14.368 -13.009 -16.697 1.00 0.00 ? 1   GLY A HA3  1 
ATOM 10   N N    . SER A 1 2   ? -13.870 -12.221 -14.014 1.00 0.00 ? 2   SER A N    1 
ATOM 11   C CA   . SER A 1 2   ? -13.012 -11.222 -13.316 1.00 0.00 ? 2   SER A CA   1 
ATOM 12   C C    . SER A 1 2   ? -11.552 -11.676 -13.371 1.00 0.00 ? 2   SER A C    1 
ATOM 13   O O    . SER A 1 2   ? -11.193 -12.555 -14.128 1.00 0.00 ? 2   SER A O    1 
ATOM 14   C CB   . SER A 1 2   ? -13.455 -11.102 -11.858 1.00 0.00 ? 2   SER A CB   1 
ATOM 15   O OG   . SER A 1 2   ? -14.824 -10.722 -11.812 1.00 0.00 ? 2   SER A OG   1 
ATOM 16   H H    . SER A 1 2   ? -14.621 -12.638 -13.541 1.00 0.00 ? 2   SER A H    1 
ATOM 17   H HA   . SER A 1 2   ? -13.110 -10.263 -13.801 1.00 0.00 ? 2   SER A HA   1 
ATOM 18   H HB2  . SER A 1 2   ? -13.334 -12.051 -11.363 1.00 0.00 ? 2   SER A HB2  1 
ATOM 19   H HB3  . SER A 1 2   ? -12.847 -10.359 -11.358 1.00 0.00 ? 2   SER A HB3  1 
ATOM 20   H HG   . SER A 1 2   ? -14.869 -9.809  -11.519 1.00 0.00 ? 2   SER A HG   1 
ATOM 21   N N    . ASN A 1 3   ? -10.707 -11.082 -12.573 1.00 0.00 ? 3   ASN A N    1 
ATOM 22   C CA   . ASN A 1 3   ? -9.270  -11.479 -12.580 1.00 0.00 ? 3   ASN A CA   1 
ATOM 23   C C    . ASN A 1 3   ? -8.655  -11.193 -11.209 1.00 0.00 ? 3   ASN A C    1 
ATOM 24   O O    . ASN A 1 3   ? -8.140  -10.120 -10.960 1.00 0.00 ? 3   ASN A O    1 
ATOM 25   C CB   . ASN A 1 3   ? -8.525  -10.681 -13.652 1.00 0.00 ? 3   ASN A CB   1 
ATOM 26   C CG   . ASN A 1 3   ? -7.324  -11.487 -14.147 1.00 0.00 ? 3   ASN A CG   1 
ATOM 27   O OD1  . ASN A 1 3   ? -6.225  -10.975 -14.229 1.00 0.00 ? 3   ASN A OD1  1 
ATOM 28   N ND2  . ASN A 1 3   ? -7.488  -12.737 -14.486 1.00 0.00 ? 3   ASN A ND2  1 
ATOM 29   H H    . ASN A 1 3   ? -11.017 -10.374 -11.970 1.00 0.00 ? 3   ASN A H    1 
ATOM 30   H HA   . ASN A 1 3   ? -9.191  -12.534 -12.797 1.00 0.00 ? 3   ASN A HA   1 
ATOM 31   H HB2  . ASN A 1 3   ? -9.192  -10.479 -14.478 1.00 0.00 ? 3   ASN A HB2  1 
ATOM 32   H HB3  . ASN A 1 3   ? -8.181  -9.748  -13.231 1.00 0.00 ? 3   ASN A HB3  1 
ATOM 33   H HD21 . ASN A 1 3   ? -8.374  -13.150 -14.421 1.00 0.00 ? 3   ASN A HD21 1 
ATOM 34   H HD22 . ASN A 1 3   ? -6.724  -13.262 -14.805 1.00 0.00 ? 3   ASN A HD22 1 
ATOM 35   N N    . MET A 1 4   ? -8.704  -12.143 -10.316 1.00 0.00 ? 4   MET A N    1 
ATOM 36   C CA   . MET A 1 4   ? -8.122  -11.924 -8.962  1.00 0.00 ? 4   MET A CA   1 
ATOM 37   C C    . MET A 1 4   ? -7.216  -13.102 -8.600  1.00 0.00 ? 4   MET A C    1 
ATOM 38   O O    . MET A 1 4   ? -7.372  -14.197 -9.104  1.00 0.00 ? 4   MET A O    1 
ATOM 39   C CB   . MET A 1 4   ? -9.250  -11.814 -7.934  1.00 0.00 ? 4   MET A CB   1 
ATOM 40   C CG   . MET A 1 4   ? -10.370 -12.789 -8.300  1.00 0.00 ? 4   MET A CG   1 
ATOM 41   S SD   . MET A 1 4   ? -11.439 -13.045 -6.862  1.00 0.00 ? 4   MET A SD   1 
ATOM 42   C CE   . MET A 1 4   ? -12.601 -11.701 -7.201  1.00 0.00 ? 4   MET A CE   1 
ATOM 43   H H    . MET A 1 4   ? -9.123  -13.001 -10.536 1.00 0.00 ? 4   MET A H    1 
ATOM 44   H HA   . MET A 1 4   ? -7.544  -11.011 -8.962  1.00 0.00 ? 4   MET A HA   1 
ATOM 45   H HB2  . MET A 1 4   ? -8.867  -12.055 -6.953  1.00 0.00 ? 4   MET A HB2  1 
ATOM 46   H HB3  . MET A 1 4   ? -9.638  -10.807 -7.932  1.00 0.00 ? 4   MET A HB3  1 
ATOM 47   H HG2  . MET A 1 4   ? -10.953 -12.379 -9.112  1.00 0.00 ? 4   MET A HG2  1 
ATOM 48   H HG3  . MET A 1 4   ? -9.942  -13.732 -8.604  1.00 0.00 ? 4   MET A HG3  1 
ATOM 49   H HE1  . MET A 1 4   ? -12.093 -10.907 -7.724  1.00 0.00 ? 4   MET A HE1  1 
ATOM 50   H HE2  . MET A 1 4   ? -13.412 -12.072 -7.813  1.00 0.00 ? 4   MET A HE2  1 
ATOM 51   H HE3  . MET A 1 4   ? -12.993 -11.321 -6.267  1.00 0.00 ? 4   MET A HE3  1 
ATOM 52   N N    . SER A 1 5   ? -6.268  -12.888 -7.729  1.00 0.00 ? 5   SER A N    1 
ATOM 53   C CA   . SER A 1 5   ? -5.353  -13.996 -7.336  1.00 0.00 ? 5   SER A CA   1 
ATOM 54   C C    . SER A 1 5   ? -4.557  -13.587 -6.094  1.00 0.00 ? 5   SER A C    1 
ATOM 55   O O    . SER A 1 5   ? -3.854  -12.596 -6.095  1.00 0.00 ? 5   SER A O    1 
ATOM 56   C CB   . SER A 1 5   ? -4.388  -14.291 -8.484  1.00 0.00 ? 5   SER A CB   1 
ATOM 57   O OG   . SER A 1 5   ? -5.131  -14.521 -9.674  1.00 0.00 ? 5   SER A OG   1 
ATOM 58   H H    . SER A 1 5   ? -6.157  -11.998 -7.333  1.00 0.00 ? 5   SER A H    1 
ATOM 59   H HA   . SER A 1 5   ? -5.932  -14.881 -7.116  1.00 0.00 ? 5   SER A HA   1 
ATOM 60   H HB2  . SER A 1 5   ? -3.732  -13.449 -8.633  1.00 0.00 ? 5   SER A HB2  1 
ATOM 61   H HB3  . SER A 1 5   ? -3.798  -15.165 -8.242  1.00 0.00 ? 5   SER A HB3  1 
ATOM 62   H HG   . SER A 1 5   ? -5.256  -13.677 -10.114 1.00 0.00 ? 5   SER A HG   1 
ATOM 63   N N    . TYR A 1 6   ? -4.662  -14.343 -5.035  1.00 0.00 ? 6   TYR A N    1 
ATOM 64   C CA   . TYR A 1 6   ? -3.910  -13.997 -3.796  1.00 0.00 ? 6   TYR A CA   1 
ATOM 65   C C    . TYR A 1 6   ? -4.340  -12.610 -3.308  1.00 0.00 ? 6   TYR A C    1 
ATOM 66   O O    . TYR A 1 6   ? -4.737  -11.773 -4.095  1.00 0.00 ? 6   TYR A O    1 
ATOM 67   C CB   . TYR A 1 6   ? -2.409  -13.990 -4.094  1.00 0.00 ? 6   TYR A CB   1 
ATOM 68   C CG   . TYR A 1 6   ? -1.682  -14.783 -3.035  1.00 0.00 ? 6   TYR A CG   1 
ATOM 69   C CD1  . TYR A 1 6   ? -2.028  -16.119 -2.800  1.00 0.00 ? 6   TYR A CD1  1 
ATOM 70   C CD2  . TYR A 1 6   ? -0.662  -14.182 -2.288  1.00 0.00 ? 6   TYR A CD2  1 
ATOM 71   C CE1  . TYR A 1 6   ? -1.354  -16.854 -1.818  1.00 0.00 ? 6   TYR A CE1  1 
ATOM 72   C CE2  . TYR A 1 6   ? 0.012   -14.917 -1.305  1.00 0.00 ? 6   TYR A CE2  1 
ATOM 73   C CZ   . TYR A 1 6   ? -0.333  -16.254 -1.070  1.00 0.00 ? 6   TYR A CZ   1 
ATOM 74   O OH   . TYR A 1 6   ? 0.331   -16.978 -0.101  1.00 0.00 ? 6   TYR A OH   1 
ATOM 75   H H    . TYR A 1 6   ? -5.234  -15.138 -5.055  1.00 0.00 ? 6   TYR A H    1 
ATOM 76   H HA   . TYR A 1 6   ? -4.122  -14.729 -3.031  1.00 0.00 ? 6   TYR A HA   1 
ATOM 77   H HB2  . TYR A 1 6   ? -2.233  -14.436 -5.063  1.00 0.00 ? 6   TYR A HB2  1 
ATOM 78   H HB3  . TYR A 1 6   ? -2.046  -12.973 -4.094  1.00 0.00 ? 6   TYR A HB3  1 
ATOM 79   H HD1  . TYR A 1 6   ? -2.814  -16.583 -3.377  1.00 0.00 ? 6   TYR A HD1  1 
ATOM 80   H HD2  . TYR A 1 6   ? -0.395  -13.151 -2.469  1.00 0.00 ? 6   TYR A HD2  1 
ATOM 81   H HE1  . TYR A 1 6   ? -1.620  -17.886 -1.636  1.00 0.00 ? 6   TYR A HE1  1 
ATOM 82   H HE2  . TYR A 1 6   ? 0.799   -14.453 -0.728  1.00 0.00 ? 6   TYR A HE2  1 
ATOM 83   H HH   . TYR A 1 6   ? 0.421   -16.422 0.676   1.00 0.00 ? 6   TYR A HH   1 
ATOM 84   N N    . PRO A 1 7   ? -4.244  -12.408 -2.018  1.00 0.00 ? 7   PRO A N    1 
ATOM 85   C CA   . PRO A 1 7   ? -4.615  -11.132 -1.384  1.00 0.00 ? 7   PRO A CA   1 
ATOM 86   C C    . PRO A 1 7   ? -3.509  -10.091 -1.590  1.00 0.00 ? 7   PRO A C    1 
ATOM 87   O O    . PRO A 1 7   ? -2.361  -10.438 -1.783  1.00 0.00 ? 7   PRO A O    1 
ATOM 88   C CB   . PRO A 1 7   ? -4.757  -11.495 0.097   1.00 0.00 ? 7   PRO A CB   1 
ATOM 89   C CG   . PRO A 1 7   ? -3.925  -12.782 0.311   1.00 0.00 ? 7   PRO A CG   1 
ATOM 90   C CD   . PRO A 1 7   ? -3.759  -13.435 -1.073  1.00 0.00 ? 7   PRO A CD   1 
ATOM 91   H HA   . PRO A 1 7   ? -5.557  -10.773 -1.768  1.00 0.00 ? 7   PRO A HA   1 
ATOM 92   H HB2  . PRO A 1 7   ? -4.372  -10.692 0.713   1.00 0.00 ? 7   PRO A HB2  1 
ATOM 93   H HB3  . PRO A 1 7   ? -5.791  -11.686 0.336   1.00 0.00 ? 7   PRO A HB3  1 
ATOM 94   H HG2  . PRO A 1 7   ? -2.957  -12.531 0.725   1.00 0.00 ? 7   PRO A HG2  1 
ATOM 95   H HG3  . PRO A 1 7   ? -4.448  -13.456 0.972   1.00 0.00 ? 7   PRO A HG3  1 
ATOM 96   H HD2  . PRO A 1 7   ? -2.718  -13.663 -1.260  1.00 0.00 ? 7   PRO A HD2  1 
ATOM 97   H HD3  . PRO A 1 7   ? -4.363  -14.325 -1.148  1.00 0.00 ? 7   PRO A HD3  1 
ATOM 98   N N    . PRO A 1 8   ? -3.893  -8.841  -1.544  1.00 0.00 ? 8   PRO A N    1 
ATOM 99   C CA   . PRO A 1 8   ? -2.959  -7.715  -1.723  1.00 0.00 ? 8   PRO A CA   1 
ATOM 100  C C    . PRO A 1 8   ? -2.157  -7.476  -0.440  1.00 0.00 ? 8   PRO A C    1 
ATOM 101  O O    . PRO A 1 8   ? -2.540  -7.900  0.632   1.00 0.00 ? 8   PRO A O    1 
ATOM 102  C CB   . PRO A 1 8   ? -3.880  -6.529  -2.020  1.00 0.00 ? 8   PRO A CB   1 
ATOM 103  C CG   . PRO A 1 8   ? -5.268  -6.899  -1.444  1.00 0.00 ? 8   PRO A CG   1 
ATOM 104  C CD   . PRO A 1 8   ? -5.294  -8.434  -1.309  1.00 0.00 ? 8   PRO A CD   1 
ATOM 105  H HA   . PRO A 1 8   ? -2.303  -7.892  -2.559  1.00 0.00 ? 8   PRO A HA   1 
ATOM 106  H HB2  . PRO A 1 8   ? -3.501  -5.637  -1.539  1.00 0.00 ? 8   PRO A HB2  1 
ATOM 107  H HB3  . PRO A 1 8   ? -3.958  -6.376  -3.084  1.00 0.00 ? 8   PRO A HB3  1 
ATOM 108  H HG2  . PRO A 1 8   ? -5.401  -6.437  -0.475  1.00 0.00 ? 8   PRO A HG2  1 
ATOM 109  H HG3  . PRO A 1 8   ? -6.047  -6.580  -2.118  1.00 0.00 ? 8   PRO A HG3  1 
ATOM 110  H HD2  . PRO A 1 8   ? -5.613  -8.720  -0.316  1.00 0.00 ? 8   PRO A HD2  1 
ATOM 111  H HD3  . PRO A 1 8   ? -5.938  -8.869  -2.057  1.00 0.00 ? 8   PRO A HD3  1 
ATOM 112  N N    . HIS A 1 9   ? -1.047  -6.798  -0.544  1.00 0.00 ? 9   HIS A N    1 
ATOM 113  C CA   . HIS A 1 9   ? -0.220  -6.530  0.666   1.00 0.00 ? 9   HIS A CA   1 
ATOM 114  C C    . HIS A 1 9   ? 1.044   -5.770  0.259   1.00 0.00 ? 9   HIS A C    1 
ATOM 115  O O    . HIS A 1 9   ? 2.096   -6.347  0.074   1.00 0.00 ? 9   HIS A O    1 
ATOM 116  C CB   . HIS A 1 9   ? 0.168   -7.854  1.326   1.00 0.00 ? 9   HIS A CB   1 
ATOM 117  C CG   . HIS A 1 9   ? -0.018  -7.747  2.815   1.00 0.00 ? 9   HIS A CG   1 
ATOM 118  N ND1  . HIS A 1 9   ? -1.090  -8.333  3.469   1.00 0.00 ? 9   HIS A ND1  1 
ATOM 119  C CD2  . HIS A 1 9   ? 0.723   -7.126  3.789   1.00 0.00 ? 9   HIS A CD2  1 
ATOM 120  C CE1  . HIS A 1 9   ? -0.965  -8.055  4.780   1.00 0.00 ? 9   HIS A CE1  1 
ATOM 121  N NE2  . HIS A 1 9   ? 0.122   -7.321  5.030   1.00 0.00 ? 9   HIS A NE2  1 
ATOM 122  H H    . HIS A 1 9   ? -0.756  -6.464  -1.418  1.00 0.00 ? 9   HIS A H    1 
ATOM 123  H HA   . HIS A 1 9   ? -0.788  -5.931  1.363   1.00 0.00 ? 9   HIS A HA   1 
ATOM 124  H HB2  . HIS A 1 9   ? -0.458  -8.645  0.940   1.00 0.00 ? 9   HIS A HB2  1 
ATOM 125  H HB3  . HIS A 1 9   ? 1.203   -8.075  1.109   1.00 0.00 ? 9   HIS A HB3  1 
ATOM 126  H HD1  . HIS A 1 9   ? -1.807  -8.855  3.054   1.00 0.00 ? 9   HIS A HD1  1 
ATOM 127  H HD2  . HIS A 1 9   ? 1.633   -6.570  3.620   1.00 0.00 ? 9   HIS A HD2  1 
ATOM 128  H HE1  . HIS A 1 9   ? -1.661  -8.384  5.538   1.00 0.00 ? 9   HIS A HE1  1 
ATOM 129  N N    . MET A 1 10  ? 0.942   -4.480  0.117   1.00 0.00 ? 10  MET A N    1 
ATOM 130  C CA   . MET A 1 10  ? 2.129   -3.672  -0.281  1.00 0.00 ? 10  MET A CA   1 
ATOM 131  C C    . MET A 1 10  ? 3.093   -3.559  0.893   1.00 0.00 ? 10  MET A C    1 
ATOM 132  O O    . MET A 1 10  ? 2.976   -2.665  1.706   1.00 0.00 ? 10  MET A O    1 
ATOM 133  C CB   . MET A 1 10  ? 1.676   -2.269  -0.666  1.00 0.00 ? 10  MET A CB   1 
ATOM 134  C CG   . MET A 1 10  ? 1.485   -2.185  -2.183  1.00 0.00 ? 10  MET A CG   1 
ATOM 135  S SD   . MET A 1 10  ? -0.028  -3.060  -2.654  1.00 0.00 ? 10  MET A SD   1 
ATOM 136  C CE   . MET A 1 10  ? 0.721   -4.686  -2.917  1.00 0.00 ? 10  MET A CE   1 
ATOM 137  H H    . MET A 1 10  ? 0.080   -4.037  0.270   1.00 0.00 ? 10  MET A H    1 
ATOM 138  H HA   . MET A 1 10  ? 2.623   -4.137  -1.120  1.00 0.00 ? 10  MET A HA   1 
ATOM 139  H HB2  . MET A 1 10  ? 0.744   -2.048  -0.164  1.00 0.00 ? 10  MET A HB2  1 
ATOM 140  H HB3  . MET A 1 10  ? 2.425   -1.555  -0.355  1.00 0.00 ? 10  MET A HB3  1 
ATOM 141  H HG2  . MET A 1 10  ? 1.407   -1.149  -2.479  1.00 0.00 ? 10  MET A HG2  1 
ATOM 142  H HG3  . MET A 1 10  ? 2.331   -2.637  -2.679  1.00 0.00 ? 10  MET A HG3  1 
ATOM 143  H HE1  . MET A 1 10  ? 1.742   -4.565  -3.240  1.00 0.00 ? 10  MET A HE1  1 
ATOM 144  H HE2  . MET A 1 10  ? 0.702   -5.245  -1.992  1.00 0.00 ? 10  MET A HE2  1 
ATOM 145  H HE3  . MET A 1 10  ? 0.166   -5.219  -3.677  1.00 0.00 ? 10  MET A HE3  1 
ATOM 146  N N    . GLN A 1 11  ? 4.049   -4.443  0.987   1.00 0.00 ? 11  GLN A N    1 
ATOM 147  C CA   . GLN A 1 11  ? 5.017   -4.354  2.115   1.00 0.00 ? 11  GLN A CA   1 
ATOM 148  C C    . GLN A 1 11  ? 5.472   -2.917  2.269   1.00 0.00 ? 11  GLN A C    1 
ATOM 149  O O    . GLN A 1 11  ? 5.818   -2.252  1.313   1.00 0.00 ? 11  GLN A O    1 
ATOM 150  C CB   . GLN A 1 11  ? 6.251   -5.211  1.839   1.00 0.00 ? 11  GLN A CB   1 
ATOM 151  C CG   . GLN A 1 11  ? 5.841   -6.506  1.136   1.00 0.00 ? 11  GLN A CG   1 
ATOM 152  C CD   . GLN A 1 11  ? 6.579   -7.688  1.769   1.00 0.00 ? 11  GLN A CD   1 
ATOM 153  O OE1  . GLN A 1 11  ? 6.882   -7.670  2.945   1.00 0.00 ? 11  GLN A OE1  1 
ATOM 154  N NE2  . GLN A 1 11  ? 6.883   -8.721  1.033   1.00 0.00 ? 11  GLN A NE2  1 
ATOM 155  H H    . GLN A 1 11  ? 4.134   -5.151  0.316   1.00 0.00 ? 11  GLN A H    1 
ATOM 156  H HA   . GLN A 1 11  ? 4.549   -4.680  3.032   1.00 0.00 ? 11  GLN A HA   1 
ATOM 157  H HB2  . GLN A 1 11  ? 6.937   -4.655  1.215   1.00 0.00 ? 11  GLN A HB2  1 
ATOM 158  H HB3  . GLN A 1 11  ? 6.735   -5.447  2.777   1.00 0.00 ? 11  GLN A HB3  1 
ATOM 159  H HG2  . GLN A 1 11  ? 4.776   -6.650  1.239   1.00 0.00 ? 11  GLN A HG2  1 
ATOM 160  H HG3  . GLN A 1 11  ? 6.097   -6.444  0.089   1.00 0.00 ? 11  GLN A HG3  1 
ATOM 161  H HE21 . GLN A 1 11  ? 6.638   -8.737  0.084   1.00 0.00 ? 11  GLN A HE21 1 
ATOM 162  H HE22 . GLN A 1 11  ? 7.355   -9.483  1.430   1.00 0.00 ? 11  GLN A HE22 1 
ATOM 163  N N    . VAL A 1 12  ? 5.498   -2.443  3.468   1.00 0.00 ? 12  VAL A N    1 
ATOM 164  C CA   . VAL A 1 12  ? 5.953   -1.068  3.705   1.00 0.00 ? 12  VAL A CA   1 
ATOM 165  C C    . VAL A 1 12  ? 7.353   -0.922  3.126   1.00 0.00 ? 12  VAL A C    1 
ATOM 166  O O    . VAL A 1 12  ? 7.722   0.134   2.656   1.00 0.00 ? 12  VAL A O    1 
ATOM 167  C CB   . VAL A 1 12  ? 5.954   -0.831  5.218   1.00 0.00 ? 12  VAL A CB   1 
ATOM 168  C CG1  . VAL A 1 12  ? 4.516   -0.836  5.738   1.00 0.00 ? 12  VAL A CG1  1 
ATOM 169  C CG2  . VAL A 1 12  ? 6.730   -1.957  5.898   1.00 0.00 ? 12  VAL A CG2  1 
ATOM 170  H H    . VAL A 1 12  ? 5.222   -2.995  4.219   1.00 0.00 ? 12  VAL A H    1 
ATOM 171  H HA   . VAL A 1 12  ? 5.305   -0.376  3.226   1.00 0.00 ? 12  VAL A HA   1 
ATOM 172  H HB   . VAL A 1 12  ? 6.411   0.114   5.442   1.00 0.00 ? 12  VAL A HB   1 
ATOM 173  H HG11 . VAL A 1 12  ? 3.857   -1.209  4.969   1.00 0.00 ? 12  VAL A HG11 1 
ATOM 174  H HG12 . VAL A 1 12  ? 4.451   -1.472  6.608   1.00 0.00 ? 12  VAL A HG12 1 
ATOM 175  H HG13 . VAL A 1 12  ? 4.227   0.169   6.005   1.00 0.00 ? 12  VAL A HG13 1 
ATOM 176  H HG21 . VAL A 1 12  ? 7.653   -2.128  5.366   1.00 0.00 ? 12  VAL A HG21 1 
ATOM 177  H HG22 . VAL A 1 12  ? 6.944   -1.682  6.919   1.00 0.00 ? 12  VAL A HG22 1 
ATOM 178  H HG23 . VAL A 1 12  ? 6.136   -2.860  5.887   1.00 0.00 ? 12  VAL A HG23 1 
ATOM 179  N N    . LEU A 1 13  ? 8.124   -1.978  3.130   1.00 0.00 ? 13  LEU A N    1 
ATOM 180  C CA   . LEU A 1 13  ? 9.502   -1.904  2.564   1.00 0.00 ? 13  LEU A CA   1 
ATOM 181  C C    . LEU A 1 13  ? 9.439   -1.671  1.053   1.00 0.00 ? 13  LEU A C    1 
ATOM 182  O O    . LEU A 1 13  ? 8.521   -2.101  0.383   1.00 0.00 ? 13  LEU A O    1 
ATOM 183  C CB   . LEU A 1 13  ? 10.244  -3.210  2.844   1.00 0.00 ? 13  LEU A CB   1 
ATOM 184  C CG   . LEU A 1 13  ? 9.448   -4.381  2.281   1.00 0.00 ? 13  LEU A CG   1 
ATOM 185  C CD1  . LEU A 1 13  ? 10.339  -5.209  1.352   1.00 0.00 ? 13  LEU A CD1  1 
ATOM 186  C CD2  . LEU A 1 13  ? 8.968   -5.252  3.440   1.00 0.00 ? 13  LEU A CD2  1 
ATOM 187  H H    . LEU A 1 13  ? 7.792   -2.824  3.498   1.00 0.00 ? 13  LEU A H    1 
ATOM 188  H HA   . LEU A 1 13  ? 10.032  -1.090  3.026   1.00 0.00 ? 13  LEU A HA   1 
ATOM 189  H HB2  . LEU A 1 13  ? 11.218  -3.178  2.379   1.00 0.00 ? 13  LEU A HB2  1 
ATOM 190  H HB3  . LEU A 1 13  ? 10.356  -3.337  3.910   1.00 0.00 ? 13  LEU A HB3  1 
ATOM 191  H HG   . LEU A 1 13  ? 8.598   -4.008  1.730   1.00 0.00 ? 13  LEU A HG   1 
ATOM 192  H HD11 . LEU A 1 13  ? 11.007  -4.551  0.816   1.00 0.00 ? 13  LEU A HD11 1 
ATOM 193  H HD12 . LEU A 1 13  ? 10.916  -5.909  1.938   1.00 0.00 ? 13  LEU A HD12 1 
ATOM 194  H HD13 . LEU A 1 13  ? 9.723   -5.748  0.649   1.00 0.00 ? 13  LEU A HD13 1 
ATOM 195  H HD21 . LEU A 1 13  ? 9.808   -5.501  4.072   1.00 0.00 ? 13  LEU A HD21 1 
ATOM 196  H HD22 . LEU A 1 13  ? 8.233   -4.710  4.015   1.00 0.00 ? 13  LEU A HD22 1 
ATOM 197  H HD23 . LEU A 1 13  ? 8.528   -6.157  3.052   1.00 0.00 ? 13  LEU A HD23 1 
ATOM 198  N N    . LEU A 1 14  ? 10.416  -0.992  0.516   1.00 0.00 ? 14  LEU A N    1 
ATOM 199  C CA   . LEU A 1 14  ? 10.432  -0.724  -0.950  1.00 0.00 ? 14  LEU A CA   1 
ATOM 200  C C    . LEU A 1 14  ? 10.858  -1.995  -1.699  1.00 0.00 ? 14  LEU A C    1 
ATOM 201  O O    . LEU A 1 14  ? 11.888  -2.565  -1.398  1.00 0.00 ? 14  LEU A O    1 
ATOM 202  C CB   . LEU A 1 14  ? 11.436  0.392   -1.243  1.00 0.00 ? 14  LEU A CB   1 
ATOM 203  C CG   . LEU A 1 14  ? 10.687  1.672   -1.616  1.00 0.00 ? 14  LEU A CG   1 
ATOM 204  C CD1  . LEU A 1 14  ? 9.729   1.387   -2.774  1.00 0.00 ? 14  LEU A CD1  1 
ATOM 205  C CD2  . LEU A 1 14  ? 9.889   2.165   -0.406  1.00 0.00 ? 14  LEU A CD2  1 
ATOM 206  H H    . LEU A 1 14  ? 11.144  -0.658  1.079   1.00 0.00 ? 14  LEU A H    1 
ATOM 207  H HA   . LEU A 1 14  ? 9.449   -0.417  -1.269  1.00 0.00 ? 14  LEU A HA   1 
ATOM 208  H HB2  . LEU A 1 14  ? 12.041  0.570   -0.364  1.00 0.00 ? 14  LEU A HB2  1 
ATOM 209  H HB3  . LEU A 1 14  ? 12.073  0.097   -2.063  1.00 0.00 ? 14  LEU A HB3  1 
ATOM 210  H HG   . LEU A 1 14  ? 11.397  2.430   -1.915  1.00 0.00 ? 14  LEU A HG   1 
ATOM 211  H HD11 . LEU A 1 14  ? 10.198  0.706   -3.468  1.00 0.00 ? 14  LEU A HD11 1 
ATOM 212  H HD12 . LEU A 1 14  ? 8.822   0.943   -2.391  1.00 0.00 ? 14  LEU A HD12 1 
ATOM 213  H HD13 . LEU A 1 14  ? 9.492   2.311   -3.281  1.00 0.00 ? 14  LEU A HD13 1 
ATOM 214  H HD21 . LEU A 1 14  ? 10.035  1.488   0.421   1.00 0.00 ? 14  LEU A HD21 1 
ATOM 215  H HD22 . LEU A 1 14  ? 10.231  3.151   -0.129  1.00 0.00 ? 14  LEU A HD22 1 
ATOM 216  H HD23 . LEU A 1 14  ? 8.840   2.205   -0.659  1.00 0.00 ? 14  LEU A HD23 1 
ATOM 217  N N    . PRO A 1 15  ? 10.058  -2.403  -2.653  1.00 0.00 ? 15  PRO A N    1 
ATOM 218  C CA   . PRO A 1 15  ? 10.338  -3.604  -3.461  1.00 0.00 ? 15  PRO A CA   1 
ATOM 219  C C    . PRO A 1 15  ? 11.376  -3.292  -4.544  1.00 0.00 ? 15  PRO A C    1 
ATOM 220  O O    . PRO A 1 15  ? 11.042  -3.075  -5.692  1.00 0.00 ? 15  PRO A O    1 
ATOM 221  C CB   . PRO A 1 15  ? 8.982   -3.939  -4.088  1.00 0.00 ? 15  PRO A CB   1 
ATOM 222  C CG   . PRO A 1 15  ? 8.160   -2.627  -4.077  1.00 0.00 ? 15  PRO A CG   1 
ATOM 223  C CD   . PRO A 1 15  ? 8.803   -1.713  -3.017  1.00 0.00 ? 15  PRO A CD   1 
ATOM 224  H HA   . PRO A 1 15  ? 10.667  -4.419  -2.836  1.00 0.00 ? 15  PRO A HA   1 
ATOM 225  H HB2  . PRO A 1 15  ? 9.120   -4.286  -5.103  1.00 0.00 ? 15  PRO A HB2  1 
ATOM 226  H HB3  . PRO A 1 15  ? 8.476   -4.690  -3.503  1.00 0.00 ? 15  PRO A HB3  1 
ATOM 227  H HG2  . PRO A 1 15  ? 8.202   -2.157  -5.050  1.00 0.00 ? 15  PRO A HG2  1 
ATOM 228  H HG3  . PRO A 1 15  ? 7.136   -2.834  -3.807  1.00 0.00 ? 15  PRO A HG3  1 
ATOM 229  H HD2  . PRO A 1 15  ? 9.012   -0.739  -3.436  1.00 0.00 ? 15  PRO A HD2  1 
ATOM 230  H HD3  . PRO A 1 15  ? 8.163   -1.626  -2.152  1.00 0.00 ? 15  PRO A HD3  1 
ATOM 231  N N    . ALA A 1 16  ? 12.632  -3.270  -4.189  1.00 0.00 ? 16  ALA A N    1 
ATOM 232  C CA   . ALA A 1 16  ? 13.687  -2.973  -5.200  1.00 0.00 ? 16  ALA A CA   1 
ATOM 233  C C    . ALA A 1 16  ? 14.488  -4.246  -5.489  1.00 0.00 ? 16  ALA A C    1 
ATOM 234  O O    . ALA A 1 16  ? 14.321  -4.873  -6.516  1.00 0.00 ? 16  ALA A O    1 
ATOM 235  C CB   . ALA A 1 16  ? 14.625  -1.892  -4.658  1.00 0.00 ? 16  ALA A CB   1 
ATOM 236  H H    . ALA A 1 16  ? 12.882  -3.449  -3.259  1.00 0.00 ? 16  ALA A H    1 
ATOM 237  H HA   . ALA A 1 16  ? 13.225  -2.624  -6.113  1.00 0.00 ? 16  ALA A HA   1 
ATOM 238  H HB1  . ALA A 1 16  ? 15.041  -2.216  -3.716  1.00 0.00 ? 16  ALA A HB1  1 
ATOM 239  H HB2  . ALA A 1 16  ? 15.424  -1.722  -5.365  1.00 0.00 ? 16  ALA A HB2  1 
ATOM 240  H HB3  . ALA A 1 16  ? 14.071  -0.976  -4.512  1.00 0.00 ? 16  ALA A HB3  1 
ATOM 241  N N    . LEU A 1 17  ? 15.355  -4.626  -4.588  1.00 0.00 ? 17  LEU A N    1 
ATOM 242  C CA   . LEU A 1 17  ? 16.173  -5.858  -4.796  1.00 0.00 ? 17  LEU A CA   1 
ATOM 243  C C    . LEU A 1 17  ? 17.355  -5.545  -5.715  1.00 0.00 ? 17  LEU A C    1 
ATOM 244  O O    . LEU A 1 17  ? 18.108  -6.422  -6.093  1.00 0.00 ? 17  LEU A O    1 
ATOM 245  C CB   . LEU A 1 17  ? 15.309  -6.954  -5.427  1.00 0.00 ? 17  LEU A CB   1 
ATOM 246  C CG   . LEU A 1 17  ? 15.674  -8.308  -4.816  1.00 0.00 ? 17  LEU A CG   1 
ATOM 247  C CD1  . LEU A 1 17  ? 14.609  -8.713  -3.797  1.00 0.00 ? 17  LEU A CD1  1 
ATOM 248  C CD2  . LEU A 1 17  ? 15.747  -9.362  -5.923  1.00 0.00 ? 17  LEU A CD2  1 
ATOM 249  H H    . LEU A 1 17  ? 15.470  -4.098  -3.770  1.00 0.00 ? 17  LEU A H    1 
ATOM 250  H HA   . LEU A 1 17  ? 16.545  -6.203  -3.843  1.00 0.00 ? 17  LEU A HA   1 
ATOM 251  H HB2  . LEU A 1 17  ? 14.266  -6.742  -5.239  1.00 0.00 ? 17  LEU A HB2  1 
ATOM 252  H HB3  . LEU A 1 17  ? 15.484  -6.982  -6.492  1.00 0.00 ? 17  LEU A HB3  1 
ATOM 253  H HG   . LEU A 1 17  ? 16.633  -8.232  -4.323  1.00 0.00 ? 17  LEU A HG   1 
ATOM 254  H HD11 . LEU A 1 17  ? 13.758  -8.053  -3.883  1.00 0.00 ? 17  LEU A HD11 1 
ATOM 255  H HD12 . LEU A 1 17  ? 14.296  -9.729  -3.988  1.00 0.00 ? 17  LEU A HD12 1 
ATOM 256  H HD13 . LEU A 1 17  ? 15.018  -8.643  -2.801  1.00 0.00 ? 17  LEU A HD13 1 
ATOM 257  H HD21 . LEU A 1 17  ? 16.126  -8.909  -6.827  1.00 0.00 ? 17  LEU A HD21 1 
ATOM 258  H HD22 . LEU A 1 17  ? 16.406  -10.161 -5.617  1.00 0.00 ? 17  LEU A HD22 1 
ATOM 259  H HD23 . LEU A 1 17  ? 14.759  -9.760  -6.106  1.00 0.00 ? 17  LEU A HD23 1 
ATOM 260  N N    . SER A 1 18  ? 17.530  -4.304  -6.073  1.00 0.00 ? 18  SER A N    1 
ATOM 261  C CA   . SER A 1 18  ? 18.668  -3.936  -6.960  1.00 0.00 ? 18  SER A CA   1 
ATOM 262  C C    . SER A 1 18  ? 18.713  -2.414  -7.122  1.00 0.00 ? 18  SER A C    1 
ATOM 263  O O    . SER A 1 18  ? 18.624  -1.909  -8.224  1.00 0.00 ? 18  SER A O    1 
ATOM 264  C CB   . SER A 1 18  ? 18.480  -4.589  -8.329  1.00 0.00 ? 18  SER A CB   1 
ATOM 265  O OG   . SER A 1 18  ? 17.168  -4.315  -8.805  1.00 0.00 ? 18  SER A OG   1 
ATOM 266  H H    . SER A 1 18  ? 16.916  -3.609  -5.755  1.00 0.00 ? 18  SER A H    1 
ATOM 267  H HA   . SER A 1 18  ? 19.592  -4.279  -6.520  1.00 0.00 ? 18  SER A HA   1 
ATOM 268  H HB2  . SER A 1 18  ? 19.199  -4.189  -9.024  1.00 0.00 ? 18  SER A HB2  1 
ATOM 269  H HB3  . SER A 1 18  ? 18.625  -5.658  -8.241  1.00 0.00 ? 18  SER A HB3  1 
ATOM 270  H HG   . SER A 1 18  ? 16.727  -5.153  -8.960  1.00 0.00 ? 18  SER A HG   1 
ATOM 271  N N    . PRO A 1 19  ? 18.850  -1.728  -6.015  1.00 0.00 ? 19  PRO A N    1 
ATOM 272  C CA   . PRO A 1 19  ? 18.910  -0.256  -5.999  1.00 0.00 ? 19  PRO A CA   1 
ATOM 273  C C    . PRO A 1 19  ? 20.309  0.221   -6.392  1.00 0.00 ? 19  PRO A C    1 
ATOM 274  O O    . PRO A 1 19  ? 20.588  1.402   -6.415  1.00 0.00 ? 19  PRO A O    1 
ATOM 275  C CB   . PRO A 1 19  ? 18.620  0.098   -4.538  1.00 0.00 ? 19  PRO A CB   1 
ATOM 276  C CG   . PRO A 1 19  ? 18.982  -1.157  -3.708  1.00 0.00 ? 19  PRO A CG   1 
ATOM 277  C CD   . PRO A 1 19  ? 18.959  -2.351  -4.679  1.00 0.00 ? 19  PRO A CD   1 
ATOM 278  H HA   . PRO A 1 19  ? 18.159  0.170   -6.642  1.00 0.00 ? 19  PRO A HA   1 
ATOM 279  H HB2  . PRO A 1 19  ? 19.229  0.938   -4.234  1.00 0.00 ? 19  PRO A HB2  1 
ATOM 280  H HB3  . PRO A 1 19  ? 17.574  0.328   -4.412  1.00 0.00 ? 19  PRO A HB3  1 
ATOM 281  H HG2  . PRO A 1 19  ? 19.969  -1.043  -3.279  1.00 0.00 ? 19  PRO A HG2  1 
ATOM 282  H HG3  . PRO A 1 19  ? 18.253  -1.308  -2.927  1.00 0.00 ? 19  PRO A HG3  1 
ATOM 283  H HD2  . PRO A 1 19  ? 19.874  -2.922  -4.596  1.00 0.00 ? 19  PRO A HD2  1 
ATOM 284  H HD3  . PRO A 1 19  ? 18.102  -2.972  -4.483  1.00 0.00 ? 19  PRO A HD3  1 
ATOM 285  N N    . THR A 1 20  ? 21.194  -0.690  -6.688  1.00 0.00 ? 20  THR A N    1 
ATOM 286  C CA   . THR A 1 20  ? 22.575  -0.283  -7.062  1.00 0.00 ? 20  THR A CA   1 
ATOM 287  C C    . THR A 1 20  ? 23.227  0.407   -5.863  1.00 0.00 ? 20  THR A C    1 
ATOM 288  O O    . THR A 1 20  ? 24.259  1.038   -5.981  1.00 0.00 ? 20  THR A O    1 
ATOM 289  C CB   . THR A 1 20  ? 22.522  0.685   -8.246  1.00 0.00 ? 20  THR A CB   1 
ATOM 290  O OG1  . THR A 1 20  ? 21.579  0.214   -9.199  1.00 0.00 ? 20  THR A OG1  1 
ATOM 291  C CG2  . THR A 1 20  ? 23.904  0.777   -8.895  1.00 0.00 ? 20  THR A CG2  1 
ATOM 292  H H    . THR A 1 20  ? 20.954  -1.640  -6.653  1.00 0.00 ? 20  THR A H    1 
ATOM 293  H HA   . THR A 1 20  ? 23.150  -1.157  -7.333  1.00 0.00 ? 20  THR A HA   1 
ATOM 294  H HB   . THR A 1 20  ? 22.227  1.663   -7.898  1.00 0.00 ? 20  THR A HB   1 
ATOM 295  H HG1  . THR A 1 20  ? 20.778  0.737   -9.106  1.00 0.00 ? 20  THR A HG1  1 
ATOM 296  H HG21 . THR A 1 20  ? 24.623  1.116   -8.164  1.00 0.00 ? 20  THR A HG21 1 
ATOM 297  H HG22 . THR A 1 20  ? 24.194  -0.196  -9.262  1.00 0.00 ? 20  THR A HG22 1 
ATOM 298  H HG23 . THR A 1 20  ? 23.870  1.477   -9.716  1.00 0.00 ? 20  THR A HG23 1 
ATOM 299  N N    . MET A 1 21  ? 22.627  0.295   -4.707  1.00 0.00 ? 21  MET A N    1 
ATOM 300  C CA   . MET A 1 21  ? 23.208  0.946   -3.498  1.00 0.00 ? 21  MET A CA   1 
ATOM 301  C C    . MET A 1 21  ? 22.792  0.166   -2.248  1.00 0.00 ? 21  MET A C    1 
ATOM 302  O O    . MET A 1 21  ? 22.333  -0.955  -2.329  1.00 0.00 ? 21  MET A O    1 
ATOM 303  C CB   . MET A 1 21  ? 22.692  2.383   -3.396  1.00 0.00 ? 21  MET A CB   1 
ATOM 304  C CG   . MET A 1 21  ? 23.807  3.355   -3.784  1.00 0.00 ? 21  MET A CG   1 
ATOM 305  S SD   . MET A 1 21  ? 24.482  4.126   -2.293  1.00 0.00 ? 21  MET A SD   1 
ATOM 306  C CE   . MET A 1 21  ? 25.770  2.898   -1.967  1.00 0.00 ? 21  MET A CE   1 
ATOM 307  H H    . MET A 1 21  ? 21.794  -0.218  -4.634  1.00 0.00 ? 21  MET A H    1 
ATOM 308  H HA   . MET A 1 21  ? 24.285  0.955   -3.575  1.00 0.00 ? 21  MET A HA   1 
ATOM 309  H HB2  . MET A 1 21  ? 21.851  2.511   -4.063  1.00 0.00 ? 21  MET A HB2  1 
ATOM 310  H HB3  . MET A 1 21  ? 22.380  2.582   -2.381  1.00 0.00 ? 21  MET A HB3  1 
ATOM 311  H HG2  . MET A 1 21  ? 24.590  2.818   -4.299  1.00 0.00 ? 21  MET A HG2  1 
ATOM 312  H HG3  . MET A 1 21  ? 23.407  4.120   -4.435  1.00 0.00 ? 21  MET A HG3  1 
ATOM 313  H HE1  . MET A 1 21  ? 26.104  2.470   -2.902  1.00 0.00 ? 21  MET A HE1  1 
ATOM 314  H HE2  . MET A 1 21  ? 26.603  3.372   -1.473  1.00 0.00 ? 21  MET A HE2  1 
ATOM 315  H HE3  . MET A 1 21  ? 25.372  2.121   -1.329  1.00 0.00 ? 21  MET A HE3  1 
ATOM 316  N N    . THR A 1 22  ? 22.949  0.754   -1.093  1.00 0.00 ? 22  THR A N    1 
ATOM 317  C CA   . THR A 1 22  ? 22.562  0.048   0.161   1.00 0.00 ? 22  THR A CA   1 
ATOM 318  C C    . THR A 1 22  ? 22.138  1.074   1.214   1.00 0.00 ? 22  THR A C    1 
ATOM 319  O O    . THR A 1 22  ? 22.247  0.842   2.401   1.00 0.00 ? 22  THR A O    1 
ATOM 320  C CB   . THR A 1 22  ? 23.755  -0.755  0.683   1.00 0.00 ? 22  THR A CB   1 
ATOM 321  O OG1  . THR A 1 22  ? 24.119  -1.738  -0.277  1.00 0.00 ? 22  THR A OG1  1 
ATOM 322  C CG2  . THR A 1 22  ? 23.378  -1.438  1.998   1.00 0.00 ? 22  THR A CG2  1 
ATOM 323  H H    . THR A 1 22  ? 23.320  1.661   -1.051  1.00 0.00 ? 22  THR A H    1 
ATOM 324  H HA   . THR A 1 22  ? 21.739  -0.621  -0.042  1.00 0.00 ? 22  THR A HA   1 
ATOM 325  H HB   . THR A 1 22  ? 24.590  -0.092  0.853   1.00 0.00 ? 22  THR A HB   1 
ATOM 326  H HG1  . THR A 1 22  ? 24.860  -1.399  -0.783  1.00 0.00 ? 22  THR A HG1  1 
ATOM 327  H HG21 . THR A 1 22  ? 22.302  -1.490  2.080   1.00 0.00 ? 22  THR A HG21 1 
ATOM 328  H HG22 . THR A 1 22  ? 23.789  -2.437  2.016   1.00 0.00 ? 22  THR A HG22 1 
ATOM 329  H HG23 . THR A 1 22  ? 23.775  -0.870  2.826   1.00 0.00 ? 22  THR A HG23 1 
ATOM 330  N N    . MET A 1 23  ? 21.655  2.210   0.788   1.00 0.00 ? 23  MET A N    1 
ATOM 331  C CA   . MET A 1 23  ? 21.224  3.250   1.764   1.00 0.00 ? 23  MET A CA   1 
ATOM 332  C C    . MET A 1 23  ? 20.298  4.250   1.068   1.00 0.00 ? 23  MET A C    1 
ATOM 333  O O    . MET A 1 23  ? 20.685  5.358   0.756   1.00 0.00 ? 23  MET A O    1 
ATOM 334  C CB   . MET A 1 23  ? 22.453  3.984   2.305   1.00 0.00 ? 23  MET A CB   1 
ATOM 335  C CG   . MET A 1 23  ? 23.445  4.226   1.166   1.00 0.00 ? 23  MET A CG   1 
ATOM 336  S SD   . MET A 1 23  ? 24.410  5.718   1.513   1.00 0.00 ? 23  MET A SD   1 
ATOM 337  C CE   . MET A 1 23  ? 23.304  6.897   0.699   1.00 0.00 ? 23  MET A CE   1 
ATOM 338  H H    . MET A 1 23  ? 21.575  2.378   -0.174  1.00 0.00 ? 23  MET A H    1 
ATOM 339  H HA   . MET A 1 23  ? 20.696  2.781   2.581   1.00 0.00 ? 23  MET A HA   1 
ATOM 340  H HB2  . MET A 1 23  ? 22.149  4.931   2.726   1.00 0.00 ? 23  MET A HB2  1 
ATOM 341  H HB3  . MET A 1 23  ? 22.924  3.383   3.068   1.00 0.00 ? 23  MET A HB3  1 
ATOM 342  H HG2  . MET A 1 23  ? 24.110  3.379   1.081   1.00 0.00 ? 23  MET A HG2  1 
ATOM 343  H HG3  . MET A 1 23  ? 22.905  4.354   0.239   1.00 0.00 ? 23  MET A HG3  1 
ATOM 344  H HE1  . MET A 1 23  ? 22.795  6.411   -0.117  1.00 0.00 ? 23  MET A HE1  1 
ATOM 345  H HE2  . MET A 1 23  ? 22.575  7.256   1.412   1.00 0.00 ? 23  MET A HE2  1 
ATOM 346  H HE3  . MET A 1 23  ? 23.883  7.727   0.317   1.00 0.00 ? 23  MET A HE3  1 
ATOM 347  N N    . GLY A 1 24  ? 19.076  3.865   0.822   1.00 0.00 ? 24  GLY A N    1 
ATOM 348  C CA   . GLY A 1 24  ? 18.124  4.787   0.147   1.00 0.00 ? 24  GLY A CA   1 
ATOM 349  C C    . GLY A 1 24  ? 17.025  5.196   1.129   1.00 0.00 ? 24  GLY A C    1 
ATOM 350  O O    . GLY A 1 24  ? 16.684  4.464   2.039   1.00 0.00 ? 24  GLY A O    1 
ATOM 351  H H    . GLY A 1 24  ? 18.784  2.968   1.082   1.00 0.00 ? 24  GLY A H    1 
ATOM 352  H HA2  . GLY A 1 24  ? 18.653  5.667   -0.190  1.00 0.00 ? 24  GLY A HA2  1 
ATOM 353  H HA3  . GLY A 1 24  ? 17.677  4.290   -0.700  1.00 0.00 ? 24  GLY A HA3  1 
ATOM 354  N N    . THR A 1 25  ? 16.470  6.364   0.952   1.00 0.00 ? 25  THR A N    1 
ATOM 355  C CA   . THR A 1 25  ? 15.396  6.828   1.872   1.00 0.00 ? 25  THR A CA   1 
ATOM 356  C C    . THR A 1 25  ? 14.204  7.319   1.050   1.00 0.00 ? 25  THR A C    1 
ATOM 357  O O    . THR A 1 25  ? 14.366  7.929   0.010   1.00 0.00 ? 25  THR A O    1 
ATOM 358  C CB   . THR A 1 25  ? 15.928  7.976   2.733   1.00 0.00 ? 25  THR A CB   1 
ATOM 359  O OG1  . THR A 1 25  ? 14.840  8.632   3.370   1.00 0.00 ? 25  THR A OG1  1 
ATOM 360  C CG2  . THR A 1 25  ? 16.681  8.971   1.850   1.00 0.00 ? 25  THR A CG2  1 
ATOM 361  H H    . THR A 1 25  ? 16.763  6.937   0.213   1.00 0.00 ? 25  THR A H    1 
ATOM 362  H HA   . THR A 1 25  ? 15.086  6.012   2.508   1.00 0.00 ? 25  THR A HA   1 
ATOM 363  H HB   . THR A 1 25  ? 16.600  7.585   3.481   1.00 0.00 ? 25  THR A HB   1 
ATOM 364  H HG1  . THR A 1 25  ? 15.174  9.060   4.162   1.00 0.00 ? 25  THR A HG1  1 
ATOM 365  H HG21 . THR A 1 25  ? 16.460  8.771   0.812   1.00 0.00 ? 25  THR A HG21 1 
ATOM 366  H HG22 . THR A 1 25  ? 16.371  9.977   2.095   1.00 0.00 ? 25  THR A HG22 1 
ATOM 367  H HG23 . THR A 1 25  ? 17.742  8.871   2.019   1.00 0.00 ? 25  THR A HG23 1 
ATOM 368  N N    . VAL A 1 26  ? 13.007  7.064   1.504   1.00 0.00 ? 26  VAL A N    1 
ATOM 369  C CA   . VAL A 1 26  ? 11.812  7.525   0.743   1.00 0.00 ? 26  VAL A CA   1 
ATOM 370  C C    . VAL A 1 26  ? 12.035  8.972   0.299   1.00 0.00 ? 26  VAL A C    1 
ATOM 371  O O    . VAL A 1 26  ? 12.363  9.832   1.091   1.00 0.00 ? 26  VAL A O    1 
ATOM 372  C CB   . VAL A 1 26  ? 10.572  7.434   1.633   1.00 0.00 ? 26  VAL A CB   1 
ATOM 373  C CG1  . VAL A 1 26  ? 9.314   7.499   0.765   1.00 0.00 ? 26  VAL A CG1  1 
ATOM 374  C CG2  . VAL A 1 26  ? 10.593  6.109   2.398   1.00 0.00 ? 26  VAL A CG2  1 
ATOM 375  H H    . VAL A 1 26  ? 12.894  6.573   2.345   1.00 0.00 ? 26  VAL A H    1 
ATOM 376  H HA   . VAL A 1 26  ? 11.677  6.901   -0.127  1.00 0.00 ? 26  VAL A HA   1 
ATOM 377  H HB   . VAL A 1 26  ? 10.571  8.255   2.333   1.00 0.00 ? 26  VAL A HB   1 
ATOM 378  H HG11 . VAL A 1 26  ? 9.382   6.760   -0.021  1.00 0.00 ? 26  VAL A HG11 1 
ATOM 379  H HG12 . VAL A 1 26  ? 8.445   7.298   1.373   1.00 0.00 ? 26  VAL A HG12 1 
ATOM 380  H HG13 . VAL A 1 26  ? 9.229   8.483   0.327   1.00 0.00 ? 26  VAL A HG13 1 
ATOM 381  H HG21 . VAL A 1 26  ? 11.100  5.360   1.807   1.00 0.00 ? 26  VAL A HG21 1 
ATOM 382  H HG22 . VAL A 1 26  ? 11.115  6.242   3.334   1.00 0.00 ? 26  VAL A HG22 1 
ATOM 383  H HG23 . VAL A 1 26  ? 9.581   5.790   2.593   1.00 0.00 ? 26  VAL A HG23 1 
ATOM 384  N N    . GLN A 1 27  ? 11.878  9.240   -0.968  1.00 0.00 ? 27  GLN A N    1 
ATOM 385  C CA   . GLN A 1 27  ? 12.102  10.626  -1.472  1.00 0.00 ? 27  GLN A CA   1 
ATOM 386  C C    . GLN A 1 27  ? 10.795  11.423  -1.445  1.00 0.00 ? 27  GLN A C    1 
ATOM 387  O O    . GLN A 1 27  ? 10.715  12.464  -0.825  1.00 0.00 ? 27  GLN A O    1 
ATOM 388  C CB   . GLN A 1 27  ? 12.633  10.570  -2.905  1.00 0.00 ? 27  GLN A CB   1 
ATOM 389  C CG   . GLN A 1 27  ? 13.443  11.834  -3.199  1.00 0.00 ? 27  GLN A CG   1 
ATOM 390  C CD   . GLN A 1 27  ? 13.196  12.275  -4.642  1.00 0.00 ? 27  GLN A CD   1 
ATOM 391  O OE1  . GLN A 1 27  ? 12.114  12.100  -5.166  1.00 0.00 ? 27  GLN A OE1  1 
ATOM 392  N NE2  . GLN A 1 27  ? 14.161  12.844  -5.313  1.00 0.00 ? 27  GLN A NE2  1 
ATOM 393  H H    . GLN A 1 27  ? 11.628  8.528   -1.590  1.00 0.00 ? 27  GLN A H    1 
ATOM 394  H HA   . GLN A 1 27  ? 12.830  11.118  -0.843  1.00 0.00 ? 27  GLN A HA   1 
ATOM 395  H HB2  . GLN A 1 27  ? 13.265  9.701   -3.020  1.00 0.00 ? 27  GLN A HB2  1 
ATOM 396  H HB3  . GLN A 1 27  ? 11.805  10.507  -3.594  1.00 0.00 ? 27  GLN A HB3  1 
ATOM 397  H HG2  . GLN A 1 27  ? 13.139  12.621  -2.524  1.00 0.00 ? 27  GLN A HG2  1 
ATOM 398  H HG3  . GLN A 1 27  ? 14.494  11.629  -3.062  1.00 0.00 ? 27  GLN A HG3  1 
ATOM 399  H HE21 . GLN A 1 27  ? 15.034  12.984  -4.891  1.00 0.00 ? 27  GLN A HE21 1 
ATOM 400  H HE22 . GLN A 1 27  ? 14.013  13.130  -6.239  1.00 0.00 ? 27  GLN A HE22 1 
ATOM 401  N N    . ARG A 1 28  ? 9.773   10.964  -2.119  1.00 0.00 ? 28  ARG A N    1 
ATOM 402  C CA   . ARG A 1 28  ? 8.498   11.741  -2.116  1.00 0.00 ? 28  ARG A CA   1 
ATOM 403  C C    . ARG A 1 28  ? 7.303   10.851  -2.479  1.00 0.00 ? 28  ARG A C    1 
ATOM 404  O O    . ARG A 1 28  ? 7.248   10.263  -3.542  1.00 0.00 ? 28  ARG A O    1 
ATOM 405  C CB   . ARG A 1 28  ? 8.602   12.877  -3.135  1.00 0.00 ? 28  ARG A CB   1 
ATOM 406  C CG   . ARG A 1 28  ? 8.992   12.306  -4.499  1.00 0.00 ? 28  ARG A CG   1 
ATOM 407  C CD   . ARG A 1 28  ? 9.825   13.334  -5.266  1.00 0.00 ? 28  ARG A CD   1 
ATOM 408  N NE   . ARG A 1 28  ? 8.976   14.514  -5.596  1.00 0.00 ? 28  ARG A NE   1 
ATOM 409  C CZ   . ARG A 1 28  ? 9.501   15.548  -6.196  1.00 0.00 ? 28  ARG A CZ   1 
ATOM 410  N NH1  . ARG A 1 28  ? 10.491  16.192  -5.640  1.00 0.00 ? 28  ARG A NH1  1 
ATOM 411  N NH2  . ARG A 1 28  ? 9.036   15.936  -7.352  1.00 0.00 ? 28  ARG A NH2  1 
ATOM 412  H H    . ARG A 1 28  ? 9.846   10.128  -2.628  1.00 0.00 ? 28  ARG A H    1 
ATOM 413  H HA   . ARG A 1 28  ? 8.342   12.162  -1.136  1.00 0.00 ? 28  ARG A HA   1 
ATOM 414  H HB2  . ARG A 1 28  ? 7.648   13.379  -3.212  1.00 0.00 ? 28  ARG A HB2  1 
ATOM 415  H HB3  . ARG A 1 28  ? 9.355   13.581  -2.814  1.00 0.00 ? 28  ARG A HB3  1 
ATOM 416  H HG2  . ARG A 1 28  ? 9.570   11.404  -4.359  1.00 0.00 ? 28  ARG A HG2  1 
ATOM 417  H HG3  . ARG A 1 28  ? 8.099   12.078  -5.062  1.00 0.00 ? 28  ARG A HG3  1 
ATOM 418  H HD2  . ARG A 1 28  ? 10.658  13.650  -4.654  1.00 0.00 ? 28  ARG A HD2  1 
ATOM 419  H HD3  . ARG A 1 28  ? 10.195  12.890  -6.177  1.00 0.00 ? 28  ARG A HD3  1 
ATOM 420  H HE   . ARG A 1 28  ? 8.025   14.514  -5.363  1.00 0.00 ? 28  ARG A HE   1 
ATOM 421  H HH11 . ARG A 1 28  ? 10.847  15.894  -4.755  1.00 0.00 ? 28  ARG A HH11 1 
ATOM 422  H HH12 . ARG A 1 28  ? 10.893  16.983  -6.100  1.00 0.00 ? 28  ARG A HH12 1 
ATOM 423  H HH21 . ARG A 1 28  ? 8.278   15.442  -7.777  1.00 0.00 ? 28  ARG A HH21 1 
ATOM 424  H HH22 . ARG A 1 28  ? 9.438   16.728  -7.811  1.00 0.00 ? 28  ARG A HH22 1 
ATOM 425  N N    . TRP A 1 29  ? 6.334   10.772  -1.602  1.00 0.00 ? 29  TRP A N    1 
ATOM 426  C CA   . TRP A 1 29  ? 5.120   9.957   -1.890  1.00 0.00 ? 29  TRP A CA   1 
ATOM 427  C C    . TRP A 1 29  ? 4.080   10.197  -0.783  1.00 0.00 ? 29  TRP A C    1 
ATOM 428  O O    . TRP A 1 29  ? 3.463   9.288   -0.265  1.00 0.00 ? 29  TRP A O    1 
ATOM 429  C CB   . TRP A 1 29  ? 5.510   8.476   -2.025  1.00 0.00 ? 29  TRP A CB   1 
ATOM 430  C CG   . TRP A 1 29  ? 5.290   7.730   -0.768  1.00 0.00 ? 29  TRP A CG   1 
ATOM 431  C CD1  . TRP A 1 29  ? 5.894   7.966   0.413   1.00 0.00 ? 29  TRP A CD1  1 
ATOM 432  C CD2  . TRP A 1 29  ? 4.391   6.620   -0.568  1.00 0.00 ? 29  TRP A CD2  1 
ATOM 433  N NE1  . TRP A 1 29  ? 5.415   7.055   1.334   1.00 0.00 ? 29  TRP A NE1  1 
ATOM 434  C CE2  . TRP A 1 29  ? 4.487   6.201   0.768   1.00 0.00 ? 29  TRP A CE2  1 
ATOM 435  C CE3  . TRP A 1 29  ? 3.508   5.939   -1.420  1.00 0.00 ? 29  TRP A CE3  1 
ATOM 436  C CZ2  . TRP A 1 29  ? 3.732   5.141   1.241   1.00 0.00 ? 29  TRP A CZ2  1 
ATOM 437  C CZ3  . TRP A 1 29  ? 2.746   4.871   -0.946  1.00 0.00 ? 29  TRP A CZ3  1 
ATOM 438  C CH2  . TRP A 1 29  ? 2.860   4.472   0.384   1.00 0.00 ? 29  TRP A CH2  1 
ATOM 439  H H    . TRP A 1 29  ? 6.397   11.268  -0.759  1.00 0.00 ? 29  TRP A H    1 
ATOM 440  H HA   . TRP A 1 29  ? 4.700   10.289  -2.823  1.00 0.00 ? 29  TRP A HA   1 
ATOM 441  H HB2  . TRP A 1 29  ? 4.905   8.014   -2.791  1.00 0.00 ? 29  TRP A HB2  1 
ATOM 442  H HB3  . TRP A 1 29  ? 6.547   8.409   -2.301  1.00 0.00 ? 29  TRP A HB3  1 
ATOM 443  H HD1  . TRP A 1 29  ? 6.626   8.736   0.608   1.00 0.00 ? 29  TRP A HD1  1 
ATOM 444  H HE1  . TRP A 1 29  ? 5.687   7.004   2.271   1.00 0.00 ? 29  TRP A HE1  1 
ATOM 445  H HE3  . TRP A 1 29  ? 3.413   6.246   -2.443  1.00 0.00 ? 29  TRP A HE3  1 
ATOM 446  H HZ2  . TRP A 1 29  ? 3.823   4.837   2.257   1.00 0.00 ? 29  TRP A HZ2  1 
ATOM 447  H HZ3  . TRP A 1 29  ? 2.071   4.352   -1.609  1.00 0.00 ? 29  TRP A HZ3  1 
ATOM 448  H HH2  . TRP A 1 29  ? 2.277   3.650   0.746   1.00 0.00 ? 29  TRP A HH2  1 
ATOM 449  N N    . GLU A 1 30  ? 3.883   11.431  -0.416  1.00 0.00 ? 30  GLU A N    1 
ATOM 450  C CA   . GLU A 1 30  ? 2.899   11.732  0.658   1.00 0.00 ? 30  GLU A CA   1 
ATOM 451  C C    . GLU A 1 30  ? 1.485   11.425  0.166   1.00 0.00 ? 30  GLU A C    1 
ATOM 452  O O    . GLU A 1 30  ? 0.840   12.242  -0.461  1.00 0.00 ? 30  GLU A O    1 
ATOM 453  C CB   . GLU A 1 30  ? 2.997   13.211  1.037   1.00 0.00 ? 30  GLU A CB   1 
ATOM 454  C CG   . GLU A 1 30  ? 2.699   13.375  2.529   1.00 0.00 ? 30  GLU A CG   1 
ATOM 455  C CD   . GLU A 1 30  ? 1.837   14.622  2.742   1.00 0.00 ? 30  GLU A CD   1 
ATOM 456  O OE1  . GLU A 1 30  ? 1.725   15.406  1.816   1.00 0.00 ? 30  GLU A OE1  1 
ATOM 457  O OE2  . GLU A 1 30  ? 1.304   14.769  3.830   1.00 0.00 ? 30  GLU A OE2  1 
ATOM 458  H H    . GLU A 1 30  ? 4.385   12.157  -0.841  1.00 0.00 ? 30  GLU A H    1 
ATOM 459  H HA   . GLU A 1 30  ? 3.116   11.125  1.523   1.00 0.00 ? 30  GLU A HA   1 
ATOM 460  H HB2  . GLU A 1 30  ? 3.994   13.571  0.825   1.00 0.00 ? 30  GLU A HB2  1 
ATOM 461  H HB3  . GLU A 1 30  ? 2.279   13.778  0.464   1.00 0.00 ? 30  GLU A HB3  1 
ATOM 462  H HG2  . GLU A 1 30  ? 2.171   12.505  2.889   1.00 0.00 ? 30  GLU A HG2  1 
ATOM 463  H HG3  . GLU A 1 30  ? 3.626   13.485  3.072   1.00 0.00 ? 30  GLU A HG3  1 
ATOM 464  N N    . LYS A 1 31  ? 0.998   10.250  0.458   1.00 0.00 ? 31  LYS A N    1 
ATOM 465  C CA   . LYS A 1 31  ? -0.378  9.880   0.021   1.00 0.00 ? 31  LYS A CA   1 
ATOM 466  C C    . LYS A 1 31  ? -1.392  10.541  0.962   1.00 0.00 ? 31  LYS A C    1 
ATOM 467  O O    . LYS A 1 31  ? -1.035  11.055  2.003   1.00 0.00 ? 31  LYS A O    1 
ATOM 468  C CB   . LYS A 1 31  ? -0.536  8.358   0.080   1.00 0.00 ? 31  LYS A CB   1 
ATOM 469  C CG   . LYS A 1 31  ? -1.939  7.968   -0.389  1.00 0.00 ? 31  LYS A CG   1 
ATOM 470  C CD   . LYS A 1 31  ? -2.062  6.443   -0.420  1.00 0.00 ? 31  LYS A CD   1 
ATOM 471  C CE   . LYS A 1 31  ? -1.584  5.920   -1.776  1.00 0.00 ? 31  LYS A CE   1 
ATOM 472  N NZ   . LYS A 1 31  ? -0.113  5.681   -1.726  1.00 0.00 ? 31  LYS A NZ   1 
ATOM 473  H H    . LYS A 1 31  ? 1.542   9.610   0.966   1.00 0.00 ? 31  LYS A H    1 
ATOM 474  H HA   . LYS A 1 31  ? -0.542  10.223  -0.991  1.00 0.00 ? 31  LYS A HA   1 
ATOM 475  H HB2  . LYS A 1 31  ? 0.200   7.896   -0.562  1.00 0.00 ? 31  LYS A HB2  1 
ATOM 476  H HB3  . LYS A 1 31  ? -0.392  8.020   1.094   1.00 0.00 ? 31  LYS A HB3  1 
ATOM 477  H HG2  . LYS A 1 31  ? -2.672  8.375   0.292   1.00 0.00 ? 31  LYS A HG2  1 
ATOM 478  H HG3  . LYS A 1 31  ? -2.109  8.360   -1.381  1.00 0.00 ? 31  LYS A HG3  1 
ATOM 479  H HD2  . LYS A 1 31  ? -1.454  6.018   0.366   1.00 0.00 ? 31  LYS A HD2  1 
ATOM 480  H HD3  . LYS A 1 31  ? -3.093  6.161   -0.271  1.00 0.00 ? 31  LYS A HD3  1 
ATOM 481  H HE2  . LYS A 1 31  ? -2.091  4.994   -2.003  1.00 0.00 ? 31  LYS A HE2  1 
ATOM 482  H HE3  . LYS A 1 31  ? -1.805  6.648   -2.541  1.00 0.00 ? 31  LYS A HE3  1 
ATOM 483  H HZ1  . LYS A 1 31  ? 0.268   6.043   -0.829  1.00 0.00 ? 31  LYS A HZ1  1 
ATOM 484  H HZ2  . LYS A 1 31  ? 0.074   4.660   -1.797  1.00 0.00 ? 31  LYS A HZ2  1 
ATOM 485  H HZ3  . LYS A 1 31  ? 0.346   6.175   -2.517  1.00 0.00 ? 31  LYS A HZ3  1 
ATOM 486  N N    . LYS A 1 32  ? -2.647  10.551  0.600   1.00 0.00 ? 32  LYS A N    1 
ATOM 487  C CA   . LYS A 1 32  ? -3.666  11.202  1.476   1.00 0.00 ? 32  LYS A CA   1 
ATOM 488  C C    . LYS A 1 32  ? -4.368  10.160  2.351   1.00 0.00 ? 32  LYS A C    1 
ATOM 489  O O    . LYS A 1 32  ? -5.072  9.302   1.859   1.00 0.00 ? 32  LYS A O    1 
ATOM 490  C CB   . LYS A 1 32  ? -4.703  11.912  0.604   1.00 0.00 ? 32  LYS A CB   1 
ATOM 491  C CG   . LYS A 1 32  ? -4.123  13.232  0.093   1.00 0.00 ? 32  LYS A CG   1 
ATOM 492  C CD   . LYS A 1 32  ? -4.780  13.598  -1.240  1.00 0.00 ? 32  LYS A CD   1 
ATOM 493  C CE   . LYS A 1 32  ? -3.794  14.396  -2.094  1.00 0.00 ? 32  LYS A CE   1 
ATOM 494  N NZ   . LYS A 1 32  ? -3.772  13.839  -3.478  1.00 0.00 ? 32  LYS A NZ   1 
ATOM 495  H H    . LYS A 1 32  ? -2.916  10.145  -0.249  1.00 0.00 ? 32  LYS A H    1 
ATOM 496  H HA   . LYS A 1 32  ? -3.178  11.928  2.110   1.00 0.00 ? 32  LYS A HA   1 
ATOM 497  H HB2  . LYS A 1 32  ? -4.960  11.281  -0.235  1.00 0.00 ? 32  LYS A HB2  1 
ATOM 498  H HB3  . LYS A 1 32  ? -5.589  12.113  1.188   1.00 0.00 ? 32  LYS A HB3  1 
ATOM 499  H HG2  . LYS A 1 32  ? -4.314  14.013  0.814   1.00 0.00 ? 32  LYS A HG2  1 
ATOM 500  H HG3  . LYS A 1 32  ? -3.058  13.127  -0.052  1.00 0.00 ? 32  LYS A HG3  1 
ATOM 501  H HD2  . LYS A 1 32  ? -5.062  12.695  -1.762  1.00 0.00 ? 32  LYS A HD2  1 
ATOM 502  H HD3  . LYS A 1 32  ? -5.661  14.196  -1.056  1.00 0.00 ? 32  LYS A HD3  1 
ATOM 503  H HE2  . LYS A 1 32  ? -4.102  15.431  -2.128  1.00 0.00 ? 32  LYS A HE2  1 
ATOM 504  H HE3  . LYS A 1 32  ? -2.807  14.327  -1.664  1.00 0.00 ? 32  LYS A HE3  1 
ATOM 505  H HZ1  . LYS A 1 32  ? -4.631  13.277  -3.639  1.00 0.00 ? 32  LYS A HZ1  1 
ATOM 506  H HZ2  . LYS A 1 32  ? -3.733  14.620  -4.164  1.00 0.00 ? 32  LYS A HZ2  1 
ATOM 507  H HZ3  . LYS A 1 32  ? -2.937  13.233  -3.594  1.00 0.00 ? 32  LYS A HZ3  1 
ATOM 508  N N    . VAL A 1 33  ? -4.160  10.241  3.647   1.00 0.00 ? 33  VAL A N    1 
ATOM 509  C CA   . VAL A 1 33  ? -4.783  9.285   4.615   1.00 0.00 ? 33  VAL A CA   1 
ATOM 510  C C    . VAL A 1 33  ? -6.039  8.638   4.031   1.00 0.00 ? 33  VAL A C    1 
ATOM 511  O O    . VAL A 1 33  ? -6.854  9.283   3.403   1.00 0.00 ? 33  VAL A O    1 
ATOM 512  C CB   . VAL A 1 33  ? -5.158  10.040  5.891   1.00 0.00 ? 33  VAL A CB   1 
ATOM 513  C CG1  . VAL A 1 33  ? -3.888  10.555  6.572   1.00 0.00 ? 33  VAL A CG1  1 
ATOM 514  C CG2  . VAL A 1 33  ? -6.061  11.223  5.535   1.00 0.00 ? 33  VAL A CG2  1 
ATOM 515  H H    . VAL A 1 33  ? -3.574  10.938  3.991   1.00 0.00 ? 33  VAL A H    1 
ATOM 516  H HA   . VAL A 1 33  ? -4.071  8.519   4.860   1.00 0.00 ? 33  VAL A HA   1 
ATOM 517  H HB   . VAL A 1 33  ? -5.681  9.374   6.562   1.00 0.00 ? 33  VAL A HB   1 
ATOM 518  H HG11 . VAL A 1 33  ? -3.030  10.033  6.175   1.00 0.00 ? 33  VAL A HG11 1 
ATOM 519  H HG12 . VAL A 1 33  ? -3.785  11.614  6.385   1.00 0.00 ? 33  VAL A HG12 1 
ATOM 520  H HG13 . VAL A 1 33  ? -3.954  10.382  7.636   1.00 0.00 ? 33  VAL A HG13 1 
ATOM 521  H HG21 . VAL A 1 33  ? -5.836  11.559  4.534   1.00 0.00 ? 33  VAL A HG21 1 
ATOM 522  H HG22 . VAL A 1 33  ? -7.094  10.917  5.589   1.00 0.00 ? 33  VAL A HG22 1 
ATOM 523  H HG23 . VAL A 1 33  ? -5.888  12.030  6.233   1.00 0.00 ? 33  VAL A HG23 1 
ATOM 524  N N    . GLY A 1 34  ? -6.195  7.362   4.242   1.00 0.00 ? 34  GLY A N    1 
ATOM 525  C CA   . GLY A 1 34  ? -7.386  6.650   3.715   1.00 0.00 ? 34  GLY A CA   1 
ATOM 526  C C    . GLY A 1 34  ? -7.670  7.096   2.280   1.00 0.00 ? 34  GLY A C    1 
ATOM 527  O O    . GLY A 1 34  ? -8.793  7.391   1.922   1.00 0.00 ? 34  GLY A O    1 
ATOM 528  H H    . GLY A 1 34  ? -5.524  6.868   4.753   1.00 0.00 ? 34  GLY A H    1 
ATOM 529  H HA2  . GLY A 1 34  ? -7.197  5.586   3.731   1.00 0.00 ? 34  GLY A HA2  1 
ATOM 530  H HA3  . GLY A 1 34  ? -8.238  6.875   4.334   1.00 0.00 ? 34  GLY A HA3  1 
ATOM 531  N N    . GLU A 1 35  ? -6.662  7.144   1.451   1.00 0.00 ? 35  GLU A N    1 
ATOM 532  C CA   . GLU A 1 35  ? -6.881  7.564   0.039   1.00 0.00 ? 35  GLU A CA   1 
ATOM 533  C C    . GLU A 1 35  ? -7.680  6.475   -0.689  1.00 0.00 ? 35  GLU A C    1 
ATOM 534  O O    . GLU A 1 35  ? -8.598  5.908   -0.134  1.00 0.00 ? 35  GLU A O    1 
ATOM 535  C CB   . GLU A 1 35  ? -5.528  7.773   -0.644  1.00 0.00 ? 35  GLU A CB   1 
ATOM 536  C CG   . GLU A 1 35  ? -5.662  8.847   -1.725  1.00 0.00 ? 35  GLU A CG   1 
ATOM 537  C CD   . GLU A 1 35  ? -4.840  8.444   -2.950  1.00 0.00 ? 35  GLU A CD   1 
ATOM 538  O OE1  . GLU A 1 35  ? -5.317  7.621   -3.714  1.00 0.00 ? 35  GLU A OE1  1 
ATOM 539  O OE2  . GLU A 1 35  ? -3.747  8.964   -3.103  1.00 0.00 ? 35  GLU A OE2  1 
ATOM 540  H H    . GLU A 1 35  ? -5.763  6.898   1.756   1.00 0.00 ? 35  GLU A H    1 
ATOM 541  H HA   . GLU A 1 35  ? -7.440  8.488   0.024   1.00 0.00 ? 35  GLU A HA   1 
ATOM 542  H HB2  . GLU A 1 35  ? -4.800  8.089   0.090   1.00 0.00 ? 35  GLU A HB2  1 
ATOM 543  H HB3  . GLU A 1 35  ? -5.206  6.849   -1.095  1.00 0.00 ? 35  GLU A HB3  1 
ATOM 544  H HG2  . GLU A 1 35  ? -6.701  8.948   -2.004  1.00 0.00 ? 35  GLU A HG2  1 
ATOM 545  H HG3  . GLU A 1 35  ? -5.298  9.790   -1.344  1.00 0.00 ? 35  GLU A HG3  1 
ATOM 546  N N    . LYS A 1 36  ? -7.336  6.173   -1.921  1.00 0.00 ? 36  LYS A N    1 
ATOM 547  C CA   . LYS A 1 36  ? -8.073  5.116   -2.681  1.00 0.00 ? 36  LYS A CA   1 
ATOM 548  C C    . LYS A 1 36  ? -7.850  5.326   -4.182  1.00 0.00 ? 36  LYS A C    1 
ATOM 549  O O    . LYS A 1 36  ? -8.513  6.130   -4.805  1.00 0.00 ? 36  LYS A O    1 
ATOM 550  C CB   . LYS A 1 36  ? -9.577  5.201   -2.375  1.00 0.00 ? 36  LYS A CB   1 
ATOM 551  C CG   . LYS A 1 36  ? -10.370 4.428   -3.433  1.00 0.00 ? 36  LYS A CG   1 
ATOM 552  C CD   . LYS A 1 36  ? -11.173 5.408   -4.289  1.00 0.00 ? 36  LYS A CD   1 
ATOM 553  C CE   . LYS A 1 36  ? -12.483 5.753   -3.577  1.00 0.00 ? 36  LYS A CE   1 
ATOM 554  N NZ   . LYS A 1 36  ? -13.014 7.040   -4.111  1.00 0.00 ? 36  LYS A NZ   1 
ATOM 555  H H    . LYS A 1 36  ? -6.585  6.634   -2.344  1.00 0.00 ? 36  LYS A H    1 
ATOM 556  H HA   . LYS A 1 36  ? -7.703  4.142   -2.394  1.00 0.00 ? 36  LYS A HA   1 
ATOM 557  H HB2  . LYS A 1 36  ? -9.771  4.774   -1.402  1.00 0.00 ? 36  LYS A HB2  1 
ATOM 558  H HB3  . LYS A 1 36  ? -9.886  6.236   -2.381  1.00 0.00 ? 36  LYS A HB3  1 
ATOM 559  H HG2  . LYS A 1 36  ? -9.686  3.875   -4.062  1.00 0.00 ? 36  LYS A HG2  1 
ATOM 560  H HG3  . LYS A 1 36  ? -11.044 3.740   -2.945  1.00 0.00 ? 36  LYS A HG3  1 
ATOM 561  H HD2  . LYS A 1 36  ? -10.597 6.309   -4.440  1.00 0.00 ? 36  LYS A HD2  1 
ATOM 562  H HD3  . LYS A 1 36  ? -11.393 4.956   -5.244  1.00 0.00 ? 36  LYS A HD3  1 
ATOM 563  H HE2  . LYS A 1 36  ? -13.203 4.967   -3.748  1.00 0.00 ? 36  LYS A HE2  1 
ATOM 564  H HE3  . LYS A 1 36  ? -12.301 5.851   -2.517  1.00 0.00 ? 36  LYS A HE3  1 
ATOM 565  H HZ1  . LYS A 1 36  ? -12.228 7.607   -4.492  1.00 0.00 ? 36  LYS A HZ1  1 
ATOM 566  H HZ2  . LYS A 1 36  ? -13.700 6.845   -4.866  1.00 0.00 ? 36  LYS A HZ2  1 
ATOM 567  H HZ3  . LYS A 1 36  ? -13.483 7.565   -3.346  1.00 0.00 ? 36  LYS A HZ3  1 
ATOM 568  N N    . LEU A 1 37  ? -6.927  4.614   -4.774  1.00 0.00 ? 37  LEU A N    1 
ATOM 569  C CA   . LEU A 1 37  ? -6.689  4.792   -6.234  1.00 0.00 ? 37  LEU A CA   1 
ATOM 570  C C    . LEU A 1 37  ? -6.993  3.486   -6.969  1.00 0.00 ? 37  LEU A C    1 
ATOM 571  O O    . LEU A 1 37  ? -6.829  2.408   -6.435  1.00 0.00 ? 37  LEU A O    1 
ATOM 572  C CB   . LEU A 1 37  ? -5.231  5.182   -6.471  1.00 0.00 ? 37  LEU A CB   1 
ATOM 573  C CG   . LEU A 1 37  ? -5.175  6.519   -7.209  1.00 0.00 ? 37  LEU A CG   1 
ATOM 574  C CD1  . LEU A 1 37  ? -6.092  6.468   -8.432  1.00 0.00 ? 37  LEU A CD1  1 
ATOM 575  C CD2  . LEU A 1 37  ? -5.636  7.638   -6.272  1.00 0.00 ? 37  LEU A CD2  1 
ATOM 576  H H    . LEU A 1 37  ? -6.397  3.967   -4.264  1.00 0.00 ? 37  LEU A H    1 
ATOM 577  H HA   . LEU A 1 37  ? -7.334  5.573   -6.609  1.00 0.00 ? 37  LEU A HA   1 
ATOM 578  H HB2  . LEU A 1 37  ? -4.724  5.271   -5.522  1.00 0.00 ? 37  LEU A HB2  1 
ATOM 579  H HB3  . LEU A 1 37  ? -4.748  4.423   -7.068  1.00 0.00 ? 37  LEU A HB3  1 
ATOM 580  H HG   . LEU A 1 37  ? -4.162  6.708   -7.527  1.00 0.00 ? 37  LEU A HG   1 
ATOM 581  H HD11 . LEU A 1 37  ? -6.024  5.493   -8.893  1.00 0.00 ? 37  LEU A HD11 1 
ATOM 582  H HD12 . LEU A 1 37  ? -7.111  6.651   -8.125  1.00 0.00 ? 37  LEU A HD12 1 
ATOM 583  H HD13 . LEU A 1 37  ? -5.788  7.223   -9.142  1.00 0.00 ? 37  LEU A HD13 1 
ATOM 584  H HD21 . LEU A 1 37  ? -6.376  7.251   -5.587  1.00 0.00 ? 37  LEU A HD21 1 
ATOM 585  H HD22 . LEU A 1 37  ? -4.791  8.013   -5.715  1.00 0.00 ? 37  LEU A HD22 1 
ATOM 586  H HD23 . LEU A 1 37  ? -6.068  8.438   -6.854  1.00 0.00 ? 37  LEU A HD23 1 
ATOM 587  N N    . SER A 1 38  ? -7.434  3.576   -8.195  1.00 0.00 ? 38  SER A N    1 
ATOM 588  C CA   . SER A 1 38  ? -7.748  2.342   -8.968  1.00 0.00 ? 38  SER A CA   1 
ATOM 589  C C    . SER A 1 38  ? -7.259  2.506   -10.408 1.00 0.00 ? 38  SER A C    1 
ATOM 590  O O    . SER A 1 38  ? -7.756  1.873   -11.319 1.00 0.00 ? 38  SER A O    1 
ATOM 591  C CB   . SER A 1 38  ? -9.259  2.110   -8.966  1.00 0.00 ? 38  SER A CB   1 
ATOM 592  O OG   . SER A 1 38  ? -9.881  3.073   -8.124  1.00 0.00 ? 38  SER A OG   1 
ATOM 593  H H    . SER A 1 38  ? -7.558  4.457   -8.607  1.00 0.00 ? 38  SER A H    1 
ATOM 594  H HA   . SER A 1 38  ? -7.254  1.497   -8.514  1.00 0.00 ? 38  SER A HA   1 
ATOM 595  H HB2  . SER A 1 38  ? -9.643  2.215   -9.967  1.00 0.00 ? 38  SER A HB2  1 
ATOM 596  H HB3  . SER A 1 38  ? -9.469  1.111   -8.605  1.00 0.00 ? 38  SER A HB3  1 
ATOM 597  H HG   . SER A 1 38  ? -10.211 2.617   -7.346  1.00 0.00 ? 38  SER A HG   1 
ATOM 598  N N    . GLU A 1 39  ? -6.287  3.351   -10.622 1.00 0.00 ? 39  GLU A N    1 
ATOM 599  C CA   . GLU A 1 39  ? -5.766  3.554   -12.003 1.00 0.00 ? 39  GLU A CA   1 
ATOM 600  C C    . GLU A 1 39  ? -4.283  3.924   -11.941 1.00 0.00 ? 39  GLU A C    1 
ATOM 601  O O    . GLU A 1 39  ? -3.735  4.493   -12.864 1.00 0.00 ? 39  GLU A O    1 
ATOM 602  C CB   . GLU A 1 39  ? -6.545  4.684   -12.681 1.00 0.00 ? 39  GLU A CB   1 
ATOM 603  C CG   . GLU A 1 39  ? -6.897  4.275   -14.113 1.00 0.00 ? 39  GLU A CG   1 
ATOM 604  C CD   . GLU A 1 39  ? -6.961  5.521   -14.999 1.00 0.00 ? 39  GLU A CD   1 
ATOM 605  O OE1  . GLU A 1 39  ? -7.179  6.595   -14.462 1.00 0.00 ? 39  GLU A OE1  1 
ATOM 606  O OE2  . GLU A 1 39  ? -6.792  5.379   -16.199 1.00 0.00 ? 39  GLU A OE2  1 
ATOM 607  H H    . GLU A 1 39  ? -5.900  3.851   -9.873  1.00 0.00 ? 39  GLU A H    1 
ATOM 608  H HA   . GLU A 1 39  ? -5.887  2.644   -12.571 1.00 0.00 ? 39  GLU A HA   1 
ATOM 609  H HB2  . GLU A 1 39  ? -7.453  4.878   -12.127 1.00 0.00 ? 39  GLU A HB2  1 
ATOM 610  H HB3  . GLU A 1 39  ? -5.939  5.577   -12.703 1.00 0.00 ? 39  GLU A HB3  1 
ATOM 611  H HG2  . GLU A 1 39  ? -6.141  3.602   -14.490 1.00 0.00 ? 39  GLU A HG2  1 
ATOM 612  H HG3  . GLU A 1 39  ? -7.856  3.781   -14.121 1.00 0.00 ? 39  GLU A HG3  1 
ATOM 613  N N    . GLY A 1 40  ? -3.627  3.605   -10.859 1.00 0.00 ? 40  GLY A N    1 
ATOM 614  C CA   . GLY A 1 40  ? -2.179  3.938   -10.738 1.00 0.00 ? 40  GLY A CA   1 
ATOM 615  C C    . GLY A 1 40  ? -2.003  5.110   -9.772  1.00 0.00 ? 40  GLY A C    1 
ATOM 616  O O    . GLY A 1 40  ? -1.940  6.255   -10.176 1.00 0.00 ? 40  GLY A O    1 
ATOM 617  H H    . GLY A 1 40  ? -4.087  3.146   -10.124 1.00 0.00 ? 40  GLY A H    1 
ATOM 618  H HA2  . GLY A 1 40  ? -1.643  3.076   -10.364 1.00 0.00 ? 40  GLY A HA2  1 
ATOM 619  H HA3  . GLY A 1 40  ? -1.791  4.211   -11.707 1.00 0.00 ? 40  GLY A HA3  1 
ATOM 620  N N    . ASP A 1 41  ? -1.920  4.835   -8.500  1.00 0.00 ? 41  ASP A N    1 
ATOM 621  C CA   . ASP A 1 41  ? -1.747  5.935   -7.509  1.00 0.00 ? 41  ASP A CA   1 
ATOM 622  C C    . ASP A 1 41  ? -0.272  6.323   -7.427  1.00 0.00 ? 41  ASP A C    1 
ATOM 623  O O    . ASP A 1 41  ? 0.534   5.914   -8.239  1.00 0.00 ? 41  ASP A O    1 
ATOM 624  C CB   . ASP A 1 41  ? -2.222  5.465   -6.133  1.00 0.00 ? 41  ASP A CB   1 
ATOM 625  C CG   . ASP A 1 41  ? -2.833  6.643   -5.373  1.00 0.00 ? 41  ASP A CG   1 
ATOM 626  O OD1  . ASP A 1 41  ? -2.707  7.759   -5.850  1.00 0.00 ? 41  ASP A OD1  1 
ATOM 627  O OD2  . ASP A 1 41  ? -3.417  6.409   -4.327  1.00 0.00 ? 41  ASP A OD2  1 
ATOM 628  H H    . ASP A 1 41  ? -1.973  3.906   -8.195  1.00 0.00 ? 41  ASP A H    1 
ATOM 629  H HA   . ASP A 1 41  ? -2.327  6.792   -7.816  1.00 0.00 ? 41  ASP A HA   1 
ATOM 630  H HB2  . ASP A 1 41  ? -2.962  4.688   -6.255  1.00 0.00 ? 41  ASP A HB2  1 
ATOM 631  H HB3  . ASP A 1 41  ? -1.382  5.076   -5.577  1.00 0.00 ? 41  ASP A HB3  1 
ATOM 632  N N    . LEU A 1 42  ? 0.089   7.109   -6.451  1.00 0.00 ? 42  LEU A N    1 
ATOM 633  C CA   . LEU A 1 42  ? 1.513   7.520   -6.319  1.00 0.00 ? 42  LEU A CA   1 
ATOM 634  C C    . LEU A 1 42  ? 2.359   6.301   -5.954  1.00 0.00 ? 42  LEU A C    1 
ATOM 635  O O    . LEU A 1 42  ? 1.900   5.177   -6.003  1.00 0.00 ? 42  LEU A O    1 
ATOM 636  C CB   . LEU A 1 42  ? 1.644   8.586   -5.226  1.00 0.00 ? 42  LEU A CB   1 
ATOM 637  C CG   . LEU A 1 42  ? 1.279   7.983   -3.868  1.00 0.00 ? 42  LEU A CG   1 
ATOM 638  C CD1  . LEU A 1 42  ? 2.072   8.691   -2.768  1.00 0.00 ? 42  LEU A CD1  1 
ATOM 639  C CD2  . LEU A 1 42  ? -0.218  8.167   -3.614  1.00 0.00 ? 42  LEU A CD2  1 
ATOM 640  H H    . LEU A 1 42  ? -0.576  7.428   -5.806  1.00 0.00 ? 42  LEU A H    1 
ATOM 641  H HA   . LEU A 1 42  ? 1.857   7.923   -7.258  1.00 0.00 ? 42  LEU A HA   1 
ATOM 642  H HB2  . LEU A 1 42  ? 2.661   8.948   -5.199  1.00 0.00 ? 42  LEU A HB2  1 
ATOM 643  H HB3  . LEU A 1 42  ? 0.976   9.407   -5.443  1.00 0.00 ? 42  LEU A HB3  1 
ATOM 644  H HG   . LEU A 1 42  ? 1.522   6.930   -3.864  1.00 0.00 ? 42  LEU A HG   1 
ATOM 645  H HD11 . LEU A 1 42  ? 3.118   8.712   -3.033  1.00 0.00 ? 42  LEU A HD11 1 
ATOM 646  H HD12 . LEU A 1 42  ? 1.709   9.702   -2.656  1.00 0.00 ? 42  LEU A HD12 1 
ATOM 647  H HD13 . LEU A 1 42  ? 1.947   8.159   -1.835  1.00 0.00 ? 42  LEU A HD13 1 
ATOM 648  H HD21 . LEU A 1 42  ? -0.572  9.031   -4.159  1.00 0.00 ? 42  LEU A HD21 1 
ATOM 649  H HD22 . LEU A 1 42  ? -0.750  7.288   -3.947  1.00 0.00 ? 42  LEU A HD22 1 
ATOM 650  H HD23 . LEU A 1 42  ? -0.389  8.313   -2.558  1.00 0.00 ? 42  LEU A HD23 1 
ATOM 651  N N    . LEU A 1 43  ? 3.595   6.513   -5.599  1.00 0.00 ? 43  LEU A N    1 
ATOM 652  C CA   . LEU A 1 43  ? 4.466   5.362   -5.244  1.00 0.00 ? 43  LEU A CA   1 
ATOM 653  C C    . LEU A 1 43  ? 5.663   5.852   -4.430  1.00 0.00 ? 43  LEU A C    1 
ATOM 654  O O    . LEU A 1 43  ? 6.338   6.788   -4.810  1.00 0.00 ? 43  LEU A O    1 
ATOM 655  C CB   . LEU A 1 43  ? 4.963   4.703   -6.531  1.00 0.00 ? 43  LEU A CB   1 
ATOM 656  C CG   . LEU A 1 43  ? 5.647   5.752   -7.409  1.00 0.00 ? 43  LEU A CG   1 
ATOM 657  C CD1  . LEU A 1 43  ? 7.072   5.300   -7.729  1.00 0.00 ? 43  LEU A CD1  1 
ATOM 658  C CD2  . LEU A 1 43  ? 4.860   5.914   -8.712  1.00 0.00 ? 43  LEU A CD2  1 
ATOM 659  H H    . LEU A 1 43  ? 3.952   7.425   -5.572  1.00 0.00 ? 43  LEU A H    1 
ATOM 660  H HA   . LEU A 1 43  ? 3.903   4.646   -4.665  1.00 0.00 ? 43  LEU A HA   1 
ATOM 661  H HB2  . LEU A 1 43  ? 5.667   3.923   -6.288  1.00 0.00 ? 43  LEU A HB2  1 
ATOM 662  H HB3  . LEU A 1 43  ? 4.126   4.283   -7.063  1.00 0.00 ? 43  LEU A HB3  1 
ATOM 663  H HG   . LEU A 1 43  ? 5.677   6.696   -6.884  1.00 0.00 ? 43  LEU A HG   1 
ATOM 664  H HD11 . LEU A 1 43  ? 7.617   5.151   -6.808  1.00 0.00 ? 43  LEU A HD11 1 
ATOM 665  H HD12 . LEU A 1 43  ? 7.042   4.373   -8.282  1.00 0.00 ? 43  LEU A HD12 1 
ATOM 666  H HD13 . LEU A 1 43  ? 7.566   6.057   -8.321  1.00 0.00 ? 43  LEU A HD13 1 
ATOM 667  H HD21 . LEU A 1 43  ? 4.019   5.237   -8.711  1.00 0.00 ? 43  LEU A HD21 1 
ATOM 668  H HD22 . LEU A 1 43  ? 4.506   6.931   -8.795  1.00 0.00 ? 43  LEU A HD22 1 
ATOM 669  H HD23 . LEU A 1 43  ? 5.503   5.688   -9.550  1.00 0.00 ? 43  LEU A HD23 1 
ATOM 670  N N    . ALA A 1 44  ? 5.944   5.225   -3.320  1.00 0.00 ? 44  ALA A N    1 
ATOM 671  C CA   . ALA A 1 44  ? 7.110   5.661   -2.506  1.00 0.00 ? 44  ALA A CA   1 
ATOM 672  C C    . ALA A 1 44  ? 8.313   5.831   -3.433  1.00 0.00 ? 44  ALA A C    1 
ATOM 673  O O    . ALA A 1 44  ? 8.999   4.880   -3.752  1.00 0.00 ? 44  ALA A O    1 
ATOM 674  C CB   . ALA A 1 44  ? 7.423   4.608   -1.436  1.00 0.00 ? 44  ALA A CB   1 
ATOM 675  H H    . ALA A 1 44  ? 5.396   4.465   -3.030  1.00 0.00 ? 44  ALA A H    1 
ATOM 676  H HA   . ALA A 1 44  ? 6.888   6.603   -2.031  1.00 0.00 ? 44  ALA A HA   1 
ATOM 677  H HB1  . ALA A 1 44  ? 6.504   4.289   -0.966  1.00 0.00 ? 44  ALA A HB1  1 
ATOM 678  H HB2  . ALA A 1 44  ? 7.906   3.759   -1.896  1.00 0.00 ? 44  ALA A HB2  1 
ATOM 679  H HB3  . ALA A 1 44  ? 8.079   5.035   -0.691  1.00 0.00 ? 44  ALA A HB3  1 
ATOM 680  N N    . GLU A 1 45  ? 8.565   7.032   -3.882  1.00 0.00 ? 45  GLU A N    1 
ATOM 681  C CA   . GLU A 1 45  ? 9.718   7.251   -4.800  1.00 0.00 ? 45  GLU A CA   1 
ATOM 682  C C    . GLU A 1 45  ? 11.007  7.353   -3.986  1.00 0.00 ? 45  GLU A C    1 
ATOM 683  O O    . GLU A 1 45  ? 11.445  8.430   -3.641  1.00 0.00 ? 45  GLU A O    1 
ATOM 684  C CB   . GLU A 1 45  ? 9.506   8.548   -5.583  1.00 0.00 ? 45  GLU A CB   1 
ATOM 685  C CG   . GLU A 1 45  ? 9.558   8.255   -7.084  1.00 0.00 ? 45  GLU A CG   1 
ATOM 686  C CD   . GLU A 1 45  ? 11.001  8.368   -7.577  1.00 0.00 ? 45  GLU A CD   1 
ATOM 687  O OE1  . GLU A 1 45  ? 11.762  9.095   -6.961  1.00 0.00 ? 45  GLU A OE1  1 
ATOM 688  O OE2  . GLU A 1 45  ? 11.321  7.725   -8.564  1.00 0.00 ? 45  GLU A OE2  1 
ATOM 689  H H    . GLU A 1 45  ? 7.993   7.788   -3.623  1.00 0.00 ? 45  GLU A H    1 
ATOM 690  H HA   . GLU A 1 45  ? 9.791   6.423   -5.490  1.00 0.00 ? 45  GLU A HA   1 
ATOM 691  H HB2  . GLU A 1 45  ? 8.542   8.968   -5.331  1.00 0.00 ? 45  GLU A HB2  1 
ATOM 692  H HB3  . GLU A 1 45  ? 10.283  9.253   -5.331  1.00 0.00 ? 45  GLU A HB3  1 
ATOM 693  H HG2  . GLU A 1 45  ? 9.191   7.255   -7.267  1.00 0.00 ? 45  GLU A HG2  1 
ATOM 694  H HG3  . GLU A 1 45  ? 8.942   8.966   -7.613  1.00 0.00 ? 45  GLU A HG3  1 
ATOM 695  N N    . ILE A 1 46  ? 11.617  6.239   -3.680  1.00 0.00 ? 46  ILE A N    1 
ATOM 696  C CA   . ILE A 1 46  ? 12.881  6.269   -2.888  1.00 0.00 ? 46  ILE A CA   1 
ATOM 697  C C    . ILE A 1 46  ? 14.049  6.625   -3.813  1.00 0.00 ? 46  ILE A C    1 
ATOM 698  O O    . ILE A 1 46  ? 13.995  6.410   -5.007  1.00 0.00 ? 46  ILE A O    1 
ATOM 699  C CB   . ILE A 1 46  ? 13.123  4.887   -2.262  1.00 0.00 ? 46  ILE A CB   1 
ATOM 700  C CG1  . ILE A 1 46  ? 12.209  4.702   -1.046  1.00 0.00 ? 46  ILE A CG1  1 
ATOM 701  C CG2  . ILE A 1 46  ? 14.582  4.768   -1.813  1.00 0.00 ? 46  ILE A CG2  1 
ATOM 702  C CD1  . ILE A 1 46  ? 10.787  5.149   -1.393  1.00 0.00 ? 46  ILE A CD1  1 
ATOM 703  H H    . ILE A 1 46  ? 11.245  5.380   -3.973  1.00 0.00 ? 46  ILE A H    1 
ATOM 704  H HA   . ILE A 1 46  ? 12.800  7.010   -2.107  1.00 0.00 ? 46  ILE A HA   1 
ATOM 705  H HB   . ILE A 1 46  ? 12.910  4.121   -2.994  1.00 0.00 ? 46  ILE A HB   1 
ATOM 706  H HG12 . ILE A 1 46  ? 12.200  3.660   -0.763  1.00 0.00 ? 46  ILE A HG12 1 
ATOM 707  H HG13 . ILE A 1 46  ? 12.580  5.293   -0.224  1.00 0.00 ? 46  ILE A HG13 1 
ATOM 708  H HG21 . ILE A 1 46  ? 14.858  5.649   -1.252  1.00 0.00 ? 46  ILE A HG21 1 
ATOM 709  H HG22 . ILE A 1 46  ? 14.697  3.894   -1.190  1.00 0.00 ? 46  ILE A HG22 1 
ATOM 710  H HG23 . ILE A 1 46  ? 15.220  4.679   -2.680  1.00 0.00 ? 46  ILE A HG23 1 
ATOM 711  H HD11 . ILE A 1 46  ? 10.428  4.583   -2.239  1.00 0.00 ? 46  ILE A HD11 1 
ATOM 712  H HD12 . ILE A 1 46  ? 10.140  4.979   -0.546  1.00 0.00 ? 46  ILE A HD12 1 
ATOM 713  H HD13 . ILE A 1 46  ? 10.790  6.200   -1.640  1.00 0.00 ? 46  ILE A HD13 1 
ATOM 714  N N    . GLU A 1 47  ? 15.105  7.165   -3.269  1.00 0.00 ? 47  GLU A N    1 
ATOM 715  C CA   . GLU A 1 47  ? 16.275  7.531   -4.117  1.00 0.00 ? 47  GLU A CA   1 
ATOM 716  C C    . GLU A 1 47  ? 17.520  7.666   -3.237  1.00 0.00 ? 47  GLU A C    1 
ATOM 717  O O    . GLU A 1 47  ? 17.430  7.766   -2.029  1.00 0.00 ? 47  GLU A O    1 
ATOM 718  C CB   . GLU A 1 47  ? 16.003  8.861   -4.822  1.00 0.00 ? 47  GLU A CB   1 
ATOM 719  C CG   . GLU A 1 47  ? 16.958  9.018   -6.005  1.00 0.00 ? 47  GLU A CG   1 
ATOM 720  C CD   . GLU A 1 47  ? 17.930  10.167  -5.729  1.00 0.00 ? 47  GLU A CD   1 
ATOM 721  O OE1  . GLU A 1 47  ? 18.457  10.219  -4.630  1.00 0.00 ? 47  GLU A OE1  1 
ATOM 722  O OE2  . GLU A 1 47  ? 18.131  10.974  -6.621  1.00 0.00 ? 47  GLU A OE2  1 
ATOM 723  H H    . GLU A 1 47  ? 15.129  7.329   -2.303  1.00 0.00 ? 47  GLU A H    1 
ATOM 724  H HA   . GLU A 1 47  ? 16.440  6.760   -4.856  1.00 0.00 ? 47  GLU A HA   1 
ATOM 725  H HB2  . GLU A 1 47  ? 14.982  8.878   -5.177  1.00 0.00 ? 47  GLU A HB2  1 
ATOM 726  H HB3  . GLU A 1 47  ? 16.156  9.675   -4.129  1.00 0.00 ? 47  GLU A HB3  1 
ATOM 727  H HG2  . GLU A 1 47  ? 17.513  8.102   -6.144  1.00 0.00 ? 47  GLU A HG2  1 
ATOM 728  H HG3  . GLU A 1 47  ? 16.393  9.235   -6.899  1.00 0.00 ? 47  GLU A HG3  1 
ATOM 729  N N    . THR A 1 48  ? 18.681  7.671   -3.833  1.00 0.00 ? 48  THR A N    1 
ATOM 730  C CA   . THR A 1 48  ? 19.929  7.800   -3.030  1.00 0.00 ? 48  THR A CA   1 
ATOM 731  C C    . THR A 1 48  ? 20.948  8.639   -3.802  1.00 0.00 ? 48  THR A C    1 
ATOM 732  O O    . THR A 1 48  ? 21.628  9.477   -3.244  1.00 0.00 ? 48  THR A O    1 
ATOM 733  C CB   . THR A 1 48  ? 20.511  6.409   -2.763  1.00 0.00 ? 48  THR A CB   1 
ATOM 734  O OG1  . THR A 1 48  ? 21.267  5.990   -3.892  1.00 0.00 ? 48  THR A OG1  1 
ATOM 735  C CG2  . THR A 1 48  ? 19.373  5.418   -2.511  1.00 0.00 ? 48  THR A CG2  1 
ATOM 736  H H    . THR A 1 48  ? 18.732  7.589   -4.808  1.00 0.00 ? 48  THR A H    1 
ATOM 737  H HA   . THR A 1 48  ? 19.706  8.281   -2.091  1.00 0.00 ? 48  THR A HA   1 
ATOM 738  H HB   . THR A 1 48  ? 21.149  6.445   -1.894  1.00 0.00 ? 48  THR A HB   1 
ATOM 739  H HG1  . THR A 1 48  ? 21.964  5.407   -3.581  1.00 0.00 ? 48  THR A HG1  1 
ATOM 740  H HG21 . THR A 1 48  ? 18.547  5.931   -2.043  1.00 0.00 ? 48  THR A HG21 1 
ATOM 741  H HG22 . THR A 1 48  ? 19.050  4.995   -3.451  1.00 0.00 ? 48  THR A HG22 1 
ATOM 742  H HG23 . THR A 1 48  ? 19.722  4.628   -1.863  1.00 0.00 ? 48  THR A HG23 1 
ATOM 743  N N    . ASP A 1 49  ? 21.057  8.417   -5.083  1.00 0.00 ? 49  ASP A N    1 
ATOM 744  C CA   . ASP A 1 49  ? 22.029  9.195   -5.902  1.00 0.00 ? 49  ASP A CA   1 
ATOM 745  C C    . ASP A 1 49  ? 22.280  8.455   -7.215  1.00 0.00 ? 49  ASP A C    1 
ATOM 746  O O    . ASP A 1 49  ? 22.652  9.043   -8.212  1.00 0.00 ? 49  ASP A O    1 
ATOM 747  C CB   . ASP A 1 49  ? 23.348  9.336   -5.138  1.00 0.00 ? 49  ASP A CB   1 
ATOM 748  C CG   . ASP A 1 49  ? 23.467  10.757  -4.583  1.00 0.00 ? 49  ASP A CG   1 
ATOM 749  O OD1  . ASP A 1 49  ? 22.443  11.406  -4.445  1.00 0.00 ? 49  ASP A OD1  1 
ATOM 750  O OD2  . ASP A 1 49  ? 24.580  11.172  -4.305  1.00 0.00 ? 49  ASP A OD2  1 
ATOM 751  H H    . ASP A 1 49  ? 20.496  7.736   -5.509  1.00 0.00 ? 49  ASP A H    1 
ATOM 752  H HA   . ASP A 1 49  ? 21.624  10.174  -6.110  1.00 0.00 ? 49  ASP A HA   1 
ATOM 753  H HB2  . ASP A 1 49  ? 23.369  8.628   -4.323  1.00 0.00 ? 49  ASP A HB2  1 
ATOM 754  H HB3  . ASP A 1 49  ? 24.173  9.143   -5.806  1.00 0.00 ? 49  ASP A HB3  1 
ATOM 755  N N    . LYS A 1 50  ? 22.074  7.167   -7.224  1.00 0.00 ? 50  LYS A N    1 
ATOM 756  C CA   . LYS A 1 50  ? 22.298  6.383   -8.471  1.00 0.00 ? 50  LYS A CA   1 
ATOM 757  C C    . LYS A 1 50  ? 21.157  5.379   -8.651  1.00 0.00 ? 50  LYS A C    1 
ATOM 758  O O    . LYS A 1 50  ? 21.280  4.408   -9.370  1.00 0.00 ? 50  LYS A O    1 
ATOM 759  C CB   . LYS A 1 50  ? 23.627  5.633   -8.371  1.00 0.00 ? 50  LYS A CB   1 
ATOM 760  C CG   . LYS A 1 50  ? 24.617  6.209   -9.386  1.00 0.00 ? 50  LYS A CG   1 
ATOM 761  C CD   . LYS A 1 50  ? 24.092  5.971   -10.803 1.00 0.00 ? 50  LYS A CD   1 
ATOM 762  C CE   . LYS A 1 50  ? 25.112  6.492   -11.819 1.00 0.00 ? 50  LYS A CE   1 
ATOM 763  N NZ   . LYS A 1 50  ? 24.575  7.716   -12.477 1.00 0.00 ? 50  LYS A NZ   1 
ATOM 764  H H    . LYS A 1 50  ? 21.772  6.714   -6.408  1.00 0.00 ? 50  LYS A H    1 
ATOM 765  H HA   . LYS A 1 50  ? 22.324  7.053   -9.318  1.00 0.00 ? 50  LYS A HA   1 
ATOM 766  H HB2  . LYS A 1 50  ? 24.028  5.742   -7.374  1.00 0.00 ? 50  LYS A HB2  1 
ATOM 767  H HB3  . LYS A 1 50  ? 23.467  4.586   -8.583  1.00 0.00 ? 50  LYS A HB3  1 
ATOM 768  H HG2  . LYS A 1 50  ? 24.728  7.271   -9.216  1.00 0.00 ? 50  LYS A HG2  1 
ATOM 769  H HG3  . LYS A 1 50  ? 25.574  5.724   -9.272  1.00 0.00 ? 50  LYS A HG3  1 
ATOM 770  H HD2  . LYS A 1 50  ? 23.938  4.913   -10.956 1.00 0.00 ? 50  LYS A HD2  1 
ATOM 771  H HD3  . LYS A 1 50  ? 23.158  6.494   -10.934 1.00 0.00 ? 50  LYS A HD3  1 
ATOM 772  H HE2  . LYS A 1 50  ? 26.035  6.730   -11.312 1.00 0.00 ? 50  LYS A HE2  1 
ATOM 773  H HE3  . LYS A 1 50  ? 25.295  5.733   -12.565 1.00 0.00 ? 50  LYS A HE3  1 
ATOM 774  H HZ1  . LYS A 1 50  ? 24.333  8.422   -11.753 1.00 0.00 ? 50  LYS A HZ1  1 
ATOM 775  H HZ2  . LYS A 1 50  ? 25.295  8.110   -13.116 1.00 0.00 ? 50  LYS A HZ2  1 
ATOM 776  H HZ3  . LYS A 1 50  ? 23.724  7.472   -13.023 1.00 0.00 ? 50  LYS A HZ3  1 
ATOM 777  N N    . ALA A 1 51  ? 20.048  5.606   -8.002  1.00 0.00 ? 51  ALA A N    1 
ATOM 778  C CA   . ALA A 1 51  ? 18.901  4.665   -8.135  1.00 0.00 ? 51  ALA A CA   1 
ATOM 779  C C    . ALA A 1 51  ? 17.714  5.197   -7.331  1.00 0.00 ? 51  ALA A C    1 
ATOM 780  O O    . ALA A 1 51  ? 17.862  6.058   -6.486  1.00 0.00 ? 51  ALA A O    1 
ATOM 781  C CB   . ALA A 1 51  ? 19.304  3.289   -7.601  1.00 0.00 ? 51  ALA A CB   1 
ATOM 782  H H    . ALA A 1 51  ? 19.968  6.397   -7.426  1.00 0.00 ? 51  ALA A H    1 
ATOM 783  H HA   . ALA A 1 51  ? 18.622  4.581   -9.176  1.00 0.00 ? 51  ALA A HA   1 
ATOM 784  H HB1  . ALA A 1 51  ? 20.379  3.196   -7.621  1.00 0.00 ? 51  ALA A HB1  1 
ATOM 785  H HB2  . ALA A 1 51  ? 18.951  3.180   -6.586  1.00 0.00 ? 51  ALA A HB2  1 
ATOM 786  H HB3  . ALA A 1 51  ? 18.864  2.521   -8.219  1.00 0.00 ? 51  ALA A HB3  1 
ATOM 787  N N    . THR A 1 52  ? 16.537  4.696   -7.586  1.00 0.00 ? 52  THR A N    1 
ATOM 788  C CA   . THR A 1 52  ? 15.346  5.181   -6.834  1.00 0.00 ? 52  THR A CA   1 
ATOM 789  C C    . THR A 1 52  ? 14.224  4.144   -6.921  1.00 0.00 ? 52  THR A C    1 
ATOM 790  O O    . THR A 1 52  ? 13.753  3.812   -7.990  1.00 0.00 ? 52  THR A O    1 
ATOM 791  C CB   . THR A 1 52  ? 14.861  6.505   -7.437  1.00 0.00 ? 52  THR A CB   1 
ATOM 792  O OG1  . THR A 1 52  ? 13.455  6.615   -7.262  1.00 0.00 ? 52  THR A OG1  1 
ATOM 793  C CG2  . THR A 1 52  ? 15.193  6.547   -8.929  1.00 0.00 ? 52  THR A CG2  1 
ATOM 794  H H    . THR A 1 52  ? 16.436  4.004   -8.272  1.00 0.00 ? 52  THR A H    1 
ATOM 795  H HA   . THR A 1 52  ? 15.613  5.335   -5.799  1.00 0.00 ? 52  THR A HA   1 
ATOM 796  H HB   . THR A 1 52  ? 15.352  7.328   -6.940  1.00 0.00 ? 52  THR A HB   1 
ATOM 797  H HG1  . THR A 1 52  ? 13.247  7.539   -7.107  1.00 0.00 ? 52  THR A HG1  1 
ATOM 798  H HG21 . THR A 1 52  ? 15.113  5.553   -9.345  1.00 0.00 ? 52  THR A HG21 1 
ATOM 799  H HG22 . THR A 1 52  ? 14.501  7.205   -9.434  1.00 0.00 ? 52  THR A HG22 1 
ATOM 800  H HG23 . THR A 1 52  ? 16.200  6.913   -9.065  1.00 0.00 ? 52  THR A HG23 1 
ATOM 801  N N    . ILE A 1 53  ? 13.788  3.633   -5.801  1.00 0.00 ? 53  ILE A N    1 
ATOM 802  C CA   . ILE A 1 53  ? 12.692  2.624   -5.824  1.00 0.00 ? 53  ILE A CA   1 
ATOM 803  C C    . ILE A 1 53  ? 11.352  3.344   -5.981  1.00 0.00 ? 53  ILE A C    1 
ATOM 804  O O    . ILE A 1 53  ? 11.277  4.554   -5.910  1.00 0.00 ? 53  ILE A O    1 
ATOM 805  C CB   . ILE A 1 53  ? 12.688  1.826   -4.514  1.00 0.00 ? 53  ILE A CB   1 
ATOM 806  C CG1  . ILE A 1 53  ? 14.104  1.769   -3.933  1.00 0.00 ? 53  ILE A CG1  1 
ATOM 807  C CG2  . ILE A 1 53  ? 12.197  0.403   -4.786  1.00 0.00 ? 53  ILE A CG2  1 
ATOM 808  C CD1  . ILE A 1 53  ? 15.099  1.412   -5.039  1.00 0.00 ? 53  ILE A CD1  1 
ATOM 809  H H    . ILE A 1 53  ? 14.177  3.916   -4.948  1.00 0.00 ? 53  ILE A H    1 
ATOM 810  H HA   . ILE A 1 53  ? 12.839  1.950   -6.655  1.00 0.00 ? 53  ILE A HA   1 
ATOM 811  H HB   . ILE A 1 53  ? 12.025  2.304   -3.806  1.00 0.00 ? 53  ILE A HB   1 
ATOM 812  H HG12 . ILE A 1 53  ? 14.360  2.731   -3.514  1.00 0.00 ? 53  ILE A HG12 1 
ATOM 813  H HG13 . ILE A 1 53  ? 14.145  1.016   -3.159  1.00 0.00 ? 53  ILE A HG13 1 
ATOM 814  H HG21 . ILE A 1 53  ? 12.767  -0.026  -5.596  1.00 0.00 ? 53  ILE A HG21 1 
ATOM 815  H HG22 . ILE A 1 53  ? 12.325  -0.198  -3.898  1.00 0.00 ? 53  ILE A HG22 1 
ATOM 816  H HG23 . ILE A 1 53  ? 11.151  0.428   -5.056  1.00 0.00 ? 53  ILE A HG23 1 
ATOM 817  H HD11 . ILE A 1 53  ? 14.561  1.167   -5.943  1.00 0.00 ? 53  ILE A HD11 1 
ATOM 818  H HD12 . ILE A 1 53  ? 15.748  2.255   -5.225  1.00 0.00 ? 53  ILE A HD12 1 
ATOM 819  H HD13 . ILE A 1 53  ? 15.690  0.563   -4.731  1.00 0.00 ? 53  ILE A HD13 1 
ATOM 820  N N    . GLY A 1 54  ? 10.294  2.613   -6.196  1.00 0.00 ? 54  GLY A N    1 
ATOM 821  C CA   . GLY A 1 54  ? 8.964   3.263   -6.357  1.00 0.00 ? 54  GLY A CA   1 
ATOM 822  C C    . GLY A 1 54  ? 7.860   2.277   -5.976  1.00 0.00 ? 54  GLY A C    1 
ATOM 823  O O    . GLY A 1 54  ? 7.803   1.172   -6.477  1.00 0.00 ? 54  GLY A O    1 
ATOM 824  H H    . GLY A 1 54  ? 10.374  1.638   -6.250  1.00 0.00 ? 54  GLY A H    1 
ATOM 825  H HA2  . GLY A 1 54  ? 8.910   4.133   -5.718  1.00 0.00 ? 54  GLY A HA2  1 
ATOM 826  H HA3  . GLY A 1 54  ? 8.834   3.565   -7.386  1.00 0.00 ? 54  GLY A HA3  1 
ATOM 827  N N    . PHE A 1 55  ? 6.982   2.668   -5.094  1.00 0.00 ? 55  PHE A N    1 
ATOM 828  C CA   . PHE A 1 55  ? 5.879   1.752   -4.684  1.00 0.00 ? 55  PHE A CA   1 
ATOM 829  C C    . PHE A 1 55  ? 4.710   1.891   -5.662  1.00 0.00 ? 55  PHE A C    1 
ATOM 830  O O    . PHE A 1 55  ? 3.592   2.165   -5.273  1.00 0.00 ? 55  PHE A O    1 
ATOM 831  C CB   . PHE A 1 55  ? 5.411   2.115   -3.274  1.00 0.00 ? 55  PHE A CB   1 
ATOM 832  C CG   . PHE A 1 55  ? 5.194   0.852   -2.475  1.00 0.00 ? 55  PHE A CG   1 
ATOM 833  C CD1  . PHE A 1 55  ? 4.831   -0.334  -3.125  1.00 0.00 ? 55  PHE A CD1  1 
ATOM 834  C CD2  . PHE A 1 55  ? 5.356   0.867   -1.085  1.00 0.00 ? 55  PHE A CD2  1 
ATOM 835  C CE1  . PHE A 1 55  ? 4.630   -1.505  -2.384  1.00 0.00 ? 55  PHE A CE1  1 
ATOM 836  C CE2  . PHE A 1 55  ? 5.156   -0.304  -0.344  1.00 0.00 ? 55  PHE A CE2  1 
ATOM 837  C CZ   . PHE A 1 55  ? 4.792   -1.490  -0.993  1.00 0.00 ? 55  PHE A CZ   1 
ATOM 838  H H    . PHE A 1 55  ? 7.047   3.566   -4.702  1.00 0.00 ? 55  PHE A H    1 
ATOM 839  H HA   . PHE A 1 55  ? 6.237   0.732   -4.693  1.00 0.00 ? 55  PHE A HA   1 
ATOM 840  H HB2  . PHE A 1 55  ? 6.161   2.723   -2.791  1.00 0.00 ? 55  PHE A HB2  1 
ATOM 841  H HB3  . PHE A 1 55  ? 4.484   2.666   -3.333  1.00 0.00 ? 55  PHE A HB3  1 
ATOM 842  H HD1  . PHE A 1 55  ? 4.705   -0.346  -4.197  1.00 0.00 ? 55  PHE A HD1  1 
ATOM 843  H HD2  . PHE A 1 55  ? 5.637   1.782   -0.583  1.00 0.00 ? 55  PHE A HD2  1 
ATOM 844  H HE1  . PHE A 1 55  ? 4.349   -2.420  -2.884  1.00 0.00 ? 55  PHE A HE1  1 
ATOM 845  H HE2  . PHE A 1 55  ? 5.280   -0.292  0.729   1.00 0.00 ? 55  PHE A HE2  1 
ATOM 846  H HZ   . PHE A 1 55  ? 4.638   -2.393  -0.421  1.00 0.00 ? 55  PHE A HZ   1 
ATOM 847  N N    . GLU A 1 56  ? 4.959   1.706   -6.931  1.00 0.00 ? 56  GLU A N    1 
ATOM 848  C CA   . GLU A 1 56  ? 3.866   1.827   -7.938  1.00 0.00 ? 56  GLU A CA   1 
ATOM 849  C C    . GLU A 1 56  ? 2.603   1.145   -7.412  1.00 0.00 ? 56  GLU A C    1 
ATOM 850  O O    . GLU A 1 56  ? 2.517   -0.067  -7.363  1.00 0.00 ? 56  GLU A O    1 
ATOM 851  C CB   . GLU A 1 56  ? 4.298   1.156   -9.244  1.00 0.00 ? 56  GLU A CB   1 
ATOM 852  C CG   . GLU A 1 56  ? 5.746   1.537   -9.560  1.00 0.00 ? 56  GLU A CG   1 
ATOM 853  C CD   . GLU A 1 56  ? 5.904   1.735   -11.069 1.00 0.00 ? 56  GLU A CD   1 
ATOM 854  O OE1  . GLU A 1 56  ? 5.882   0.744   -11.782 1.00 0.00 ? 56  GLU A OE1  1 
ATOM 855  O OE2  . GLU A 1 56  ? 6.044   2.872   -11.486 1.00 0.00 ? 56  GLU A OE2  1 
ATOM 856  H H    . GLU A 1 56  ? 5.869   1.486   -7.223  1.00 0.00 ? 56  GLU A H    1 
ATOM 857  H HA   . GLU A 1 56  ? 3.659   2.869   -8.125  1.00 0.00 ? 56  GLU A HA   1 
ATOM 858  H HB2  . GLU A 1 56  ? 4.222   0.083   -9.139  1.00 0.00 ? 56  GLU A HB2  1 
ATOM 859  H HB3  . GLU A 1 56  ? 3.658   1.485   -10.048 1.00 0.00 ? 56  GLU A HB3  1 
ATOM 860  H HG2  . GLU A 1 56  ? 5.996   2.455   -9.047  1.00 0.00 ? 56  GLU A HG2  1 
ATOM 861  H HG3  . GLU A 1 56  ? 6.406   0.749   -9.231  1.00 0.00 ? 56  GLU A HG3  1 
ATOM 862  N N    . VAL A 1 57  ? 1.617   1.908   -7.024  1.00 0.00 ? 57  VAL A N    1 
ATOM 863  C CA   . VAL A 1 57  ? 0.362   1.287   -6.511  1.00 0.00 ? 57  VAL A CA   1 
ATOM 864  C C    . VAL A 1 57  ? -0.605  1.076   -7.678  1.00 0.00 ? 57  VAL A C    1 
ATOM 865  O O    . VAL A 1 57  ? -1.644  1.703   -7.757  1.00 0.00 ? 57  VAL A O    1 
ATOM 866  C CB   . VAL A 1 57  ? -0.285  2.201   -5.468  1.00 0.00 ? 57  VAL A CB   1 
ATOM 867  C CG1  . VAL A 1 57  ? -1.188  1.369   -4.557  1.00 0.00 ? 57  VAL A CG1  1 
ATOM 868  C CG2  . VAL A 1 57  ? 0.802   2.871   -4.624  1.00 0.00 ? 57  VAL A CG2  1 
ATOM 869  H H    . VAL A 1 57  ? 1.699   2.886   -7.076  1.00 0.00 ? 57  VAL A H    1 
ATOM 870  H HA   . VAL A 1 57  ? 0.594   0.332   -6.059  1.00 0.00 ? 57  VAL A HA   1 
ATOM 871  H HB   . VAL A 1 57  ? -0.877  2.955   -5.967  1.00 0.00 ? 57  VAL A HB   1 
ATOM 872  H HG11 . VAL A 1 57  ? -1.782  0.696   -5.158  1.00 0.00 ? 57  VAL A HG11 1 
ATOM 873  H HG12 . VAL A 1 57  ? -0.579  0.798   -3.872  1.00 0.00 ? 57  VAL A HG12 1 
ATOM 874  H HG13 . VAL A 1 57  ? -1.840  2.025   -4.001  1.00 0.00 ? 57  VAL A HG13 1 
ATOM 875  H HG21 . VAL A 1 57  ? 1.588   3.234   -5.266  1.00 0.00 ? 57  VAL A HG21 1 
ATOM 876  H HG22 . VAL A 1 57  ? 0.373   3.699   -4.078  1.00 0.00 ? 57  VAL A HG22 1 
ATOM 877  H HG23 . VAL A 1 57  ? 1.209   2.154   -3.927  1.00 0.00 ? 57  VAL A HG23 1 
ATOM 878  N N    . GLN A 1 58  ? -0.269  0.200   -8.588  1.00 0.00 ? 58  GLN A N    1 
ATOM 879  C CA   . GLN A 1 58  ? -1.161  -0.051  -9.755  1.00 0.00 ? 58  GLN A CA   1 
ATOM 880  C C    . GLN A 1 58  ? -2.617  -0.115  -9.293  1.00 0.00 ? 58  GLN A C    1 
ATOM 881  O O    . GLN A 1 58  ? -3.017  -1.027  -8.596  1.00 0.00 ? 58  GLN A O    1 
ATOM 882  C CB   . GLN A 1 58  ? -0.777  -1.379  -10.411 1.00 0.00 ? 58  GLN A CB   1 
ATOM 883  C CG   . GLN A 1 58  ? 0.503   -1.194  -11.228 1.00 0.00 ? 58  GLN A CG   1 
ATOM 884  C CD   . GLN A 1 58  ? 0.880   -2.520  -11.893 1.00 0.00 ? 58  GLN A CD   1 
ATOM 885  O OE1  . GLN A 1 58  ? 0.403   -2.832  -12.966 1.00 0.00 ? 58  GLN A OE1  1 
ATOM 886  N NE2  . GLN A 1 58  ? 1.723   -3.317  -11.296 1.00 0.00 ? 58  GLN A NE2  1 
ATOM 887  H H    . GLN A 1 58  ? 0.576   -0.289  -8.503  1.00 0.00 ? 58  GLN A H    1 
ATOM 888  H HA   . GLN A 1 58  ? -1.047  0.748   -10.472 1.00 0.00 ? 58  GLN A HA   1 
ATOM 889  H HB2  . GLN A 1 58  ? -0.612  -2.123  -9.645  1.00 0.00 ? 58  GLN A HB2  1 
ATOM 890  H HB3  . GLN A 1 58  ? -1.574  -1.703  -11.062 1.00 0.00 ? 58  GLN A HB3  1 
ATOM 891  H HG2  . GLN A 1 58  ? 0.339   -0.443  -11.988 1.00 0.00 ? 58  GLN A HG2  1 
ATOM 892  H HG3  . GLN A 1 58  ? 1.304   -0.880  -10.577 1.00 0.00 ? 58  GLN A HG3  1 
ATOM 893  H HE21 . GLN A 1 58  ? 2.108   -3.065  -10.432 1.00 0.00 ? 58  GLN A HE21 1 
ATOM 894  H HE22 . GLN A 1 58  ? 1.971   -4.169  -11.715 1.00 0.00 ? 58  GLN A HE22 1 
ATOM 895  N N    . GLU A 1 59  ? -3.414  0.846   -9.679  1.00 0.00 ? 59  GLU A N    1 
ATOM 896  C CA   . GLU A 1 59  ? -4.847  0.846   -9.268  1.00 0.00 ? 59  GLU A CA   1 
ATOM 897  C C    . GLU A 1 59  ? -4.958  0.442   -7.798  1.00 0.00 ? 59  GLU A C    1 
ATOM 898  O O    . GLU A 1 59  ? -5.278  -0.685  -7.479  1.00 0.00 ? 59  GLU A O    1 
ATOM 899  C CB   . GLU A 1 59  ? -5.624  -0.149  -10.132 1.00 0.00 ? 59  GLU A CB   1 
ATOM 900  C CG   . GLU A 1 59  ? -5.163  -0.032  -11.586 1.00 0.00 ? 59  GLU A CG   1 
ATOM 901  C CD   . GLU A 1 59  ? -5.991  -0.975  -12.461 1.00 0.00 ? 59  GLU A CD   1 
ATOM 902  O OE1  . GLU A 1 59  ? -7.103  -0.610  -12.804 1.00 0.00 ? 59  GLU A OE1  1 
ATOM 903  O OE2  . GLU A 1 59  ? -5.497  -2.047  -12.773 1.00 0.00 ? 59  GLU A OE2  1 
ATOM 904  H H    . GLU A 1 59  ? -3.067  1.569   -10.243 1.00 0.00 ? 59  GLU A H    1 
ATOM 905  H HA   . GLU A 1 59  ? -5.258  1.836   -9.400  1.00 0.00 ? 59  GLU A HA   1 
ATOM 906  H HB2  . GLU A 1 59  ? -5.442  -1.153  -9.775  1.00 0.00 ? 59  GLU A HB2  1 
ATOM 907  H HB3  . GLU A 1 59  ? -6.679  0.069   -10.071 1.00 0.00 ? 59  GLU A HB3  1 
ATOM 908  H HG2  . GLU A 1 59  ? -5.298  0.986   -11.925 1.00 0.00 ? 59  GLU A HG2  1 
ATOM 909  H HG3  . GLU A 1 59  ? -4.120  -0.300  -11.656 1.00 0.00 ? 59  GLU A HG3  1 
ATOM 910  N N    . GLU A 1 60  ? -4.694  1.354   -6.902  1.00 0.00 ? 60  GLU A N    1 
ATOM 911  C CA   . GLU A 1 60  ? -4.780  1.028   -5.449  1.00 0.00 ? 60  GLU A CA   1 
ATOM 912  C C    . GLU A 1 60  ? -4.243  2.213   -4.642  1.00 0.00 ? 60  GLU A C    1 
ATOM 913  O O    . GLU A 1 60  ? -4.088  3.300   -5.157  1.00 0.00 ? 60  GLU A O    1 
ATOM 914  C CB   . GLU A 1 60  ? -3.928  -0.213  -5.156  1.00 0.00 ? 60  GLU A CB   1 
ATOM 915  C CG   . GLU A 1 60  ? -4.824  -1.453  -5.089  1.00 0.00 ? 60  GLU A CG   1 
ATOM 916  C CD   . GLU A 1 60  ? -4.226  -2.562  -5.957  1.00 0.00 ? 60  GLU A CD   1 
ATOM 917  O OE1  . GLU A 1 60  ? -3.012  -2.606  -6.076  1.00 0.00 ? 60  GLU A OE1  1 
ATOM 918  O OE2  . GLU A 1 60  ? -4.992  -3.348  -6.489  1.00 0.00 ? 60  GLU A OE2  1 
ATOM 919  H H    . GLU A 1 60  ? -4.437  2.256   -7.185  1.00 0.00 ? 60  GLU A H    1 
ATOM 920  H HA   . GLU A 1 60  ? -5.806  0.839   -5.180  1.00 0.00 ? 60  GLU A HA   1 
ATOM 921  H HB2  . GLU A 1 60  ? -3.196  -0.337  -5.941  1.00 0.00 ? 60  GLU A HB2  1 
ATOM 922  H HB3  . GLU A 1 60  ? -3.422  -0.087  -4.211  1.00 0.00 ? 60  GLU A HB3  1 
ATOM 923  H HG2  . GLU A 1 60  ? -4.893  -1.792  -4.066  1.00 0.00 ? 60  GLU A HG2  1 
ATOM 924  H HG3  . GLU A 1 60  ? -5.809  -1.206  -5.454  1.00 0.00 ? 60  GLU A HG3  1 
ATOM 925  N N    . GLY A 1 61  ? -3.949  2.017   -3.386  1.00 0.00 ? 61  GLY A N    1 
ATOM 926  C CA   . GLY A 1 61  ? -3.406  3.144   -2.573  1.00 0.00 ? 61  GLY A CA   1 
ATOM 927  C C    . GLY A 1 61  ? -4.510  3.785   -1.736  1.00 0.00 ? 61  GLY A C    1 
ATOM 928  O O    . GLY A 1 61  ? -4.788  4.960   -1.855  1.00 0.00 ? 61  GLY A O    1 
ATOM 929  H H    . GLY A 1 61  ? -4.074  1.130   -2.980  1.00 0.00 ? 61  GLY A H    1 
ATOM 930  H HA2  . GLY A 1 61  ? -2.639  2.769   -1.916  1.00 0.00 ? 61  GLY A HA2  1 
ATOM 931  H HA3  . GLY A 1 61  ? -2.977  3.887   -3.227  1.00 0.00 ? 61  GLY A HA3  1 
ATOM 932  N N    . TYR A 1 62  ? -5.120  3.031   -0.866  1.00 0.00 ? 62  TYR A N    1 
ATOM 933  C CA   . TYR A 1 62  ? -6.179  3.607   0.005   1.00 0.00 ? 62  TYR A CA   1 
ATOM 934  C C    . TYR A 1 62  ? -5.511  4.143   1.275   1.00 0.00 ? 62  TYR A C    1 
ATOM 935  O O    . TYR A 1 62  ? -6.164  4.587   2.197   1.00 0.00 ? 62  TYR A O    1 
ATOM 936  C CB   . TYR A 1 62  ? -7.192  2.517   0.376   1.00 0.00 ? 62  TYR A CB   1 
ATOM 937  C CG   . TYR A 1 62  ? -8.048  2.982   1.531   1.00 0.00 ? 62  TYR A CG   1 
ATOM 938  C CD1  . TYR A 1 62  ? -9.186  3.761   1.291   1.00 0.00 ? 62  TYR A CD1  1 
ATOM 939  C CD2  . TYR A 1 62  ? -7.703  2.632   2.842   1.00 0.00 ? 62  TYR A CD2  1 
ATOM 940  C CE1  . TYR A 1 62  ? -9.979  4.191   2.362   1.00 0.00 ? 62  TYR A CE1  1 
ATOM 941  C CE2  . TYR A 1 62  ? -8.496  3.062   3.913   1.00 0.00 ? 62  TYR A CE2  1 
ATOM 942  C CZ   . TYR A 1 62  ? -9.633  3.842   3.673   1.00 0.00 ? 62  TYR A CZ   1 
ATOM 943  O OH   . TYR A 1 62  ? -10.415 4.265   4.728   1.00 0.00 ? 62  TYR A OH   1 
ATOM 944  H H    . TYR A 1 62  ? -4.867  2.095   -0.772  1.00 0.00 ? 62  TYR A H    1 
ATOM 945  H HA   . TYR A 1 62  ? -6.677  4.409   -0.512  1.00 0.00 ? 62  TYR A HA   1 
ATOM 946  H HB2  . TYR A 1 62  ? -7.822  2.310   -0.477  1.00 0.00 ? 62  TYR A HB2  1 
ATOM 947  H HB3  . TYR A 1 62  ? -6.665  1.620   0.659   1.00 0.00 ? 62  TYR A HB3  1 
ATOM 948  H HD1  . TYR A 1 62  ? -9.452  4.031   0.280   1.00 0.00 ? 62  TYR A HD1  1 
ATOM 949  H HD2  . TYR A 1 62  ? -6.825  2.031   3.028   1.00 0.00 ? 62  TYR A HD2  1 
ATOM 950  H HE1  . TYR A 1 62  ? -10.856 4.793   2.176   1.00 0.00 ? 62  TYR A HE1  1 
ATOM 951  H HE2  . TYR A 1 62  ? -8.229  2.793   4.925   1.00 0.00 ? 62  TYR A HE2  1 
ATOM 952  H HH   . TYR A 1 62  ? -9.899  4.883   5.251   1.00 0.00 ? 62  TYR A HH   1 
ATOM 953  N N    . LEU A 1 63  ? -4.204  4.099   1.324   1.00 0.00 ? 63  LEU A N    1 
ATOM 954  C CA   . LEU A 1 63  ? -3.481  4.593   2.523   1.00 0.00 ? 63  LEU A CA   1 
ATOM 955  C C    . LEU A 1 63  ? -3.997  3.863   3.761   1.00 0.00 ? 63  LEU A C    1 
ATOM 956  O O    . LEU A 1 63  ? -4.702  4.424   4.579   1.00 0.00 ? 63  LEU A O    1 
ATOM 957  C CB   . LEU A 1 63  ? -3.699  6.095   2.681   1.00 0.00 ? 63  LEU A CB   1 
ATOM 958  C CG   . LEU A 1 63  ? -2.503  6.689   3.419   1.00 0.00 ? 63  LEU A CG   1 
ATOM 959  C CD1  . LEU A 1 63  ? -2.299  8.141   2.995   1.00 0.00 ? 63  LEU A CD1  1 
ATOM 960  C CD2  . LEU A 1 63  ? -2.751  6.619   4.931   1.00 0.00 ? 63  LEU A CD2  1 
ATOM 961  H H    . LEU A 1 63  ? -3.697  3.735   0.570   1.00 0.00 ? 63  LEU A H    1 
ATOM 962  H HA   . LEU A 1 63  ? -2.425  4.396   2.408   1.00 0.00 ? 63  LEU A HA   1 
ATOM 963  H HB2  . LEU A 1 63  ? -3.790  6.553   1.706   1.00 0.00 ? 63  LEU A HB2  1 
ATOM 964  H HB3  . LEU A 1 63  ? -4.596  6.272   3.249   1.00 0.00 ? 63  LEU A HB3  1 
ATOM 965  H HG   . LEU A 1 63  ? -1.621  6.122   3.168   1.00 0.00 ? 63  LEU A HG   1 
ATOM 966  H HD11 . LEU A 1 63  ? -2.930  8.359   2.148   1.00 0.00 ? 63  LEU A HD11 1 
ATOM 967  H HD12 . LEU A 1 63  ? -2.553  8.793   3.815   1.00 0.00 ? 63  LEU A HD12 1 
ATOM 968  H HD13 . LEU A 1 63  ? -1.265  8.293   2.721   1.00 0.00 ? 63  LEU A HD13 1 
ATOM 969  H HD21 . LEU A 1 63  ? -3.802  6.729   5.129   1.00 0.00 ? 63  LEU A HD21 1 
ATOM 970  H HD22 . LEU A 1 63  ? -2.418  5.666   5.313   1.00 0.00 ? 63  LEU A HD22 1 
ATOM 971  H HD23 . LEU A 1 63  ? -2.210  7.414   5.422   1.00 0.00 ? 63  LEU A HD23 1 
ATOM 972  N N    . ALA A 1 64  ? -3.645  2.612   3.897   1.00 0.00 ? 64  ALA A N    1 
ATOM 973  C CA   . ALA A 1 64  ? -4.104  1.821   5.072   1.00 0.00 ? 64  ALA A CA   1 
ATOM 974  C C    . ALA A 1 64  ? -3.139  2.033   6.240   1.00 0.00 ? 64  ALA A C    1 
ATOM 975  O O    . ALA A 1 64  ? -3.504  2.564   7.270   1.00 0.00 ? 64  ALA A O    1 
ATOM 976  C CB   . ALA A 1 64  ? -4.132  0.337   4.700   1.00 0.00 ? 64  ALA A CB   1 
ATOM 977  H H    . ALA A 1 64  ? -3.077  2.190   3.219   1.00 0.00 ? 64  ALA A H    1 
ATOM 978  H HA   . ALA A 1 64  ? -5.095  2.139   5.359   1.00 0.00 ? 64  ALA A HA   1 
ATOM 979  H HB1  . ALA A 1 64  ? -3.555  0.181   3.801   1.00 0.00 ? 64  ALA A HB1  1 
ATOM 980  H HB2  . ALA A 1 64  ? -3.706  -0.244  5.505   1.00 0.00 ? 64  ALA A HB2  1 
ATOM 981  H HB3  . ALA A 1 64  ? -5.152  0.027   4.532   1.00 0.00 ? 64  ALA A HB3  1 
ATOM 982  N N    . LYS A 1 65  ? -1.910  1.619   6.092   1.00 0.00 ? 65  LYS A N    1 
ATOM 983  C CA   . LYS A 1 65  ? -0.930  1.798   7.198   1.00 0.00 ? 65  LYS A CA   1 
ATOM 984  C C    . LYS A 1 65  ? 0.176   2.755   6.752   1.00 0.00 ? 65  LYS A C    1 
ATOM 985  O O    . LYS A 1 65  ? 1.349   2.480   6.905   1.00 0.00 ? 65  LYS A O    1 
ATOM 986  C CB   . LYS A 1 65  ? -0.317  0.446   7.567   1.00 0.00 ? 65  LYS A CB   1 
ATOM 987  C CG   . LYS A 1 65  ? 0.196   0.494   9.008   1.00 0.00 ? 65  LYS A CG   1 
ATOM 988  C CD   . LYS A 1 65  ? 0.471   -0.929  9.500   1.00 0.00 ? 65  LYS A CD   1 
ATOM 989  C CE   . LYS A 1 65  ? 1.894   -1.336  9.113   1.00 0.00 ? 65  LYS A CE   1 
ATOM 990  N NZ   . LYS A 1 65  ? 2.466   -2.210  10.175  1.00 0.00 ? 65  LYS A NZ   1 
ATOM 991  H H    . LYS A 1 65  ? -1.631  1.191   5.254   1.00 0.00 ? 65  LYS A H    1 
ATOM 992  H HA   . LYS A 1 65  ? -1.433  2.210   8.059   1.00 0.00 ? 65  LYS A HA   1 
ATOM 993  H HB2  . LYS A 1 65  ? -1.069  -0.325  7.476   1.00 0.00 ? 65  LYS A HB2  1 
ATOM 994  H HB3  . LYS A 1 65  ? 0.505   0.228   6.902   1.00 0.00 ? 65  LYS A HB3  1 
ATOM 995  H HG2  . LYS A 1 65  ? 1.107   1.072   9.047   1.00 0.00 ? 65  LYS A HG2  1 
ATOM 996  H HG3  . LYS A 1 65  ? -0.550  0.952   9.640   1.00 0.00 ? 65  LYS A HG3  1 
ATOM 997  H HD2  . LYS A 1 65  ? 0.364   -0.965  10.574  1.00 0.00 ? 65  LYS A HD2  1 
ATOM 998  H HD3  . LYS A 1 65  ? -0.231  -1.610  9.044   1.00 0.00 ? 65  LYS A HD3  1 
ATOM 999  H HE2  . LYS A 1 65  ? 1.873   -1.874  8.178   1.00 0.00 ? 65  LYS A HE2  1 
ATOM 1000 H HE3  . LYS A 1 65  ? 2.505   -0.452  9.007   1.00 0.00 ? 65  LYS A HE3  1 
ATOM 1001 H HZ1  . LYS A 1 65  ? 1.833   -3.018  10.339  1.00 0.00 ? 65  LYS A HZ1  1 
ATOM 1002 H HZ2  . LYS A 1 65  ? 3.401   -2.555  9.874   1.00 0.00 ? 65  LYS A HZ2  1 
ATOM 1003 H HZ3  . LYS A 1 65  ? 2.565   -1.667  11.057  1.00 0.00 ? 65  LYS A HZ3  1 
ATOM 1004 N N    . ILE A 1 66  ? -0.190  3.885   6.211   1.00 0.00 ? 66  ILE A N    1 
ATOM 1005 C CA   . ILE A 1 66  ? 0.839   4.864   5.769   1.00 0.00 ? 66  ILE A CA   1 
ATOM 1006 C C    . ILE A 1 66  ? 1.320   5.625   7.014   1.00 0.00 ? 66  ILE A C    1 
ATOM 1007 O O    . ILE A 1 66  ? 0.642   6.494   7.525   1.00 0.00 ? 66  ILE A O    1 
ATOM 1008 C CB   . ILE A 1 66  ? 0.207   5.798   4.704   1.00 0.00 ? 66  ILE A CB   1 
ATOM 1009 C CG1  . ILE A 1 66  ? 0.948   5.676   3.362   1.00 0.00 ? 66  ILE A CG1  1 
ATOM 1010 C CG2  . ILE A 1 66  ? 0.206   7.265   5.143   1.00 0.00 ? 66  ILE A CG2  1 
ATOM 1011 C CD1  . ILE A 1 66  ? 0.539   4.372   2.675   1.00 0.00 ? 66  ILE A CD1  1 
ATOM 1012 H H    . ILE A 1 66  ? -1.142  4.091   6.103   1.00 0.00 ? 66  ILE A H    1 
ATOM 1013 H HA   . ILE A 1 66  ? 1.662   4.332   5.341   1.00 0.00 ? 66  ILE A HA   1 
ATOM 1014 H HB   . ILE A 1 66  ? -0.806  5.489   4.559   1.00 0.00 ? 66  ILE A HB   1 
ATOM 1015 H HG12 . ILE A 1 66  ? 0.684   6.510   2.732   1.00 0.00 ? 66  ILE A HG12 1 
ATOM 1016 H HG13 . ILE A 1 66  ? 2.010   5.679   3.519   1.00 0.00 ? 66  ILE A HG13 1 
ATOM 1017 H HG21 . ILE A 1 66  ? 1.207   7.560   5.415   1.00 0.00 ? 66  ILE A HG21 1 
ATOM 1018 H HG22 . ILE A 1 66  ? -0.144  7.881   4.327   1.00 0.00 ? 66  ILE A HG22 1 
ATOM 1019 H HG23 . ILE A 1 66  ? -0.452  7.386   5.991   1.00 0.00 ? 66  ILE A HG23 1 
ATOM 1020 H HD11 . ILE A 1 66  ? -0.041  3.771   3.359   1.00 0.00 ? 66  ILE A HD11 1 
ATOM 1021 H HD12 . ILE A 1 66  ? -0.054  4.597   1.800   1.00 0.00 ? 66  ILE A HD12 1 
ATOM 1022 H HD13 . ILE A 1 66  ? 1.424   3.828   2.379   1.00 0.00 ? 66  ILE A HD13 1 
ATOM 1023 N N    . LEU A 1 67  ? 2.471   5.280   7.534   1.00 0.00 ? 67  LEU A N    1 
ATOM 1024 C CA   . LEU A 1 67  ? 2.954   5.971   8.765   1.00 0.00 ? 67  LEU A CA   1 
ATOM 1025 C C    . LEU A 1 67  ? 4.306   6.630   8.506   1.00 0.00 ? 67  LEU A C    1 
ATOM 1026 O O    . LEU A 1 67  ? 4.675   7.586   9.158   1.00 0.00 ? 67  LEU A O    1 
ATOM 1027 C CB   . LEU A 1 67  ? 3.094   4.952   9.897   1.00 0.00 ? 67  LEU A CB   1 
ATOM 1028 C CG   . LEU A 1 67  ? 2.974   5.664   11.244  1.00 0.00 ? 67  LEU A CG   1 
ATOM 1029 C CD1  . LEU A 1 67  ? 1.700   5.202   11.955  1.00 0.00 ? 67  LEU A CD1  1 
ATOM 1030 C CD2  . LEU A 1 67  ? 4.190   5.327   12.109  1.00 0.00 ? 67  LEU A CD2  1 
ATOM 1031 H H    . LEU A 1 67  ? 3.005   4.554   7.129   1.00 0.00 ? 67  LEU A H    1 
ATOM 1032 H HA   . LEU A 1 67  ? 2.238   6.727   9.054   1.00 0.00 ? 67  LEU A HA   1 
ATOM 1033 H HB2  . LEU A 1 67  ? 2.315   4.208   9.811   1.00 0.00 ? 67  LEU A HB2  1 
ATOM 1034 H HB3  . LEU A 1 67  ? 4.059   4.472   9.831   1.00 0.00 ? 67  LEU A HB3  1 
ATOM 1035 H HG   . LEU A 1 67  ? 2.928   6.732   11.084  1.00 0.00 ? 67  LEU A HG   1 
ATOM 1036 H HD11 . LEU A 1 67  ? 0.986   4.855   11.224  1.00 0.00 ? 67  LEU A HD11 1 
ATOM 1037 H HD12 . LEU A 1 67  ? 1.939   4.396   12.635  1.00 0.00 ? 67  LEU A HD12 1 
ATOM 1038 H HD13 . LEU A 1 67  ? 1.278   6.026   12.510  1.00 0.00 ? 67  LEU A HD13 1 
ATOM 1039 H HD21 . LEU A 1 67  ? 4.257   4.256   12.235  1.00 0.00 ? 67  LEU A HD21 1 
ATOM 1040 H HD22 . LEU A 1 67  ? 5.086   5.690   11.628  1.00 0.00 ? 67  LEU A HD22 1 
ATOM 1041 H HD23 . LEU A 1 67  ? 4.086   5.797   13.076  1.00 0.00 ? 67  LEU A HD23 1 
ATOM 1042 N N    . VAL A 1 68  ? 5.050   6.129   7.564   1.00 0.00 ? 68  VAL A N    1 
ATOM 1043 C CA   . VAL A 1 68  ? 6.376   6.736   7.273   1.00 0.00 ? 68  VAL A CA   1 
ATOM 1044 C C    . VAL A 1 68  ? 6.308   7.463   5.928   1.00 0.00 ? 68  VAL A C    1 
ATOM 1045 O O    . VAL A 1 68  ? 6.411   6.844   4.887   1.00 0.00 ? 68  VAL A O    1 
ATOM 1046 C CB   . VAL A 1 68  ? 7.435   5.636   7.212   1.00 0.00 ? 68  VAL A CB   1 
ATOM 1047 C CG1  . VAL A 1 68  ? 8.731   6.204   6.631   1.00 0.00 ? 68  VAL A CG1  1 
ATOM 1048 C CG2  . VAL A 1 68  ? 7.700   5.107   8.623   1.00 0.00 ? 68  VAL A CG2  1 
ATOM 1049 H H    . VAL A 1 68  ? 4.737   5.358   7.046   1.00 0.00 ? 68  VAL A H    1 
ATOM 1050 H HA   . VAL A 1 68  ? 6.631   7.436   8.054   1.00 0.00 ? 68  VAL A HA   1 
ATOM 1051 H HB   . VAL A 1 68  ? 7.080   4.832   6.586   1.00 0.00 ? 68  VAL A HB   1 
ATOM 1052 H HG11 . VAL A 1 68  ? 8.708   7.281   6.686   1.00 0.00 ? 68  VAL A HG11 1 
ATOM 1053 H HG12 . VAL A 1 68  ? 9.572   5.832   7.198   1.00 0.00 ? 68  VAL A HG12 1 
ATOM 1054 H HG13 . VAL A 1 68  ? 8.829   5.898   5.600   1.00 0.00 ? 68  VAL A HG13 1 
ATOM 1055 H HG21 . VAL A 1 68  ? 7.325   5.815   9.349   1.00 0.00 ? 68  VAL A HG21 1 
ATOM 1056 H HG22 . VAL A 1 68  ? 7.199   4.159   8.753   1.00 0.00 ? 68  VAL A HG22 1 
ATOM 1057 H HG23 . VAL A 1 68  ? 8.763   4.976   8.766   1.00 0.00 ? 68  VAL A HG23 1 
ATOM 1058 N N    . PRO A 1 69  ? 6.126   8.757   5.989   1.00 0.00 ? 69  PRO A N    1 
ATOM 1059 C CA   . PRO A 1 69  ? 6.030   9.597   4.785   1.00 0.00 ? 69  PRO A CA   1 
ATOM 1060 C C    . PRO A 1 69  ? 7.412   9.810   4.168   1.00 0.00 ? 69  PRO A C    1 
ATOM 1061 O O    . PRO A 1 69  ? 8.430   9.627   4.812   1.00 0.00 ? 69  PRO A O    1 
ATOM 1062 C CB   . PRO A 1 69  ? 5.447   10.913  5.306   1.00 0.00 ? 69  PRO A CB   1 
ATOM 1063 C CG   . PRO A 1 69  ? 5.765   10.961  6.819   1.00 0.00 ? 69  PRO A CG   1 
ATOM 1064 C CD   . PRO A 1 69  ? 6.008   9.505   7.259   1.00 0.00 ? 69  PRO A CD   1 
ATOM 1065 H HA   . PRO A 1 69  ? 5.358   9.157   4.067   1.00 0.00 ? 69  PRO A HA   1 
ATOM 1066 H HB2  . PRO A 1 69  ? 5.910   11.750  4.800   1.00 0.00 ? 69  PRO A HB2  1 
ATOM 1067 H HB3  . PRO A 1 69  ? 4.380   10.933  5.158   1.00 0.00 ? 69  PRO A HB3  1 
ATOM 1068 H HG2  . PRO A 1 69  ? 6.650   11.557  6.993   1.00 0.00 ? 69  PRO A HG2  1 
ATOM 1069 H HG3  . PRO A 1 69  ? 4.927   11.370  7.362   1.00 0.00 ? 69  PRO A HG3  1 
ATOM 1070 H HD2  . PRO A 1 69  ? 6.923   9.432   7.831   1.00 0.00 ? 69  PRO A HD2  1 
ATOM 1071 H HD3  . PRO A 1 69  ? 5.171   9.137   7.831   1.00 0.00 ? 69  PRO A HD3  1 
ATOM 1072 N N    . GLU A 1 70  ? 7.456   10.191  2.924   1.00 0.00 ? 70  GLU A N    1 
ATOM 1073 C CA   . GLU A 1 70  ? 8.765   10.414  2.260   1.00 0.00 ? 70  GLU A CA   1 
ATOM 1074 C C    . GLU A 1 70  ? 9.695   11.181  3.203   1.00 0.00 ? 70  GLU A C    1 
ATOM 1075 O O    . GLU A 1 70  ? 9.318   12.175  3.791   1.00 0.00 ? 70  GLU A O    1 
ATOM 1076 C CB   . GLU A 1 70  ? 8.549   11.219  0.982   1.00 0.00 ? 70  GLU A CB   1 
ATOM 1077 C CG   . GLU A 1 70  ? 7.938   12.577  1.332   1.00 0.00 ? 70  GLU A CG   1 
ATOM 1078 C CD   . GLU A 1 70  ? 8.891   13.693  0.897   1.00 0.00 ? 70  GLU A CD   1 
ATOM 1079 O OE1  . GLU A 1 70  ? 8.806   14.103  -0.249  1.00 0.00 ? 70  GLU A OE1  1 
ATOM 1080 O OE2  . GLU A 1 70  ? 9.688   14.117  1.717   1.00 0.00 ? 70  GLU A OE2  1 
ATOM 1081 H H    . GLU A 1 70  ? 6.624   10.330  2.424   1.00 0.00 ? 70  GLU A H    1 
ATOM 1082 H HA   . GLU A 1 70  ? 9.208   9.463   2.014   1.00 0.00 ? 70  GLU A HA   1 
ATOM 1083 H HB2  . GLU A 1 70  ? 9.494   11.363  0.487   1.00 0.00 ? 70  GLU A HB2  1 
ATOM 1084 H HB3  . GLU A 1 70  ? 7.877   10.683  0.329   1.00 0.00 ? 70  GLU A HB3  1 
ATOM 1085 H HG2  . GLU A 1 70  ? 6.993   12.688  0.821   1.00 0.00 ? 70  GLU A HG2  1 
ATOM 1086 H HG3  . GLU A 1 70  ? 7.780   12.637  2.398   1.00 0.00 ? 70  GLU A HG3  1 
ATOM 1087 N N    . GLY A 1 71  ? 10.908  10.722  3.356   1.00 0.00 ? 71  GLY A N    1 
ATOM 1088 C CA   . GLY A 1 71  ? 11.862  11.419  4.263   1.00 0.00 ? 71  GLY A CA   1 
ATOM 1089 C C    . GLY A 1 71  ? 12.529  10.394  5.182   1.00 0.00 ? 71  GLY A C    1 
ATOM 1090 O O    . GLY A 1 71  ? 13.659  10.560  5.595   1.00 0.00 ? 71  GLY A O    1 
ATOM 1091 H H    . GLY A 1 71  ? 11.190  9.918   2.874   1.00 0.00 ? 71  GLY A H    1 
ATOM 1092 H HA2  . GLY A 1 71  ? 12.615  11.922  3.674   1.00 0.00 ? 71  GLY A HA2  1 
ATOM 1093 H HA3  . GLY A 1 71  ? 11.328  12.141  4.861   1.00 0.00 ? 71  GLY A HA3  1 
ATOM 1094 N N    . THR A 1 72  ? 11.837  9.335   5.508   1.00 0.00 ? 72  THR A N    1 
ATOM 1095 C CA   . THR A 1 72  ? 12.434  8.302   6.404   1.00 0.00 ? 72  THR A CA   1 
ATOM 1096 C C    . THR A 1 72  ? 13.574  7.580   5.677   1.00 0.00 ? 72  THR A C    1 
ATOM 1097 O O    . THR A 1 72  ? 13.443  7.180   4.537   1.00 0.00 ? 72  THR A O    1 
ATOM 1098 C CB   . THR A 1 72  ? 11.360  7.286   6.797   1.00 0.00 ? 72  THR A CB   1 
ATOM 1099 O OG1  . THR A 1 72  ? 10.445  7.895   7.699   1.00 0.00 ? 72  THR A OG1  1 
ATOM 1100 C CG2  . THR A 1 72  ? 12.015  6.079   7.470   1.00 0.00 ? 72  THR A CG2  1 
ATOM 1101 H H    . THR A 1 72  ? 10.924  9.219   5.166   1.00 0.00 ? 72  THR A H    1 
ATOM 1102 H HA   . THR A 1 72  ? 12.821  8.778   7.293   1.00 0.00 ? 72  THR A HA   1 
ATOM 1103 H HB   . THR A 1 72  ? 10.831  6.959   5.915   1.00 0.00 ? 72  THR A HB   1 
ATOM 1104 H HG1  . THR A 1 72  ? 10.080  8.673   7.272   1.00 0.00 ? 72  THR A HG1  1 
ATOM 1105 H HG21 . THR A 1 72  ? 12.715  6.421   8.219   1.00 0.00 ? 72  THR A HG21 1 
ATOM 1106 H HG22 . THR A 1 72  ? 11.255  5.471   7.938   1.00 0.00 ? 72  THR A HG22 1 
ATOM 1107 H HG23 . THR A 1 72  ? 12.539  5.494   6.729   1.00 0.00 ? 72  THR A HG23 1 
ATOM 1108 N N    . ARG A 1 73  ? 14.693  7.412   6.331   1.00 0.00 ? 73  ARG A N    1 
ATOM 1109 C CA   . ARG A 1 73  ? 15.845  6.717   5.685   1.00 0.00 ? 73  ARG A CA   1 
ATOM 1110 C C    . ARG A 1 73  ? 16.112  5.396   6.400   1.00 0.00 ? 73  ARG A C    1 
ATOM 1111 O O    . ARG A 1 73  ? 16.625  5.361   7.501   1.00 0.00 ? 73  ARG A O    1 
ATOM 1112 C CB   . ARG A 1 73  ? 17.089  7.604   5.771   1.00 0.00 ? 73  ARG A CB   1 
ATOM 1113 C CG   . ARG A 1 73  ? 18.300  6.838   5.234   1.00 0.00 ? 73  ARG A CG   1 
ATOM 1114 C CD   . ARG A 1 73  ? 19.396  6.802   6.302   1.00 0.00 ? 73  ARG A CD   1 
ATOM 1115 N NE   . ARG A 1 73  ? 20.522  5.950   5.829   1.00 0.00 ? 73  ARG A NE   1 
ATOM 1116 C CZ   . ARG A 1 73  ? 21.731  6.160   6.276   1.00 0.00 ? 73  ARG A CZ   1 
ATOM 1117 N NH1  . ARG A 1 73  ? 21.908  6.710   7.446   1.00 0.00 ? 73  ARG A NH1  1 
ATOM 1118 N NH2  . ARG A 1 73  ? 22.762  5.818   5.553   1.00 0.00 ? 73  ARG A NH2  1 
ATOM 1119 H H    . ARG A 1 73  ? 14.775  7.742   7.250   1.00 0.00 ? 73  ARG A H    1 
ATOM 1120 H HA   . ARG A 1 73  ? 15.618  6.514   4.650   1.00 0.00 ? 73  ARG A HA   1 
ATOM 1121 H HB2  . ARG A 1 73  ? 16.936  8.496   5.180   1.00 0.00 ? 73  ARG A HB2  1 
ATOM 1122 H HB3  . ARG A 1 73  ? 17.266  7.878   6.799   1.00 0.00 ? 73  ARG A HB3  1 
ATOM 1123 H HG2  . ARG A 1 73  ? 18.005  5.828   4.986   1.00 0.00 ? 73  ARG A HG2  1 
ATOM 1124 H HG3  . ARG A 1 73  ? 18.678  7.332   4.352   1.00 0.00 ? 73  ARG A HG3  1 
ATOM 1125 H HD2  . ARG A 1 73  ? 19.754  7.804   6.484   1.00 0.00 ? 73  ARG A HD2  1 
ATOM 1126 H HD3  . ARG A 1 73  ? 18.994  6.392   7.217   1.00 0.00 ? 73  ARG A HD3  1 
ATOM 1127 H HE   . ARG A 1 73  ? 20.357  5.232   5.183   1.00 0.00 ? 73  ARG A HE   1 
ATOM 1128 H HH11 . ARG A 1 73  ? 21.117  6.973   7.999   1.00 0.00 ? 73  ARG A HH11 1 
ATOM 1129 H HH12 . ARG A 1 73  ? 22.833  6.871   7.789   1.00 0.00 ? 73  ARG A HH12 1 
ATOM 1130 H HH21 . ARG A 1 73  ? 22.626  5.395   4.657   1.00 0.00 ? 73  ARG A HH21 1 
ATOM 1131 H HH22 . ARG A 1 73  ? 23.688  5.978   5.896   1.00 0.00 ? 73  ARG A HH22 1 
ATOM 1132 N N    . ASP A 1 74  ? 15.772  4.308   5.772   1.00 0.00 ? 74  ASP A N    1 
ATOM 1133 C CA   . ASP A 1 74  ? 16.008  2.980   6.392   1.00 0.00 ? 74  ASP A CA   1 
ATOM 1134 C C    . ASP A 1 74  ? 16.905  2.161   5.471   1.00 0.00 ? 74  ASP A C    1 
ATOM 1135 O O    . ASP A 1 74  ? 17.786  1.459   5.916   1.00 0.00 ? 74  ASP A O    1 
ATOM 1136 C CB   . ASP A 1 74  ? 14.672  2.259   6.581   1.00 0.00 ? 74  ASP A CB   1 
ATOM 1137 C CG   . ASP A 1 74  ? 13.937  2.850   7.786   1.00 0.00 ? 74  ASP A CG   1 
ATOM 1138 O OD1  . ASP A 1 74  ? 14.245  3.972   8.150   1.00 0.00 ? 74  ASP A OD1  1 
ATOM 1139 O OD2  . ASP A 1 74  ? 13.079  2.168   8.324   1.00 0.00 ? 74  ASP A OD2  1 
ATOM 1140 H H    . ASP A 1 74  ? 15.368  4.365   4.881   1.00 0.00 ? 74  ASP A H    1 
ATOM 1141 H HA   . ASP A 1 74  ? 16.490  3.105   7.349   1.00 0.00 ? 74  ASP A HA   1 
ATOM 1142 H HB2  . ASP A 1 74  ? 14.067  2.384   5.693   1.00 0.00 ? 74  ASP A HB2  1 
ATOM 1143 H HB3  . ASP A 1 74  ? 14.850  1.207   6.750   1.00 0.00 ? 74  ASP A HB3  1 
ATOM 1144 N N    . VAL A 1 75  ? 16.682  2.258   4.184   1.00 0.00 ? 75  VAL A N    1 
ATOM 1145 C CA   . VAL A 1 75  ? 17.509  1.498   3.199   1.00 0.00 ? 75  VAL A CA   1 
ATOM 1146 C C    . VAL A 1 75  ? 16.843  1.583   1.824   1.00 0.00 ? 75  VAL A C    1 
ATOM 1147 O O    . VAL A 1 75  ? 15.719  2.029   1.712   1.00 0.00 ? 75  VAL A O    1 
ATOM 1148 C CB   . VAL A 1 75  ? 17.636  0.027   3.614   1.00 0.00 ? 75  VAL A CB   1 
ATOM 1149 C CG1  . VAL A 1 75  ? 18.946  -0.163  4.376   1.00 0.00 ? 75  VAL A CG1  1 
ATOM 1150 C CG2  . VAL A 1 75  ? 16.461  -0.379  4.510   1.00 0.00 ? 75  VAL A CG2  1 
ATOM 1151 H H    . VAL A 1 75  ? 15.966  2.844   3.861   1.00 0.00 ? 75  VAL A H    1 
ATOM 1152 H HA   . VAL A 1 75  ? 18.494  1.941   3.146   1.00 0.00 ? 75  VAL A HA   1 
ATOM 1153 H HB   . VAL A 1 75  ? 17.643  -0.594  2.731   1.00 0.00 ? 75  VAL A HB   1 
ATOM 1154 H HG11 . VAL A 1 75  ? 19.496  0.767   4.375   1.00 0.00 ? 75  VAL A HG11 1 
ATOM 1155 H HG12 . VAL A 1 75  ? 18.730  -0.451  5.394   1.00 0.00 ? 75  VAL A HG12 1 
ATOM 1156 H HG13 . VAL A 1 75  ? 19.532  -0.930  3.897   1.00 0.00 ? 75  VAL A HG13 1 
ATOM 1157 H HG21 . VAL A 1 75  ? 15.650  0.323   4.381   1.00 0.00 ? 75  VAL A HG21 1 
ATOM 1158 H HG22 . VAL A 1 75  ? 16.126  -1.369  4.239   1.00 0.00 ? 75  VAL A HG22 1 
ATOM 1159 H HG23 . VAL A 1 75  ? 16.778  -0.377  5.543   1.00 0.00 ? 75  VAL A HG23 1 
ATOM 1160 N N    . PRO A 1 76  ? 17.560  1.166   0.813   1.00 0.00 ? 76  PRO A N    1 
ATOM 1161 C CA   . PRO A 1 76  ? 17.064  1.195   -0.573  1.00 0.00 ? 76  PRO A CA   1 
ATOM 1162 C C    . PRO A 1 76  ? 16.142  0.001   -0.855  1.00 0.00 ? 76  PRO A C    1 
ATOM 1163 O O    . PRO A 1 76  ? 15.761  -0.241  -1.983  1.00 0.00 ? 76  PRO A O    1 
ATOM 1164 C CB   . PRO A 1 76  ? 18.343  1.102   -1.408  1.00 0.00 ? 76  PRO A CB   1 
ATOM 1165 C CG   . PRO A 1 76  ? 19.417  0.458   -0.499  1.00 0.00 ? 76  PRO A CG   1 
ATOM 1166 C CD   . PRO A 1 76  ? 18.933  0.633   0.953   1.00 0.00 ? 76  PRO A CD   1 
ATOM 1167 H HA   . PRO A 1 76  ? 16.560  2.124   -0.778  1.00 0.00 ? 76  PRO A HA   1 
ATOM 1168 H HB2  . PRO A 1 76  ? 18.170  0.486   -2.278  1.00 0.00 ? 76  PRO A HB2  1 
ATOM 1169 H HB3  . PRO A 1 76  ? 18.664  2.087   -1.707  1.00 0.00 ? 76  PRO A HB3  1 
ATOM 1170 H HG2  . PRO A 1 76  ? 19.517  -0.593  -0.734  1.00 0.00 ? 76  PRO A HG2  1 
ATOM 1171 H HG3  . PRO A 1 76  ? 20.364  0.960   -0.630  1.00 0.00 ? 76  PRO A HG3  1 
ATOM 1172 H HD2  . PRO A 1 76  ? 18.925  -0.320  1.461   1.00 0.00 ? 76  PRO A HD2  1 
ATOM 1173 H HD3  . PRO A 1 76  ? 19.557  1.338   1.479   1.00 0.00 ? 76  PRO A HD3  1 
ATOM 1174 N N    . LEU A 1 77  ? 15.782  -0.749  0.151   1.00 0.00 ? 77  LEU A N    1 
ATOM 1175 C CA   . LEU A 1 77  ? 14.887  -1.920  -0.083  1.00 0.00 ? 77  LEU A CA   1 
ATOM 1176 C C    . LEU A 1 77  ? 14.040  -2.189  1.165   1.00 0.00 ? 77  LEU A C    1 
ATOM 1177 O O    . LEU A 1 77  ? 12.962  -1.654  1.321   1.00 0.00 ? 77  LEU A O    1 
ATOM 1178 C CB   . LEU A 1 77  ? 15.737  -3.157  -0.398  1.00 0.00 ? 77  LEU A CB   1 
ATOM 1179 C CG   . LEU A 1 77  ? 14.860  -4.414  -0.363  1.00 0.00 ? 77  LEU A CG   1 
ATOM 1180 C CD1  . LEU A 1 77  ? 14.824  -5.052  -1.751  1.00 0.00 ? 77  LEU A CD1  1 
ATOM 1181 C CD2  . LEU A 1 77  ? 15.444  -5.415  0.637   1.00 0.00 ? 77  LEU A CD2  1 
ATOM 1182 H H    . LEU A 1 77  ? 16.097  -0.545  1.055   1.00 0.00 ? 77  LEU A H    1 
ATOM 1183 H HA   . LEU A 1 77  ? 14.236  -1.712  -0.919  1.00 0.00 ? 77  LEU A HA   1 
ATOM 1184 H HB2  . LEU A 1 77  ? 16.174  -3.051  -1.381  1.00 0.00 ? 77  LEU A HB2  1 
ATOM 1185 H HB3  . LEU A 1 77  ? 16.524  -3.249  0.336   1.00 0.00 ? 77  LEU A HB3  1 
ATOM 1186 H HG   . LEU A 1 77  ? 13.857  -4.147  -0.065  1.00 0.00 ? 77  LEU A HG   1 
ATOM 1187 H HD11 . LEU A 1 77  ? 15.828  -5.127  -2.140  1.00 0.00 ? 77  LEU A HD11 1 
ATOM 1188 H HD12 . LEU A 1 77  ? 14.391  -6.040  -1.681  1.00 0.00 ? 77  LEU A HD12 1 
ATOM 1189 H HD13 . LEU A 1 77  ? 14.225  -4.443  -2.412  1.00 0.00 ? 77  LEU A HD13 1 
ATOM 1190 H HD21 . LEU A 1 77  ? 16.309  -4.981  1.118   1.00 0.00 ? 77  LEU A HD21 1 
ATOM 1191 H HD22 . LEU A 1 77  ? 14.700  -5.653  1.383   1.00 0.00 ? 77  LEU A HD22 1 
ATOM 1192 H HD23 . LEU A 1 77  ? 15.735  -6.316  0.118   1.00 0.00 ? 77  LEU A HD23 1 
ATOM 1193 N N    . GLY A 1 78  ? 14.517  -3.026  2.045   1.00 0.00 ? 78  GLY A N    1 
ATOM 1194 C CA   . GLY A 1 78  ? 13.747  -3.352  3.278   1.00 0.00 ? 78  GLY A CA   1 
ATOM 1195 C C    . GLY A 1 78  ? 13.076  -2.099  3.841   1.00 0.00 ? 78  GLY A C    1 
ATOM 1196 O O    . GLY A 1 78  ? 12.002  -2.178  4.392   1.00 0.00 ? 78  GLY A O    1 
ATOM 1197 H H    . GLY A 1 78  ? 15.382  -3.452  1.890   1.00 0.00 ? 78  GLY A H    1 
ATOM 1198 H HA2  . GLY A 1 78  ? 12.991  -4.087  3.041   1.00 0.00 ? 78  GLY A HA2  1 
ATOM 1199 H HA3  . GLY A 1 78  ? 14.418  -3.756  4.017   1.00 0.00 ? 78  GLY A HA3  1 
ATOM 1200 N N    . THR A 1 79  ? 13.710  -0.958  3.711   1.00 0.00 ? 79  THR A N    1 
ATOM 1201 C CA   . THR A 1 79  ? 13.134  0.323   4.241   1.00 0.00 ? 79  THR A CA   1 
ATOM 1202 C C    . THR A 1 79  ? 11.602  0.280   4.241   1.00 0.00 ? 79  THR A C    1 
ATOM 1203 O O    . THR A 1 79  ? 10.975  0.685   3.283   1.00 0.00 ? 79  THR A O    1 
ATOM 1204 C CB   . THR A 1 79  ? 13.598  1.478   3.354   1.00 0.00 ? 79  THR A CB   1 
ATOM 1205 O OG1  . THR A 1 79  ? 12.904  2.663   3.718   1.00 0.00 ? 79  THR A OG1  1 
ATOM 1206 C CG2  . THR A 1 79  ? 13.313  1.144   1.888   1.00 0.00 ? 79  THR A CG2  1 
ATOM 1207 H H    . THR A 1 79  ? 14.581  -0.940  3.265   1.00 0.00 ? 79  THR A H    1 
ATOM 1208 H HA   . THR A 1 79  ? 13.487  0.485   5.249   1.00 0.00 ? 79  THR A HA   1 
ATOM 1209 H HB   . THR A 1 79  ? 14.657  1.626   3.483   1.00 0.00 ? 79  THR A HB   1 
ATOM 1210 H HG1  . THR A 1 79  ? 12.787  3.193   2.926   1.00 0.00 ? 79  THR A HG1  1 
ATOM 1211 H HG21 . THR A 1 79  ? 12.452  0.495   1.826   1.00 0.00 ? 79  THR A HG21 1 
ATOM 1212 H HG22 . THR A 1 79  ? 13.116  2.056   1.343   1.00 0.00 ? 79  THR A HG22 1 
ATOM 1213 H HG23 . THR A 1 79  ? 14.168  0.645   1.458   1.00 0.00 ? 79  THR A HG23 1 
ATOM 1214 N N    . PRO A 1 80  ? 11.047  -0.208  5.325   1.00 0.00 ? 80  PRO A N    1 
ATOM 1215 C CA   . PRO A 1 80  ? 9.588   -0.326  5.488   1.00 0.00 ? 80  PRO A CA   1 
ATOM 1216 C C    . PRO A 1 80  ? 8.995   1.032   5.872   1.00 0.00 ? 80  PRO A C    1 
ATOM 1217 O O    . PRO A 1 80  ? 9.435   1.667   6.810   1.00 0.00 ? 80  PRO A O    1 
ATOM 1218 C CB   . PRO A 1 80  ? 9.438   -1.334  6.630   1.00 0.00 ? 80  PRO A CB   1 
ATOM 1219 C CG   . PRO A 1 80  ? 10.765  -1.311  7.418   1.00 0.00 ? 80  PRO A CG   1 
ATOM 1220 C CD   . PRO A 1 80  ? 11.822  -0.676  6.494   1.00 0.00 ? 80  PRO A CD   1 
ATOM 1221 H HA   . PRO A 1 80  ? 9.126   -0.715  4.590   1.00 0.00 ? 80  PRO A HA   1 
ATOM 1222 H HB2  . PRO A 1 80  ? 8.620   -1.042  7.274   1.00 0.00 ? 80  PRO A HB2  1 
ATOM 1223 H HB3  . PRO A 1 80  ? 9.269   -2.323  6.236   1.00 0.00 ? 80  PRO A HB3  1 
ATOM 1224 H HG2  . PRO A 1 80  ? 10.646  -0.721  8.315   1.00 0.00 ? 80  PRO A HG2  1 
ATOM 1225 H HG3  . PRO A 1 80  ? 11.058  -2.318  7.671   1.00 0.00 ? 80  PRO A HG3  1 
ATOM 1226 H HD2  . PRO A 1 80  ? 12.302  0.157   6.992   1.00 0.00 ? 80  PRO A HD2  1 
ATOM 1227 H HD3  . PRO A 1 80  ? 12.553  -1.409  6.195   1.00 0.00 ? 80  PRO A HD3  1 
ATOM 1228 N N    . LEU A 1 81  ? 8.003   1.483   5.157   1.00 0.00 ? 81  LEU A N    1 
ATOM 1229 C CA   . LEU A 1 81  ? 7.395   2.794   5.488   1.00 0.00 ? 81  LEU A CA   1 
ATOM 1230 C C    . LEU A 1 81  ? 5.860   2.698   5.528   1.00 0.00 ? 81  LEU A C    1 
ATOM 1231 O O    . LEU A 1 81  ? 5.235   3.260   6.416   1.00 0.00 ? 81  LEU A O    1 
ATOM 1232 C CB   . LEU A 1 81  ? 7.846   3.857   4.462   1.00 0.00 ? 81  LEU A CB   1 
ATOM 1233 C CG   . LEU A 1 81  ? 7.245   3.594   3.073   1.00 0.00 ? 81  LEU A CG   1 
ATOM 1234 C CD1  . LEU A 1 81  ? 7.159   4.911   2.301   1.00 0.00 ? 81  LEU A CD1  1 
ATOM 1235 C CD2  . LEU A 1 81  ? 8.135   2.624   2.299   1.00 0.00 ? 81  LEU A CD2  1 
ATOM 1236 H H    . LEU A 1 81  ? 7.664   0.964   4.413   1.00 0.00 ? 81  LEU A H    1 
ATOM 1237 H HA   . LEU A 1 81  ? 7.741   3.096   6.462   1.00 0.00 ? 81  LEU A HA   1 
ATOM 1238 H HB2  . LEU A 1 81  ? 7.530   4.831   4.800   1.00 0.00 ? 81  LEU A HB2  1 
ATOM 1239 H HB3  . LEU A 1 81  ? 8.924   3.841   4.389   1.00 0.00 ? 81  LEU A HB3  1 
ATOM 1240 H HG   . LEU A 1 81  ? 6.260   3.181   3.174   1.00 0.00 ? 81  LEU A HG   1 
ATOM 1241 H HD11 . LEU A 1 81  ? 7.485   5.723   2.933   1.00 0.00 ? 81  LEU A HD11 1 
ATOM 1242 H HD12 . LEU A 1 81  ? 7.794   4.858   1.427   1.00 0.00 ? 81  LEU A HD12 1 
ATOM 1243 H HD13 . LEU A 1 81  ? 6.138   5.081   1.993   1.00 0.00 ? 81  LEU A HD13 1 
ATOM 1244 H HD21 . LEU A 1 81  ? 8.688   2.008   2.993   1.00 0.00 ? 81  LEU A HD21 1 
ATOM 1245 H HD22 . LEU A 1 81  ? 7.519   1.995   1.672   1.00 0.00 ? 81  LEU A HD22 1 
ATOM 1246 H HD23 . LEU A 1 81  ? 8.824   3.182   1.682   1.00 0.00 ? 81  LEU A HD23 1 
ATOM 1247 N N    . CYS A 1 82  ? 5.222   2.027   4.587   1.00 0.00 ? 82  CYS A N    1 
ATOM 1248 C CA   . CYS A 1 82  ? 3.720   1.993   4.625   1.00 0.00 ? 82  CYS A CA   1 
ATOM 1249 C C    . CYS A 1 82  ? 3.138   0.756   3.913   1.00 0.00 ? 82  CYS A C    1 
ATOM 1250 O O    . CYS A 1 82  ? 3.704   0.219   2.988   1.00 0.00 ? 82  CYS A O    1 
ATOM 1251 C CB   . CYS A 1 82  ? 3.202   3.245   3.914   1.00 0.00 ? 82  CYS A CB   1 
ATOM 1252 S SG   . CYS A 1 82  ? 3.952   4.735   4.643   1.00 0.00 ? 82  CYS A SG   1 
ATOM 1253 H H    . CYS A 1 82  ? 5.721   1.582   3.855   1.00 0.00 ? 82  CYS A H    1 
ATOM 1254 H HA   . CYS A 1 82  ? 3.383   2.010   5.650   1.00 0.00 ? 82  CYS A HA   1 
ATOM 1255 H HB2  . CYS A 1 82  ? 3.461   3.186   2.869   1.00 0.00 ? 82  CYS A HB2  1 
ATOM 1256 H HB3  . CYS A 1 82  ? 2.130   3.291   4.010   1.00 0.00 ? 82  CYS A HB3  1 
ATOM 1257 H HG   . CYS A 1 82  ? 3.390   5.030   5.363   1.00 0.00 ? 82  CYS A HG   1 
ATOM 1258 N N    . ILE A 1 83  ? 1.981   0.313   4.326   1.00 0.00 ? 83  ILE A N    1 
ATOM 1259 C CA   . ILE A 1 83  ? 1.355   -0.867  3.656   1.00 0.00 ? 83  ILE A CA   1 
ATOM 1260 C C    . ILE A 1 83  ? 0.164   -0.402  2.827   1.00 0.00 ? 83  ILE A C    1 
ATOM 1261 O O    . ILE A 1 83  ? -0.830  0.074   3.339   1.00 0.00 ? 83  ILE A O    1 
ATOM 1262 C CB   . ILE A 1 83  ? 0.902   -1.884  4.706   1.00 0.00 ? 83  ILE A CB   1 
ATOM 1263 C CG1  . ILE A 1 83  ? 0.610   -3.222  4.023   1.00 0.00 ? 83  ILE A CG1  1 
ATOM 1264 C CG2  . ILE A 1 83  ? -0.365  -1.382  5.402   1.00 0.00 ? 83  ILE A CG2  1 
ATOM 1265 C CD1  . ILE A 1 83  ? 1.716   -4.223  4.364   1.00 0.00 ? 83  ILE A CD1  1 
ATOM 1266 H H    . ILE A 1 83  ? 1.516   0.766   5.062   1.00 0.00 ? 83  ILE A H    1 
ATOM 1267 H HA   . ILE A 1 83  ? 2.073   -1.329  2.989   1.00 0.00 ? 83  ILE A HA   1 
ATOM 1268 H HB   . ILE A 1 83  ? 1.684   -2.017  5.439   1.00 0.00 ? 83  ILE A HB   1 
ATOM 1269 H HG12 . ILE A 1 83  ? -0.341  -3.603  4.370   1.00 0.00 ? 83  ILE A HG12 1 
ATOM 1270 H HG13 . ILE A 1 83  ? 0.572   -3.080  2.954   1.00 0.00 ? 83  ILE A HG13 1 
ATOM 1271 H HG21 . ILE A 1 83  ? -0.398  -0.305  5.356   1.00 0.00 ? 83  ILE A HG21 1 
ATOM 1272 H HG22 . ILE A 1 83  ? -1.233  -1.790  4.905   1.00 0.00 ? 83  ILE A HG22 1 
ATOM 1273 H HG23 . ILE A 1 83  ? -0.359  -1.699  6.433   1.00 0.00 ? 83  ILE A HG23 1 
ATOM 1274 H HD11 . ILE A 1 83  ? 2.422   -3.762  5.039   1.00 0.00 ? 83  ILE A HD11 1 
ATOM 1275 H HD12 . ILE A 1 83  ? 1.283   -5.092  4.836   1.00 0.00 ? 83  ILE A HD12 1 
ATOM 1276 H HD13 . ILE A 1 83  ? 2.224   -4.519  3.459   1.00 0.00 ? 83  ILE A HD13 1 
ATOM 1277 N N    . ILE A 1 84  ? 0.272   -0.536  1.540   1.00 0.00 ? 84  ILE A N    1 
ATOM 1278 C CA   . ILE A 1 84  ? -0.834  -0.103  0.641   1.00 0.00 ? 84  ILE A CA   1 
ATOM 1279 C C    . ILE A 1 84  ? -1.815  -1.258  0.430   1.00 0.00 ? 84  ILE A C    1 
ATOM 1280 O O    . ILE A 1 84  ? -1.510  -2.403  0.703   1.00 0.00 ? 84  ILE A O    1 
ATOM 1281 C CB   . ILE A 1 84  ? -0.250  0.315   -0.707  1.00 0.00 ? 84  ILE A CB   1 
ATOM 1282 C CG1  . ILE A 1 84  ? 0.809   1.399   -0.491  1.00 0.00 ? 84  ILE A CG1  1 
ATOM 1283 C CG2  . ILE A 1 84  ? -1.363  0.861   -1.597  1.00 0.00 ? 84  ILE A CG2  1 
ATOM 1284 C CD1  . ILE A 1 84  ? 2.203   0.771   -0.540  1.00 0.00 ? 84  ILE A CD1  1 
ATOM 1285 H H    . ILE A 1 84  ? 1.094   -0.917  1.162   1.00 0.00 ? 84  ILE A H    1 
ATOM 1286 H HA   . ILE A 1 84  ? -1.353  0.734   1.083   1.00 0.00 ? 84  ILE A HA   1 
ATOM 1287 H HB   . ILE A 1 84  ? 0.200   -0.542  -1.181  1.00 0.00 ? 84  ILE A HB   1 
ATOM 1288 H HG12 . ILE A 1 84  ? 0.723   2.146   -1.267  1.00 0.00 ? 84  ILE A HG12 1 
ATOM 1289 H HG13 . ILE A 1 84  ? 0.659   1.861   0.473   1.00 0.00 ? 84  ILE A HG13 1 
ATOM 1290 H HG21 . ILE A 1 84  ? -2.142  1.277   -0.979  1.00 0.00 ? 84  ILE A HG21 1 
ATOM 1291 H HG22 . ILE A 1 84  ? -0.963  1.631   -2.241  1.00 0.00 ? 84  ILE A HG22 1 
ATOM 1292 H HG23 . ILE A 1 84  ? -1.768  0.061   -2.200  1.00 0.00 ? 84  ILE A HG23 1 
ATOM 1293 H HD11 . ILE A 1 84  ? 2.269   0.110   -1.392  1.00 0.00 ? 84  ILE A HD11 1 
ATOM 1294 H HD12 . ILE A 1 84  ? 2.946   1.549   -0.628  1.00 0.00 ? 84  ILE A HD12 1 
ATOM 1295 H HD13 . ILE A 1 84  ? 2.377   0.208   0.366   1.00 0.00 ? 84  ILE A HD13 1 
ATOM 1296 N N    . VAL A 1 85  ? -2.992  -0.967  -0.058  1.00 0.00 ? 85  VAL A N    1 
ATOM 1297 C CA   . VAL A 1 85  ? -3.991  -2.048  -0.289  1.00 0.00 ? 85  VAL A CA   1 
ATOM 1298 C C    . VAL A 1 85  ? -5.184  -1.496  -1.079  1.00 0.00 ? 85  VAL A C    1 
ATOM 1299 O O    . VAL A 1 85  ? -5.794  -2.198  -1.859  1.00 0.00 ? 85  VAL A O    1 
ATOM 1300 C CB   . VAL A 1 85  ? -4.476  -2.586  1.058   1.00 0.00 ? 85  VAL A CB   1 
ATOM 1301 C CG1  . VAL A 1 85  ? -4.783  -1.417  1.995   1.00 0.00 ? 85  VAL A CG1  1 
ATOM 1302 C CG2  . VAL A 1 85  ? -5.744  -3.417  0.849   1.00 0.00 ? 85  VAL A CG2  1 
ATOM 1303 H H    . VAL A 1 85  ? -3.216  -0.040  -0.272  1.00 0.00 ? 85  VAL A H    1 
ATOM 1304 H HA   . VAL A 1 85  ? -3.530  -2.848  -0.849  1.00 0.00 ? 85  VAL A HA   1 
ATOM 1305 H HB   . VAL A 1 85  ? -3.706  -3.205  1.496   1.00 0.00 ? 85  VAL A HB   1 
ATOM 1306 H HG11 . VAL A 1 85  ? -4.435  -0.497  1.549   1.00 0.00 ? 85  VAL A HG11 1 
ATOM 1307 H HG12 . VAL A 1 85  ? -5.849  -1.357  2.159   1.00 0.00 ? 85  VAL A HG12 1 
ATOM 1308 H HG13 . VAL A 1 85  ? -4.282  -1.571  2.940   1.00 0.00 ? 85  VAL A HG13 1 
ATOM 1309 H HG21 . VAL A 1 85  ? -5.606  -4.075  0.004   1.00 0.00 ? 85  VAL A HG21 1 
ATOM 1310 H HG22 . VAL A 1 85  ? -5.942  -4.001  1.734   1.00 0.00 ? 85  VAL A HG22 1 
ATOM 1311 H HG23 . VAL A 1 85  ? -6.577  -2.756  0.658   1.00 0.00 ? 85  VAL A HG23 1 
ATOM 1312 N N    . GLU A 1 86  ? -5.529  -0.251  -0.865  1.00 0.00 ? 86  GLU A N    1 
ATOM 1313 C CA   . GLU A 1 86  ? -6.693  0.353   -1.585  1.00 0.00 ? 86  GLU A CA   1 
ATOM 1314 C C    . GLU A 1 86  ? -7.987  -0.045  -0.876  1.00 0.00 ? 86  GLU A C    1 
ATOM 1315 O O    . GLU A 1 86  ? -9.035  -0.144  -1.484  1.00 0.00 ? 86  GLU A O    1 
ATOM 1316 C CB   . GLU A 1 86  ? -6.739  -0.135  -3.035  1.00 0.00 ? 86  GLU A CB   1 
ATOM 1317 C CG   . GLU A 1 86  ? -7.698  0.751   -3.833  1.00 0.00 ? 86  GLU A CG   1 
ATOM 1318 C CD   . GLU A 1 86  ? -8.213  -0.020  -5.049  1.00 0.00 ? 86  GLU A CD   1 
ATOM 1319 O OE1  . GLU A 1 86  ? -8.355  -1.227  -4.943  1.00 0.00 ? 86  GLU A OE1  1 
ATOM 1320 O OE2  . GLU A 1 86  ? -8.455  0.608   -6.066  1.00 0.00 ? 86  GLU A OE2  1 
ATOM 1321 H H    . GLU A 1 86  ? -5.028  0.287   -0.220  1.00 0.00 ? 86  GLU A H    1 
ATOM 1322 H HA   . GLU A 1 86  ? -6.596  1.427   -1.576  1.00 0.00 ? 86  GLU A HA   1 
ATOM 1323 H HB2  . GLU A 1 86  ? -5.751  -0.077  -3.464  1.00 0.00 ? 86  GLU A HB2  1 
ATOM 1324 H HB3  . GLU A 1 86  ? -7.090  -1.154  -3.064  1.00 0.00 ? 86  GLU A HB3  1 
ATOM 1325 H HG2  . GLU A 1 86  ? -8.530  1.037   -3.208  1.00 0.00 ? 86  GLU A HG2  1 
ATOM 1326 H HG3  . GLU A 1 86  ? -7.177  1.637   -4.167  1.00 0.00 ? 86  GLU A HG3  1 
ATOM 1327 N N    . LYS A 1 87  ? -7.923  -0.273  0.408   1.00 0.00 ? 87  LYS A N    1 
ATOM 1328 C CA   . LYS A 1 87  ? -9.148  -0.666  1.161   1.00 0.00 ? 87  LYS A CA   1 
ATOM 1329 C C    . LYS A 1 87  ? -10.325 0.203   0.709   1.00 0.00 ? 87  LYS A C    1 
ATOM 1330 O O    . LYS A 1 87  ? -10.150 1.317   0.259   1.00 0.00 ? 87  LYS A O    1 
ATOM 1331 C CB   . LYS A 1 87  ? -8.912  -0.464  2.658   1.00 0.00 ? 87  LYS A CB   1 
ATOM 1332 C CG   . LYS A 1 87  ? -9.727  -1.490  3.447   1.00 0.00 ? 87  LYS A CG   1 
ATOM 1333 C CD   . LYS A 1 87  ? -9.257  -1.504  4.904   1.00 0.00 ? 87  LYS A CD   1 
ATOM 1334 C CE   . LYS A 1 87  ? -9.863  -2.709  5.625   1.00 0.00 ? 87  LYS A CE   1 
ATOM 1335 N NZ   . LYS A 1 87  ? -9.876  -2.455  7.093   1.00 0.00 ? 87  LYS A NZ   1 
ATOM 1336 H H    . LYS A 1 87  ? -7.066  -0.189  0.877   1.00 0.00 ? 87  LYS A H    1 
ATOM 1337 H HA   . LYS A 1 87  ? -9.373  -1.704  0.968   1.00 0.00 ? 87  LYS A HA   1 
ATOM 1338 H HB2  . LYS A 1 87  ? -7.861  -0.592  2.877   1.00 0.00 ? 87  LYS A HB2  1 
ATOM 1339 H HB3  . LYS A 1 87  ? -9.220  0.531   2.941   1.00 0.00 ? 87  LYS A HB3  1 
ATOM 1340 H HG2  . LYS A 1 87  ? -10.773 -1.225  3.409   1.00 0.00 ? 87  LYS A HG2  1 
ATOM 1341 H HG3  . LYS A 1 87  ? -9.585  -2.470  3.017   1.00 0.00 ? 87  LYS A HG3  1 
ATOM 1342 H HD2  . LYS A 1 87  ? -8.178  -1.571  4.933   1.00 0.00 ? 87  LYS A HD2  1 
ATOM 1343 H HD3  . LYS A 1 87  ? -9.575  -0.597  5.394   1.00 0.00 ? 87  LYS A HD3  1 
ATOM 1344 H HE2  . LYS A 1 87  ? -10.874 -2.865  5.277   1.00 0.00 ? 87  LYS A HE2  1 
ATOM 1345 H HE3  . LYS A 1 87  ? -9.271  -3.588  5.417   1.00 0.00 ? 87  LYS A HE3  1 
ATOM 1346 H HZ1  . LYS A 1 87  ? -9.296  -1.617  7.304   1.00 0.00 ? 87  LYS A HZ1  1 
ATOM 1347 H HZ2  . LYS A 1 87  ? -10.853 -2.289  7.408   1.00 0.00 ? 87  LYS A HZ2  1 
ATOM 1348 H HZ3  . LYS A 1 87  ? -9.489  -3.280  7.592   1.00 0.00 ? 87  LYS A HZ3  1 
ATOM 1349 N N    . GLU A 1 88  ? -11.523 -0.300  0.826   1.00 0.00 ? 88  GLU A N    1 
ATOM 1350 C CA   . GLU A 1 88  ? -12.710 0.498   0.403   1.00 0.00 ? 88  GLU A CA   1 
ATOM 1351 C C    . GLU A 1 88  ? -13.313 1.200   1.620   1.00 0.00 ? 88  GLU A C    1 
ATOM 1352 O O    . GLU A 1 88  ? -14.167 2.056   1.495   1.00 0.00 ? 88  GLU A O    1 
ATOM 1353 C CB   . GLU A 1 88  ? -13.753 -0.433  -0.217  1.00 0.00 ? 88  GLU A CB   1 
ATOM 1354 C CG   . GLU A 1 88  ? -14.671 0.371   -1.141  1.00 0.00 ? 88  GLU A CG   1 
ATOM 1355 C CD   . GLU A 1 88  ? -14.151 0.287   -2.577  1.00 0.00 ? 88  GLU A CD   1 
ATOM 1356 O OE1  . GLU A 1 88  ? -13.806 -0.806  -2.998  1.00 0.00 ? 88  GLU A OE1  1 
ATOM 1357 O OE2  . GLU A 1 88  ? -14.107 1.315   -3.232  1.00 0.00 ? 88  GLU A OE2  1 
ATOM 1358 H H    . GLU A 1 88  ? -11.644 -1.201  1.190   1.00 0.00 ? 88  GLU A H    1 
ATOM 1359 H HA   . GLU A 1 88  ? -12.407 1.235   -0.326  1.00 0.00 ? 88  GLU A HA   1 
ATOM 1360 H HB2  . GLU A 1 88  ? -13.255 -1.205  -0.787  1.00 0.00 ? 88  GLU A HB2  1 
ATOM 1361 H HB3  . GLU A 1 88  ? -14.343 -0.887  0.565   1.00 0.00 ? 88  GLU A HB3  1 
ATOM 1362 H HG2  . GLU A 1 88  ? -15.672 -0.034  -1.095  1.00 0.00 ? 88  GLU A HG2  1 
ATOM 1363 H HG3  . GLU A 1 88  ? -14.684 1.403   -0.825  1.00 0.00 ? 88  GLU A HG3  1 
ATOM 1364 N N    . ALA A 1 89  ? -12.877 0.847   2.798   1.00 0.00 ? 89  ALA A N    1 
ATOM 1365 C CA   . ALA A 1 89  ? -13.427 1.496   4.022   1.00 0.00 ? 89  ALA A CA   1 
ATOM 1366 C C    . ALA A 1 89  ? -14.826 0.947   4.304   1.00 0.00 ? 89  ALA A C    1 
ATOM 1367 O O    . ALA A 1 89  ? -15.625 0.767   3.406   1.00 0.00 ? 89  ALA A O    1 
ATOM 1368 C CB   . ALA A 1 89  ? -13.505 3.008   3.806   1.00 0.00 ? 89  ALA A CB   1 
ATOM 1369 H H    . ALA A 1 89  ? -12.188 0.154   2.878   1.00 0.00 ? 89  ALA A H    1 
ATOM 1370 H HA   . ALA A 1 89  ? -12.781 1.284   4.862   1.00 0.00 ? 89  ALA A HA   1 
ATOM 1371 H HB1  . ALA A 1 89  ? -12.802 3.299   3.040   1.00 0.00 ? 89  ALA A HB1  1 
ATOM 1372 H HB2  . ALA A 1 89  ? -14.504 3.276   3.497   1.00 0.00 ? 89  ALA A HB2  1 
ATOM 1373 H HB3  . ALA A 1 89  ? -13.264 3.516   4.728   1.00 0.00 ? 89  ALA A HB3  1 
ATOM 1374 N N    . ASP A 1 90  ? -15.131 0.681   5.544   1.00 0.00 ? 90  ASP A N    1 
ATOM 1375 C CA   . ASP A 1 90  ? -16.480 0.145   5.882   1.00 0.00 ? 90  ASP A CA   1 
ATOM 1376 C C    . ASP A 1 90  ? -16.592 -0.034  7.397   1.00 0.00 ? 90  ASP A C    1 
ATOM 1377 O O    . ASP A 1 90  ? -16.062 -0.969  7.962   1.00 0.00 ? 90  ASP A O    1 
ATOM 1378 C CB   . ASP A 1 90  ? -16.678 -1.207  5.192   1.00 0.00 ? 90  ASP A CB   1 
ATOM 1379 C CG   . ASP A 1 90  ? -15.588 -2.178  5.650   1.00 0.00 ? 90  ASP A CG   1 
ATOM 1380 O OD1  . ASP A 1 90  ? -14.638 -1.724  6.266   1.00 0.00 ? 90  ASP A OD1  1 
ATOM 1381 O OD2  . ASP A 1 90  ? -15.723 -3.360  5.378   1.00 0.00 ? 90  ASP A OD2  1 
ATOM 1382 H H    . ASP A 1 90  ? -14.472 0.834   6.254   1.00 0.00 ? 90  ASP A H    1 
ATOM 1383 H HA   . ASP A 1 90  ? -17.237 0.836   5.544   1.00 0.00 ? 90  ASP A HA   1 
ATOM 1384 H HB2  . ASP A 1 90  ? -17.649 -1.605  5.453   1.00 0.00 ? 90  ASP A HB2  1 
ATOM 1385 H HB3  . ASP A 1 90  ? -16.616 -1.078  4.123   1.00 0.00 ? 90  ASP A HB3  1 
ATOM 1386 N N    . ILE A 1 91  ? -17.280 0.856   8.059   1.00 0.00 ? 91  ILE A N    1 
ATOM 1387 C CA   . ILE A 1 91  ? -17.427 0.737   9.537   1.00 0.00 ? 91  ILE A CA   1 
ATOM 1388 C C    . ILE A 1 91  ? -18.903 0.543   9.889   1.00 0.00 ? 91  ILE A C    1 
ATOM 1389 O O    . ILE A 1 91  ? -19.784 0.941   9.153   1.00 0.00 ? 91  ILE A O    1 
ATOM 1390 C CB   . ILE A 1 91  ? -16.905 2.010   10.206  1.00 0.00 ? 91  ILE A CB   1 
ATOM 1391 C CG1  . ILE A 1 91  ? -17.204 1.955   11.705  1.00 0.00 ? 91  ILE A CG1  1 
ATOM 1392 C CG2  . ILE A 1 91  ? -17.596 3.228   9.593   1.00 0.00 ? 91  ILE A CG2  1 
ATOM 1393 C CD1  . ILE A 1 91  ? -16.162 2.779   12.465  1.00 0.00 ? 91  ILE A CD1  1 
ATOM 1394 H H    . ILE A 1 91  ? -17.700 1.604   7.584   1.00 0.00 ? 91  ILE A H    1 
ATOM 1395 H HA   . ILE A 1 91  ? -16.859 -0.113  9.887   1.00 0.00 ? 91  ILE A HA   1 
ATOM 1396 H HB   . ILE A 1 91  ? -15.838 2.086   10.051  1.00 0.00 ? 91  ILE A HB   1 
ATOM 1397 H HG12 . ILE A 1 91  ? -18.189 2.360   11.891  1.00 0.00 ? 91  ILE A HG12 1 
ATOM 1398 H HG13 . ILE A 1 91  ? -17.166 0.931   12.044  1.00 0.00 ? 91  ILE A HG13 1 
ATOM 1399 H HG21 . ILE A 1 91  ? -17.457 3.221   8.522   1.00 0.00 ? 91  ILE A HG21 1 
ATOM 1400 H HG22 . ILE A 1 91  ? -18.651 3.196   9.818   1.00 0.00 ? 91  ILE A HG22 1 
ATOM 1401 H HG23 . ILE A 1 91  ? -17.168 4.131   10.005  1.00 0.00 ? 91  ILE A HG23 1 
ATOM 1402 H HD11 . ILE A 1 91  ? -15.313 2.966   11.823  1.00 0.00 ? 91  ILE A HD11 1 
ATOM 1403 H HD12 . ILE A 1 91  ? -16.598 3.720   12.767  1.00 0.00 ? 91  ILE A HD12 1 
ATOM 1404 H HD13 . ILE A 1 91  ? -15.839 2.234   13.338  1.00 0.00 ? 91  ILE A HD13 1 
ATOM 1405 N N    . SER A 1 92  ? -19.180 -0.066  11.010  1.00 0.00 ? 92  SER A N    1 
ATOM 1406 C CA   . SER A 1 92  ? -20.600 -0.283  11.408  1.00 0.00 ? 92  SER A CA   1 
ATOM 1407 C C    . SER A 1 92  ? -20.659 -1.313  12.538  1.00 0.00 ? 92  SER A C    1 
ATOM 1408 O O    . SER A 1 92  ? -20.523 -2.500  12.317  1.00 0.00 ? 92  SER A O    1 
ATOM 1409 C CB   . SER A 1 92  ? -21.392 -0.799  10.206  1.00 0.00 ? 92  SER A CB   1 
ATOM 1410 O OG   . SER A 1 92  ? -22.000 0.300   9.539   1.00 0.00 ? 92  SER A OG   1 
ATOM 1411 H H    . SER A 1 92  ? -18.455 -0.379  11.589  1.00 0.00 ? 92  SER A H    1 
ATOM 1412 H HA   . SER A 1 92  ? -21.025 0.649   11.747  1.00 0.00 ? 92  SER A HA   1 
ATOM 1413 H HB2  . SER A 1 92  ? -20.729 -1.304  9.524   1.00 0.00 ? 92  SER A HB2  1 
ATOM 1414 H HB3  . SER A 1 92  ? -22.151 -1.491  10.547  1.00 0.00 ? 92  SER A HB3  1 
ATOM 1415 H HG   . SER A 1 92  ? -22.924 0.331   9.798   1.00 0.00 ? 92  SER A HG   1 
ATOM 1416 N N    . ALA A 1 93  ? -20.863 -0.868  13.748  1.00 0.00 ? 93  ALA A N    1 
ATOM 1417 C CA   . ALA A 1 93  ? -20.931 -1.822  14.890  1.00 0.00 ? 93  ALA A CA   1 
ATOM 1418 C C    . ALA A 1 93  ? -21.911 -2.949  14.556  1.00 0.00 ? 93  ALA A C    1 
ATOM 1419 O O    . ALA A 1 93  ? -21.519 -4.072  14.308  1.00 0.00 ? 93  ALA A O    1 
ATOM 1420 C CB   . ALA A 1 93  ? -21.411 -1.085  16.142  1.00 0.00 ? 93  ALA A CB   1 
ATOM 1421 H H    . ALA A 1 93  ? -20.970 0.093   13.905  1.00 0.00 ? 93  ALA A H    1 
ATOM 1422 H HA   . ALA A 1 93  ? -19.951 -2.239  15.071  1.00 0.00 ? 93  ALA A HA   1 
ATOM 1423 H HB1  . ALA A 1 93  ? -21.971 -0.209  15.852  1.00 0.00 ? 93  ALA A HB1  1 
ATOM 1424 H HB2  . ALA A 1 93  ? -22.040 -1.739  16.726  1.00 0.00 ? 93  ALA A HB2  1 
ATOM 1425 H HB3  . ALA A 1 93  ? -20.557 -0.787  16.733  1.00 0.00 ? 93  ALA A HB3  1 
ATOM 1426 N N    . PHE A 1 94  ? -23.183 -2.658  14.546  1.00 0.00 ? 94  PHE A N    1 
ATOM 1427 C CA   . PHE A 1 94  ? -24.185 -3.713  14.227  1.00 0.00 ? 94  PHE A CA   1 
ATOM 1428 C C    . PHE A 1 94  ? -24.005 -4.893  15.182  1.00 0.00 ? 94  PHE A C    1 
ATOM 1429 O O    . PHE A 1 94  ? -23.473 -5.924  14.818  1.00 0.00 ? 94  PHE A O    1 
ATOM 1430 C CB   . PHE A 1 94  ? -23.986 -4.188  12.786  1.00 0.00 ? 94  PHE A CB   1 
ATOM 1431 C CG   . PHE A 1 94  ? -25.207 -3.842  11.968  1.00 0.00 ? 94  PHE A CG   1 
ATOM 1432 C CD1  . PHE A 1 94  ? -25.325 -2.572  11.388  1.00 0.00 ? 94  PHE A CD1  1 
ATOM 1433 C CD2  . PHE A 1 94  ? -26.222 -4.789  11.788  1.00 0.00 ? 94  PHE A CD2  1 
ATOM 1434 C CE1  . PHE A 1 94  ? -26.457 -2.251  10.630  1.00 0.00 ? 94  PHE A CE1  1 
ATOM 1435 C CE2  . PHE A 1 94  ? -27.353 -4.468  11.030  1.00 0.00 ? 94  PHE A CE2  1 
ATOM 1436 C CZ   . PHE A 1 94  ? -27.472 -3.199  10.451  1.00 0.00 ? 94  PHE A CZ   1 
ATOM 1437 H H    . PHE A 1 94  ? -23.478 -1.746  14.747  1.00 0.00 ? 94  PHE A H    1 
ATOM 1438 H HA   . PHE A 1 94  ? -25.181 -3.309  14.338  1.00 0.00 ? 94  PHE A HA   1 
ATOM 1439 H HB2  . PHE A 1 94  ? -23.119 -3.701  12.363  1.00 0.00 ? 94  PHE A HB2  1 
ATOM 1440 H HB3  . PHE A 1 94  ? -23.839 -5.258  12.775  1.00 0.00 ? 94  PHE A HB3  1 
ATOM 1441 H HD1  . PHE A 1 94  ? -24.542 -1.840  11.528  1.00 0.00 ? 94  PHE A HD1  1 
ATOM 1442 H HD2  . PHE A 1 94  ? -26.131 -5.769  12.235  1.00 0.00 ? 94  PHE A HD2  1 
ATOM 1443 H HE1  . PHE A 1 94  ? -26.548 -1.272  10.183  1.00 0.00 ? 94  PHE A HE1  1 
ATOM 1444 H HE2  . PHE A 1 94  ? -28.137 -5.199  10.892  1.00 0.00 ? 94  PHE A HE2  1 
ATOM 1445 H HZ   . PHE A 1 94  ? -28.345 -2.951  9.866   1.00 0.00 ? 94  PHE A HZ   1 
ATOM 1446 N N    . ALA A 1 95  ? -24.443 -4.754  16.404  1.00 0.00 ? 95  ALA A N    1 
ATOM 1447 C CA   . ALA A 1 95  ? -24.297 -5.869  17.380  1.00 0.00 ? 95  ALA A CA   1 
ATOM 1448 C C    . ALA A 1 95  ? -25.419 -6.885  17.168  1.00 0.00 ? 95  ALA A C    1 
ATOM 1449 O O    . ALA A 1 95  ? -25.350 -8.008  17.627  1.00 0.00 ? 95  ALA A O    1 
ATOM 1450 C CB   . ALA A 1 95  ? -24.375 -5.313  18.804  1.00 0.00 ? 95  ALA A CB   1 
ATOM 1451 H H    . ALA A 1 95  ? -24.869 -3.915  16.678  1.00 0.00 ? 95  ALA A H    1 
ATOM 1452 H HA   . ALA A 1 95  ? -23.342 -6.351  17.235  1.00 0.00 ? 95  ALA A HA   1 
ATOM 1453 H HB1  . ALA A 1 95  ? -25.292 -4.756  18.922  1.00 0.00 ? 95  ALA A HB1  1 
ATOM 1454 H HB2  . ALA A 1 95  ? -24.356 -6.130  19.510  1.00 0.00 ? 95  ALA A HB2  1 
ATOM 1455 H HB3  . ALA A 1 95  ? -23.531 -4.662  18.983  1.00 0.00 ? 95  ALA A HB3  1 
ATOM 1456 N N    . ASP A 1 96  ? -26.455 -6.502  16.473  1.00 0.00 ? 96  ASP A N    1 
ATOM 1457 C CA   . ASP A 1 96  ? -27.583 -7.446  16.231  1.00 0.00 ? 96  ASP A CA   1 
ATOM 1458 C C    . ASP A 1 96  ? -27.500 -7.982  14.800  1.00 0.00 ? 96  ASP A C    1 
ATOM 1459 O O    . ASP A 1 96  ? -26.848 -7.410  13.950  1.00 0.00 ? 96  ASP A O    1 
ATOM 1460 C CB   . ASP A 1 96  ? -28.912 -6.715  16.427  1.00 0.00 ? 96  ASP A CB   1 
ATOM 1461 C CG   . ASP A 1 96  ? -28.972 -6.133  17.840  1.00 0.00 ? 96  ASP A CG   1 
ATOM 1462 O OD1  . ASP A 1 96  ? -28.119 -5.323  18.162  1.00 0.00 ? 96  ASP A OD1  1 
ATOM 1463 O OD2  . ASP A 1 96  ? -29.871 -6.507  18.576  1.00 0.00 ? 96  ASP A OD2  1 
ATOM 1464 H H    . ASP A 1 96  ? -26.492 -5.592  16.111  1.00 0.00 ? 96  ASP A H    1 
ATOM 1465 H HA   . ASP A 1 96  ? -27.518 -8.269  16.927  1.00 0.00 ? 96  ASP A HA   1 
ATOM 1466 H HB2  . ASP A 1 96  ? -28.994 -5.917  15.702  1.00 0.00 ? 96  ASP A HB2  1 
ATOM 1467 H HB3  . ASP A 1 96  ? -29.728 -7.409  16.290  1.00 0.00 ? 96  ASP A HB3  1 
ATOM 1468 N N    . TYR A 1 97  ? -28.156 -9.076  14.528  1.00 0.00 ? 97  TYR A N    1 
ATOM 1469 C CA   . TYR A 1 97  ? -28.115 -9.647  13.152  1.00 0.00 ? 97  TYR A CA   1 
ATOM 1470 C C    . TYR A 1 97  ? -29.432 -10.369 12.860  1.00 0.00 ? 97  TYR A C    1 
ATOM 1471 O O    . TYR A 1 97  ? -29.534 -11.572 12.996  1.00 0.00 ? 97  TYR A O    1 
ATOM 1472 C CB   . TYR A 1 97  ? -26.955 -10.639 13.047  1.00 0.00 ? 97  TYR A CB   1 
ATOM 1473 C CG   . TYR A 1 97  ? -25.662 -9.941  13.393  1.00 0.00 ? 97  TYR A CG   1 
ATOM 1474 C CD1  . TYR A 1 97  ? -25.113 -9.004  12.509  1.00 0.00 ? 97  TYR A CD1  1 
ATOM 1475 C CD2  . TYR A 1 97  ? -25.011 -10.231 14.599  1.00 0.00 ? 97  TYR A CD2  1 
ATOM 1476 C CE1  . TYR A 1 97  ? -23.914 -8.356  12.831  1.00 0.00 ? 97  TYR A CE1  1 
ATOM 1477 C CE2  . TYR A 1 97  ? -23.812 -9.583  14.921  1.00 0.00 ? 97  TYR A CE2  1 
ATOM 1478 C CZ   . TYR A 1 97  ? -23.264 -8.646  14.037  1.00 0.00 ? 97  TYR A CZ   1 
ATOM 1479 O OH   . TYR A 1 97  ? -22.082 -8.008  14.353  1.00 0.00 ? 97  TYR A OH   1 
ATOM 1480 H H    . TYR A 1 97  ? -28.676 -9.524  15.229  1.00 0.00 ? 97  TYR A H    1 
ATOM 1481 H HA   . TYR A 1 97  ? -27.974 -8.852  12.436  1.00 0.00 ? 97  TYR A HA   1 
ATOM 1482 H HB2  . TYR A 1 97  ? -27.118 -11.458 13.732  1.00 0.00 ? 97  TYR A HB2  1 
ATOM 1483 H HB3  . TYR A 1 97  ? -26.898 -11.021 12.038  1.00 0.00 ? 97  TYR A HB3  1 
ATOM 1484 H HD1  . TYR A 1 97  ? -25.615 -8.781  11.580  1.00 0.00 ? 97  TYR A HD1  1 
ATOM 1485 H HD2  . TYR A 1 97  ? -25.434 -10.954 15.281  1.00 0.00 ? 97  TYR A HD2  1 
ATOM 1486 H HE1  . TYR A 1 97  ? -23.491 -7.634  12.149  1.00 0.00 ? 97  TYR A HE1  1 
ATOM 1487 H HE2  . TYR A 1 97  ? -23.311 -9.806  15.850  1.00 0.00 ? 97  TYR A HE2  1 
ATOM 1488 H HH   . TYR A 1 97  ? -21.365 -8.633  14.231  1.00 0.00 ? 97  TYR A HH   1 
ATOM 1489 N N    . ARG A 1 98  ? -30.440 -9.644  12.459  1.00 0.00 ? 98  ARG A N    1 
ATOM 1490 C CA   . ARG A 1 98  ? -31.748 -10.290 12.159  1.00 0.00 ? 98  ARG A CA   1 
ATOM 1491 C C    . ARG A 1 98  ? -31.519 -11.564 11.338  1.00 0.00 ? 98  ARG A C    1 
ATOM 1492 O O    . ARG A 1 98  ? -31.992 -12.623 11.701  1.00 0.00 ? 98  ARG A O    1 
ATOM 1493 C CB   . ARG A 1 98  ? -32.628 -9.320  11.366  1.00 0.00 ? 98  ARG A CB   1 
ATOM 1494 C CG   . ARG A 1 98  ? -33.978 -9.166  12.068  1.00 0.00 ? 98  ARG A CG   1 
ATOM 1495 C CD   . ARG A 1 98  ? -35.042 -9.967  11.314  1.00 0.00 ? 98  ARG A CD   1 
ATOM 1496 N NE   . ARG A 1 98  ? -36.337 -9.886  12.045  1.00 0.00 ? 98  ARG A NE   1 
ATOM 1497 C CZ   . ARG A 1 98  ? -36.807 -8.725  12.412  1.00 0.00 ? 98  ARG A CZ   1 
ATOM 1498 N NH1  . ARG A 1 98  ? -36.739 -7.708  11.598  1.00 0.00 ? 98  ARG A NH1  1 
ATOM 1499 N NH2  . ARG A 1 98  ? -37.345 -8.582  13.592  1.00 0.00 ? 98  ARG A NH2  1 
ATOM 1500 H H    . ARG A 1 98  ? -30.336 -8.676  12.356  1.00 0.00 ? 98  ARG A H    1 
ATOM 1501 H HA   . ARG A 1 98  ? -32.241 -10.545 13.084  1.00 0.00 ? 98  ARG A HA   1 
ATOM 1502 H HB2  . ARG A 1 98  ? -32.140 -8.358  11.306  1.00 0.00 ? 98  ARG A HB2  1 
ATOM 1503 H HB3  . ARG A 1 98  ? -32.785 -9.708  10.370  1.00 0.00 ? 98  ARG A HB3  1 
ATOM 1504 H HG2  . ARG A 1 98  ? -33.901 -9.533  13.082  1.00 0.00 ? 98  ARG A HG2  1 
ATOM 1505 H HG3  . ARG A 1 98  ? -34.260 -8.124  12.083  1.00 0.00 ? 98  ARG A HG3  1 
ATOM 1506 H HD2  . ARG A 1 98  ? -35.162 -9.560  10.322  1.00 0.00 ? 98  ARG A HD2  1 
ATOM 1507 H HD3  . ARG A 1 98  ? -34.731 -11.000 11.245  1.00 0.00 ? 98  ARG A HD3  1 
ATOM 1508 H HE   . ARG A 1 98  ? -36.836 -10.704 12.251  1.00 0.00 ? 98  ARG A HE   1 
ATOM 1509 H HH11 . ARG A 1 98  ? -36.327 -7.817  10.693  1.00 0.00 ? 98  ARG A HH11 1 
ATOM 1510 H HH12 . ARG A 1 98  ? -37.100 -6.818  11.879  1.00 0.00 ? 98  ARG A HH12 1 
ATOM 1511 H HH21 . ARG A 1 98  ? -37.398 -9.363  14.216  1.00 0.00 ? 98  ARG A HH21 1 
ATOM 1512 H HH22 . ARG A 1 98  ? -37.706 -7.693  13.873  1.00 0.00 ? 98  ARG A HH22 1 
ATOM 1513 N N    . PRO A 1 99  ? -30.800 -11.425 10.252  1.00 0.00 ? 99  PRO A N    1 
ATOM 1514 C CA   . PRO A 1 99  ? -30.493 -12.555 9.356   1.00 0.00 ? 99  PRO A CA   1 
ATOM 1515 C C    . PRO A 1 99  ? -29.364 -13.408 9.943   1.00 0.00 ? 99  PRO A C    1 
ATOM 1516 O O    . PRO A 1 99  ? -28.987 -13.253 11.087  1.00 0.00 ? 99  PRO A O    1 
ATOM 1517 C CB   . PRO A 1 99  ? -30.048 -11.874 8.060   1.00 0.00 ? 99  PRO A CB   1 
ATOM 1518 C CG   . PRO A 1 99  ? -29.584 -10.452 8.450   1.00 0.00 ? 99  PRO A CG   1 
ATOM 1519 C CD   . PRO A 1 99  ? -30.228 -10.134 9.813   1.00 0.00 ? 99  PRO A CD   1 
ATOM 1520 H HA   . PRO A 1 99  ? -31.372 -13.152 9.179   1.00 0.00 ? 99  PRO A HA   1 
ATOM 1521 H HB2  . PRO A 1 99  ? -29.231 -12.427 7.614   1.00 0.00 ? 99  PRO A HB2  1 
ATOM 1522 H HB3  . PRO A 1 99  ? -30.875 -11.811 7.370   1.00 0.00 ? 99  PRO A HB3  1 
ATOM 1523 H HG2  . PRO A 1 99  ? -28.505 -10.424 8.532   1.00 0.00 ? 99  PRO A HG2  1 
ATOM 1524 H HG3  . PRO A 1 99  ? -29.918 -9.737  7.714   1.00 0.00 ? 99  PRO A HG3  1 
ATOM 1525 H HD2  . PRO A 1 99  ? -29.477 -9.791  10.511  1.00 0.00 ? 99  PRO A HD2  1 
ATOM 1526 H HD3  . PRO A 1 99  ? -31.008 -9.399  9.700   1.00 0.00 ? 99  PRO A HD3  1 
ATOM 1527 N N    . THR A 1 100 ? -28.823 -14.306 9.166   1.00 0.00 ? 100 THR A N    1 
ATOM 1528 C CA   . THR A 1 100 ? -27.719 -15.166 9.678   1.00 0.00 ? 100 THR A CA   1 
ATOM 1529 C C    . THR A 1 100 ? -26.499 -15.028 8.766   1.00 0.00 ? 100 THR A C    1 
ATOM 1530 O O    . THR A 1 100 ? -25.548 -14.341 9.085   1.00 0.00 ? 100 THR A O    1 
ATOM 1531 C CB   . THR A 1 100 ? -28.178 -16.627 9.699   1.00 0.00 ? 100 THR A CB   1 
ATOM 1532 O OG1  . THR A 1 100 ? -29.412 -16.742 9.003   1.00 0.00 ? 100 THR A OG1  1 
ATOM 1533 C CG2  . THR A 1 100 ? -28.362 -17.086 11.146  1.00 0.00 ? 100 THR A CG2  1 
ATOM 1534 H H    . THR A 1 100 ? -29.142 -14.414 8.245   1.00 0.00 ? 100 THR A H    1 
ATOM 1535 H HA   . THR A 1 100 ? -27.457 -14.857 10.680  1.00 0.00 ? 100 THR A HA   1 
ATOM 1536 H HB   . THR A 1 100 ? -27.435 -17.245 9.220   1.00 0.00 ? 100 THR A HB   1 
ATOM 1537 H HG1  . THR A 1 100 ? -30.087 -16.296 9.519   1.00 0.00 ? 100 THR A HG1  1 
ATOM 1538 H HG21 . THR A 1 100 ? -28.612 -16.236 11.764  1.00 0.00 ? 100 THR A HG21 1 
ATOM 1539 H HG22 . THR A 1 100 ? -29.157 -17.814 11.195  1.00 0.00 ? 100 THR A HG22 1 
ATOM 1540 H HG23 . THR A 1 100 ? -27.444 -17.530 11.501  1.00 0.00 ? 100 THR A HG23 1 
ATOM 1541 N N    . GLU A 1 101 ? -26.517 -15.676 7.633   1.00 0.00 ? 101 GLU A N    1 
ATOM 1542 C CA   . GLU A 1 101 ? -25.358 -15.580 6.702   1.00 0.00 ? 101 GLU A CA   1 
ATOM 1543 C C    . GLU A 1 101 ? -25.849 -15.148 5.318   1.00 0.00 ? 101 GLU A C    1 
ATOM 1544 O O    . GLU A 1 101 ? -27.006 -14.830 5.131   1.00 0.00 ? 101 GLU A O    1 
ATOM 1545 C CB   . GLU A 1 101 ? -24.674 -16.945 6.598   1.00 0.00 ? 101 GLU A CB   1 
ATOM 1546 C CG   . GLU A 1 101 ? -23.167 -16.779 6.804   1.00 0.00 ? 101 GLU A CG   1 
ATOM 1547 C CD   . GLU A 1 101 ? -22.415 -17.545 5.714   1.00 0.00 ? 101 GLU A CD   1 
ATOM 1548 O OE1  . GLU A 1 101 ? -22.777 -17.400 4.558   1.00 0.00 ? 101 GLU A OE1  1 
ATOM 1549 O OE2  . GLU A 1 101 ? -21.489 -18.264 6.054   1.00 0.00 ? 101 GLU A OE2  1 
ATOM 1550 H H    . GLU A 1 101 ? -27.293 -16.224 7.395   1.00 0.00 ? 101 GLU A H    1 
ATOM 1551 H HA   . GLU A 1 101 ? -24.653 -14.853 7.077   1.00 0.00 ? 101 GLU A HA   1 
ATOM 1552 H HB2  . GLU A 1 101 ? -25.072 -17.605 7.355   1.00 0.00 ? 101 GLU A HB2  1 
ATOM 1553 H HB3  . GLU A 1 101 ? -24.857 -17.366 5.620   1.00 0.00 ? 101 GLU A HB3  1 
ATOM 1554 H HG2  . GLU A 1 101 ? -22.911 -15.730 6.751   1.00 0.00 ? 101 GLU A HG2  1 
ATOM 1555 H HG3  . GLU A 1 101 ? -22.891 -17.170 7.771   1.00 0.00 ? 101 GLU A HG3  1 
ATOM 1556 N N    . VAL A 1 102 ? -24.977 -15.134 4.347   1.00 0.00 ? 102 VAL A N    1 
ATOM 1557 C CA   . VAL A 1 102 ? -25.395 -14.722 2.978   1.00 0.00 ? 102 VAL A CA   1 
ATOM 1558 C C    . VAL A 1 102 ? -25.908 -15.943 2.213   1.00 0.00 ? 102 VAL A C    1 
ATOM 1559 O O    . VAL A 1 102 ? -26.109 -15.899 1.015   1.00 0.00 ? 102 VAL A O    1 
ATOM 1560 C CB   . VAL A 1 102 ? -24.198 -14.124 2.238   1.00 0.00 ? 102 VAL A CB   1 
ATOM 1561 C CG1  . VAL A 1 102 ? -24.693 -13.261 1.076   1.00 0.00 ? 102 VAL A CG1  1 
ATOM 1562 C CG2  . VAL A 1 102 ? -23.384 -13.257 3.202   1.00 0.00 ? 102 VAL A CG2  1 
ATOM 1563 H H    . VAL A 1 102 ? -24.047 -15.393 4.519   1.00 0.00 ? 102 VAL A H    1 
ATOM 1564 H HA   . VAL A 1 102 ? -26.181 -13.985 3.048   1.00 0.00 ? 102 VAL A HA   1 
ATOM 1565 H HB   . VAL A 1 102 ? -23.576 -14.920 1.854   1.00 0.00 ? 102 VAL A HB   1 
ATOM 1566 H HG11 . VAL A 1 102 ? -25.387 -13.831 0.475   1.00 0.00 ? 102 VAL A HG11 1 
ATOM 1567 H HG12 . VAL A 1 102 ? -25.191 -12.384 1.464   1.00 0.00 ? 102 VAL A HG12 1 
ATOM 1568 H HG13 . VAL A 1 102 ? -23.854 -12.960 0.467   1.00 0.00 ? 102 VAL A HG13 1 
ATOM 1569 H HG21 . VAL A 1 102 ? -24.029 -12.891 3.987   1.00 0.00 ? 102 VAL A HG21 1 
ATOM 1570 H HG22 . VAL A 1 102 ? -22.591 -13.848 3.635   1.00 0.00 ? 102 VAL A HG22 1 
ATOM 1571 H HG23 . VAL A 1 102 ? -22.960 -12.421 2.666   1.00 0.00 ? 102 VAL A HG23 1 
ATOM 1572 N N    . THR A 1 103 ? -26.122 -17.036 2.894   1.00 0.00 ? 103 THR A N    1 
ATOM 1573 C CA   . THR A 1 103 ? -26.622 -18.258 2.205   1.00 0.00 ? 103 THR A CA   1 
ATOM 1574 C C    . THR A 1 103 ? -28.150 -18.291 2.270   1.00 0.00 ? 103 THR A C    1 
ATOM 1575 O O    . THR A 1 103 ? -28.730 -18.741 3.239   1.00 0.00 ? 103 THR A O    1 
ATOM 1576 C CB   . THR A 1 103 ? -26.055 -19.501 2.895   1.00 0.00 ? 103 THR A CB   1 
ATOM 1577 O OG1  . THR A 1 103 ? -24.668 -19.313 3.140   1.00 0.00 ? 103 THR A OG1  1 
ATOM 1578 C CG2  . THR A 1 103 ? -26.256 -20.723 1.997   1.00 0.00 ? 103 THR A CG2  1 
ATOM 1579 H H    . THR A 1 103 ? -25.954 -17.051 3.859   1.00 0.00 ? 103 THR A H    1 
ATOM 1580 H HA   . THR A 1 103 ? -26.306 -18.244 1.173   1.00 0.00 ? 103 THR A HA   1 
ATOM 1581 H HB   . THR A 1 103 ? -26.568 -19.660 3.831   1.00 0.00 ? 103 THR A HB   1 
ATOM 1582 H HG1  . THR A 1 103 ? -24.317 -20.130 3.500   1.00 0.00 ? 103 THR A HG1  1 
ATOM 1583 H HG21 . THR A 1 103 ? -26.183 -20.424 0.962   1.00 0.00 ? 103 THR A HG21 1 
ATOM 1584 H HG22 . THR A 1 103 ? -25.496 -21.459 2.215   1.00 0.00 ? 103 THR A HG22 1 
ATOM 1585 H HG23 . THR A 1 103 ? -27.232 -21.147 2.181   1.00 0.00 ? 103 THR A HG23 1 
ATOM 1586 N N    . ASP A 1 104 ? -28.808 -17.820 1.247   1.00 0.00 ? 104 ASP A N    1 
ATOM 1587 C CA   . ASP A 1 104 ? -30.298 -17.824 1.251   1.00 0.00 ? 104 ASP A CA   1 
ATOM 1588 C C    . ASP A 1 104 ? -30.803 -19.269 1.214   1.00 0.00 ? 104 ASP A C    1 
ATOM 1589 O O    . ASP A 1 104 ? -30.855 -19.892 0.172   1.00 0.00 ? 104 ASP A O    1 
ATOM 1590 C CB   . ASP A 1 104 ? -30.814 -17.072 0.022   1.00 0.00 ? 104 ASP A CB   1 
ATOM 1591 C CG   . ASP A 1 104 ? -30.994 -15.593 0.368   1.00 0.00 ? 104 ASP A CG   1 
ATOM 1592 O OD1  . ASP A 1 104 ? -29.994 -14.932 0.596   1.00 0.00 ? 104 ASP A OD1  1 
ATOM 1593 O OD2  . ASP A 1 104 ? -32.129 -15.146 0.399   1.00 0.00 ? 104 ASP A OD2  1 
ATOM 1594 H H    . ASP A 1 104 ? -28.321 -17.462 0.475   1.00 0.00 ? 104 ASP A H    1 
ATOM 1595 H HA   . ASP A 1 104 ? -30.656 -17.341 2.147   1.00 0.00 ? 104 ASP A HA   1 
ATOM 1596 H HB2  . ASP A 1 104 ? -30.103 -17.171 -0.785  1.00 0.00 ? 104 ASP A HB2  1 
ATOM 1597 H HB3  . ASP A 1 104 ? -31.763 -17.487 -0.281  1.00 0.00 ? 104 ASP A HB3  1 
ATOM 1598 N N    . LEU A 1 105 ? -31.174 -19.806 2.344   1.00 0.00 ? 105 LEU A N    1 
ATOM 1599 C CA   . LEU A 1 105 ? -31.675 -21.209 2.373   1.00 0.00 ? 105 LEU A CA   1 
ATOM 1600 C C    . LEU A 1 105 ? -32.963 -21.307 1.552   1.00 0.00 ? 105 LEU A C    1 
ATOM 1601 O O    . LEU A 1 105 ? -33.951 -20.668 1.851   1.00 0.00 ? 105 LEU A O    1 
ATOM 1602 C CB   . LEU A 1 105 ? -31.959 -21.620 3.819   1.00 0.00 ? 105 LEU A CB   1 
ATOM 1603 C CG   . LEU A 1 105 ? -32.191 -23.130 3.885   1.00 0.00 ? 105 LEU A CG   1 
ATOM 1604 C CD1  . LEU A 1 105 ? -30.965 -23.860 3.336   1.00 0.00 ? 105 LEU A CD1  1 
ATOM 1605 C CD2  . LEU A 1 105 ? -32.424 -23.546 5.339   1.00 0.00 ? 105 LEU A CD2  1 
ATOM 1606 H H    . LEU A 1 105 ? -31.123 -19.287 3.174   1.00 0.00 ? 105 LEU A H    1 
ATOM 1607 H HA   . LEU A 1 105 ? -30.929 -21.866 1.951   1.00 0.00 ? 105 LEU A HA   1 
ATOM 1608 H HB2  . LEU A 1 105 ? -31.115 -21.357 4.440   1.00 0.00 ? 105 LEU A HB2  1 
ATOM 1609 H HB3  . LEU A 1 105 ? -32.840 -21.106 4.173   1.00 0.00 ? 105 LEU A HB3  1 
ATOM 1610 H HG   . LEU A 1 105 ? -33.059 -23.386 3.292   1.00 0.00 ? 105 LEU A HG   1 
ATOM 1611 H HD11 . LEU A 1 105 ? -30.071 -23.329 3.625   1.00 0.00 ? 105 LEU A HD11 1 
ATOM 1612 H HD12 . LEU A 1 105 ? -30.935 -24.863 3.737   1.00 0.00 ? 105 LEU A HD12 1 
ATOM 1613 H HD13 . LEU A 1 105 ? -31.026 -23.905 2.258   1.00 0.00 ? 105 LEU A HD13 1 
ATOM 1614 H HD21 . LEU A 1 105 ? -32.271 -22.695 5.985   1.00 0.00 ? 105 LEU A HD21 1 
ATOM 1615 H HD22 . LEU A 1 105 ? -33.436 -23.907 5.453   1.00 0.00 ? 105 LEU A HD22 1 
ATOM 1616 H HD23 . LEU A 1 105 ? -31.730 -24.329 5.604   1.00 0.00 ? 105 LEU A HD23 1 
ATOM 1617 N N    . LYS A 1 106 ? -32.960 -22.105 0.519   1.00 0.00 ? 106 LYS A N    1 
ATOM 1618 C CA   . LYS A 1 106 ? -34.184 -22.243 -0.319  1.00 0.00 ? 106 LYS A CA   1 
ATOM 1619 C C    . LYS A 1 106 ? -35.394 -22.498 0.584   1.00 0.00 ? 106 LYS A C    1 
ATOM 1620 O O    . LYS A 1 106 ? -35.263 -23.284 1.507   1.00 0.00 ? 106 LYS A O    1 
ATOM 1621 C CB   . LYS A 1 106 ? -34.012 -23.417 -1.284  1.00 0.00 ? 106 LYS A CB   1 
ATOM 1622 C CG   . LYS A 1 106 ? -33.906 -22.890 -2.717  1.00 0.00 ? 106 LYS A CG   1 
ATOM 1623 C CD   . LYS A 1 106 ? -32.654 -23.464 -3.381  1.00 0.00 ? 106 LYS A CD   1 
ATOM 1624 C CE   . LYS A 1 106 ? -33.055 -24.569 -4.360  1.00 0.00 ? 106 LYS A CE   1 
ATOM 1625 N NZ   . LYS A 1 106 ? -33.482 -25.776 -3.597  1.00 0.00 ? 106 LYS A NZ   1 
ATOM 1626 O OXT  . LYS A 1 106 ? -36.429 -21.903 0.335   1.00 0.00 ? 106 LYS A OXT  1 
ATOM 1627 H H    . LYS A 1 106 ? -32.153 -22.612 0.294   1.00 0.00 ? 106 LYS A H    1 
ATOM 1628 H HA   . LYS A 1 106 ? -34.340 -21.334 -0.881  1.00 0.00 ? 106 LYS A HA   1 
ATOM 1629 H HB2  . LYS A 1 106 ? -33.112 -23.961 -1.033  1.00 0.00 ? 106 LYS A HB2  1 
ATOM 1630 H HB3  . LYS A 1 106 ? -34.864 -24.076 -1.206  1.00 0.00 ? 106 LYS A HB3  1 
ATOM 1631 H HG2  . LYS A 1 106 ? -34.782 -23.191 -3.275  1.00 0.00 ? 106 LYS A HG2  1 
ATOM 1632 H HG3  . LYS A 1 106 ? -33.842 -21.813 -2.700  1.00 0.00 ? 106 LYS A HG3  1 
ATOM 1633 H HD2  . LYS A 1 106 ? -32.140 -22.679 -3.917  1.00 0.00 ? 106 LYS A HD2  1 
ATOM 1634 H HD3  . LYS A 1 106 ? -32.000 -23.874 -2.626  1.00 0.00 ? 106 LYS A HD3  1 
ATOM 1635 H HE2  . LYS A 1 106 ? -33.873 -24.226 -4.976  1.00 0.00 ? 106 LYS A HE2  1 
ATOM 1636 H HE3  . LYS A 1 106 ? -32.213 -24.819 -4.987  1.00 0.00 ? 106 LYS A HE3  1 
ATOM 1637 H HZ1  . LYS A 1 106 ? -32.879 -25.888 -2.757  1.00 0.00 ? 106 LYS A HZ1  1 
ATOM 1638 H HZ2  . LYS A 1 106 ? -34.471 -25.666 -3.297  1.00 0.00 ? 106 LYS A HZ2  1 
ATOM 1639 H HZ3  . LYS A 1 106 ? -33.393 -26.618 -4.203  1.00 0.00 ? 106 LYS A HZ3  1 
# 
